data_6HSH
#
_entry.id   6HSH
#
_cell.length_a   70.750
_cell.length_b   70.800
_cell.length_c   97.820
_cell.angle_alpha   78.03
_cell.angle_beta   75.67
_cell.angle_gamma   85.74
#
_symmetry.space_group_name_H-M   'P 1'
#
loop_
_entity.id
_entity.type
_entity.pdbx_description
1 polymer 'Histone deacetylase'
2 non-polymer 'ZINC ION'
3 non-polymer 'POTASSIUM ION'
4 non-polymer 2-[4-[[(1-methylindol-3-yl)methylamino]methyl]piperidin-1-yl]-~{N}-oxidanyl-pyrimidine-5-carboxamide
5 non-polymer DIMETHYLFORMAMIDE
6 non-polymer GLYCEROL
7 water water
#
_entity_poly.entity_id   1
_entity_poly.type   'polypeptide(L)'
_entity_poly.pdbx_seq_one_letter_code
;HMSVGIVYGDQYRQLCCSSPKFGDRYALVMDLINAYKLIPELSRVPPLQWDSPSRMYEAVTAFHSTEYVDALKKLQMLHC
EEKELTADDELLMDSFSLNYDCPGFPSVFDYSLAAVQGSLAAASALICRHCEVVINWGGGWHHAKRSEASGFCYLNDIVL
AIHRLVSSTPPETSPNRQTRVLYVDLDLHHGDGVEEAFWYSPRVVTFSVHHASPGFFPGTGTWNMVDNDKLPIFLNGAGR
GRFSAFNLPLEEGINDLDWSNAIGPILDSLNIVIQPSYVVVQCGADCLATDPHRIFRLTNFYPNLNLDSDCDSECSLSGY
LYAIKKILSWKVPTLILGGGGYNFPDTARLWTRVTALTIEEVKGKKMTISPEIPEHSYFSRYGPDFELDIDYFPHESHNK
TLDSIQKHHRRILEQLRNYADLNKLIYDYDQVYQLYNLTGMGSLVPR
;
_entity_poly.pdbx_strand_id   A,B,C,D
#
# COMPACT_ATOMS: atom_id res chain seq x y z
N SER A 3 0.75 11.01 -35.68
CA SER A 3 -0.60 11.01 -36.21
C SER A 3 -1.56 11.79 -35.30
N VAL A 4 -2.84 11.82 -35.68
CA VAL A 4 -3.90 12.29 -34.80
C VAL A 4 -4.66 11.05 -34.32
N GLY A 5 -4.75 10.88 -33.00
CA GLY A 5 -5.51 9.80 -32.42
C GLY A 5 -6.89 10.20 -31.94
N ILE A 6 -7.80 9.23 -31.84
CA ILE A 6 -9.13 9.47 -31.31
C ILE A 6 -9.55 8.24 -30.54
N VAL A 7 -10.10 8.45 -29.34
CA VAL A 7 -10.46 7.31 -28.49
C VAL A 7 -11.84 6.81 -28.90
N TYR A 8 -11.93 5.53 -29.26
CA TYR A 8 -13.25 4.91 -29.40
C TYR A 8 -13.12 3.39 -29.35
N GLY A 9 -14.27 2.74 -29.38
CA GLY A 9 -14.38 1.29 -29.28
C GLY A 9 -15.82 0.93 -29.05
N ASP A 10 -16.22 -0.30 -29.37
CA ASP A 10 -17.63 -0.66 -29.28
C ASP A 10 -18.12 -0.61 -27.83
N GLN A 11 -17.39 -1.20 -26.91
CA GLN A 11 -17.84 -1.16 -25.53
C GLN A 11 -17.76 0.26 -24.97
N TYR A 12 -16.71 0.98 -25.34
CA TYR A 12 -16.58 2.36 -24.91
C TYR A 12 -17.79 3.17 -25.33
N ARG A 13 -18.22 3.00 -26.57
CA ARG A 13 -19.39 3.70 -27.07
C ARG A 13 -20.63 3.34 -26.25
N GLN A 14 -20.83 2.04 -26.00
CA GLN A 14 -21.99 1.62 -25.22
C GLN A 14 -22.00 2.26 -23.83
N LEU A 15 -20.84 2.28 -23.17
CA LEU A 15 -20.76 2.87 -21.83
C LEU A 15 -20.93 4.39 -21.85
N CYS A 16 -20.30 5.08 -22.82
CA CYS A 16 -20.44 6.53 -22.87
C CYS A 16 -21.87 6.96 -23.21
N CYS A 17 -22.69 6.05 -23.74
CA CYS A 17 -24.09 6.31 -24.05
C CYS A 17 -25.05 5.77 -23.00
N SER A 18 -24.54 5.42 -21.81
CA SER A 18 -25.38 4.76 -20.83
C SER A 18 -25.89 5.68 -19.74
N SER A 19 -25.61 6.99 -19.83
CA SER A 19 -26.03 7.86 -18.73
C SER A 19 -27.37 8.54 -19.06
N PRO A 20 -28.18 8.84 -18.04
CA PRO A 20 -29.45 9.53 -18.33
C PRO A 20 -29.25 10.97 -18.78
N LYS A 21 -28.18 11.63 -18.35
CA LYS A 21 -27.98 13.04 -18.68
C LYS A 21 -27.54 13.22 -20.13
N PHE A 22 -26.60 12.39 -20.60
CA PHE A 22 -26.00 12.62 -21.90
C PHE A 22 -26.46 11.63 -22.95
N GLY A 23 -27.35 10.69 -22.60
CA GLY A 23 -27.98 9.81 -23.55
C GLY A 23 -27.03 9.29 -24.63
N ASP A 24 -27.43 9.40 -25.90
CA ASP A 24 -26.63 8.89 -27.01
C ASP A 24 -25.76 9.97 -27.66
N ARG A 25 -25.44 11.05 -26.94
CA ARG A 25 -24.66 12.14 -27.53
C ARG A 25 -23.36 11.65 -28.17
N TYR A 26 -22.62 10.80 -27.45
CA TYR A 26 -21.32 10.32 -27.93
C TYR A 26 -21.46 9.53 -29.23
N ALA A 27 -22.55 8.78 -29.38
CA ALA A 27 -22.80 8.07 -30.63
C ALA A 27 -23.06 9.03 -31.79
N LEU A 28 -23.83 10.09 -31.57
CA LEU A 28 -24.02 11.07 -32.64
C LEU A 28 -22.69 11.68 -33.05
N VAL A 29 -21.86 12.02 -32.07
CA VAL A 29 -20.57 12.65 -32.34
C VAL A 29 -19.71 11.73 -33.21
N MET A 30 -19.53 10.48 -32.78
CA MET A 30 -18.63 9.59 -33.50
C MET A 30 -19.22 9.16 -34.84
N ASP A 31 -20.55 9.02 -34.94
CA ASP A 31 -21.14 8.65 -36.22
C ASP A 31 -21.15 9.81 -37.21
N LEU A 32 -21.17 11.06 -36.72
CA LEU A 32 -21.03 12.18 -37.64
C LEU A 32 -19.61 12.28 -38.16
N ILE A 33 -18.62 12.08 -37.29
CA ILE A 33 -17.22 12.01 -37.72
C ILE A 33 -17.03 10.91 -38.75
N ASN A 34 -17.65 9.75 -38.52
CA ASN A 34 -17.58 8.63 -39.44
C ASN A 34 -18.28 8.96 -40.76
N ALA A 35 -19.44 9.62 -40.69
CA ALA A 35 -20.19 9.94 -41.89
C ALA A 35 -19.43 10.92 -42.79
N TYR A 36 -18.58 11.76 -42.21
CA TYR A 36 -17.74 12.68 -42.96
C TYR A 36 -16.43 12.05 -43.41
N LYS A 37 -16.28 10.73 -43.24
CA LYS A 37 -15.14 9.97 -43.74
C LYS A 37 -13.83 10.43 -43.09
N LEU A 38 -13.89 10.80 -41.81
CA LEU A 38 -12.68 11.21 -41.09
C LEU A 38 -11.99 10.06 -40.35
N ILE A 39 -12.71 8.97 -40.07
CA ILE A 39 -12.12 7.87 -39.29
C ILE A 39 -10.88 7.30 -39.95
N PRO A 40 -10.82 7.10 -41.28
CA PRO A 40 -9.56 6.62 -41.88
C PRO A 40 -8.36 7.53 -41.69
N GLU A 41 -8.58 8.81 -41.38
CA GLU A 41 -7.47 9.73 -41.14
C GLU A 41 -6.92 9.65 -39.72
N LEU A 42 -7.60 8.95 -38.80
CA LEU A 42 -7.33 9.01 -37.37
C LEU A 42 -6.85 7.65 -36.86
N SER A 43 -5.95 7.67 -35.90
CA SER A 43 -5.47 6.47 -35.22
C SER A 43 -6.41 6.17 -34.05
N ARG A 44 -7.04 4.99 -34.05
CA ARG A 44 -7.90 4.62 -32.93
C ARG A 44 -7.05 4.32 -31.71
N VAL A 45 -7.33 5.03 -30.62
CA VAL A 45 -6.65 4.81 -29.35
C VAL A 45 -7.59 3.99 -28.47
N PRO A 46 -7.26 2.75 -28.14
CA PRO A 46 -8.15 1.92 -27.30
C PRO A 46 -8.17 2.42 -25.87
N PRO A 47 -9.34 2.48 -25.24
CA PRO A 47 -9.40 2.84 -23.81
C PRO A 47 -8.55 1.88 -22.98
N LEU A 48 -7.92 2.43 -21.95
CA LEU A 48 -7.04 1.66 -21.08
C LEU A 48 -7.84 0.62 -20.29
N GLN A 49 -7.36 -0.61 -20.27
CA GLN A 49 -7.90 -1.62 -19.38
C GLN A 49 -6.78 -2.13 -18.49
N TRP A 50 -7.14 -2.69 -17.34
CA TRP A 50 -6.18 -3.04 -16.31
C TRP A 50 -6.08 -4.55 -16.08
N ASP A 51 -4.98 -4.93 -15.44
CA ASP A 51 -4.68 -6.33 -15.13
C ASP A 51 -5.44 -6.85 -13.92
N SER A 52 -6.03 -5.99 -13.12
CA SER A 52 -6.64 -6.41 -11.87
C SER A 52 -7.47 -5.26 -11.33
N PRO A 53 -8.45 -5.57 -10.48
CA PRO A 53 -9.11 -4.53 -9.69
C PRO A 53 -8.11 -3.66 -8.94
N SER A 54 -7.07 -4.26 -8.35
CA SER A 54 -6.11 -3.46 -7.59
C SER A 54 -5.42 -2.42 -8.46
N ARG A 55 -5.05 -2.81 -9.68
CA ARG A 55 -4.41 -1.86 -10.59
C ARG A 55 -5.38 -0.76 -11.00
N MET A 56 -6.64 -1.10 -11.21
CA MET A 56 -7.63 -0.07 -11.54
C MET A 56 -7.76 0.91 -10.40
N TYR A 57 -7.88 0.40 -9.16
CA TYR A 57 -7.99 1.27 -8.00
C TYR A 57 -6.76 2.16 -7.86
N GLU A 58 -5.58 1.60 -8.11
CA GLU A 58 -4.37 2.40 -7.98
C GLU A 58 -4.38 3.57 -8.95
N ALA A 59 -4.92 3.35 -10.15
CA ALA A 59 -4.96 4.40 -11.15
C ALA A 59 -5.96 5.49 -10.78
N VAL A 60 -7.17 5.10 -10.37
CA VAL A 60 -8.19 6.09 -10.10
C VAL A 60 -7.88 6.84 -8.81
N THR A 61 -7.33 6.14 -7.80
CA THR A 61 -7.01 6.80 -6.53
C THR A 61 -5.69 7.57 -6.57
N ALA A 62 -5.04 7.66 -7.73
CA ALA A 62 -4.02 8.69 -7.92
C ALA A 62 -4.59 10.08 -7.68
N PHE A 63 -5.90 10.26 -7.88
CA PHE A 63 -6.57 11.50 -7.52
C PHE A 63 -7.69 11.30 -6.49
N HIS A 64 -8.63 10.38 -6.74
CA HIS A 64 -9.81 10.24 -5.91
C HIS A 64 -9.50 9.43 -4.66
N SER A 65 -10.30 9.65 -3.60
CA SER A 65 -10.10 8.84 -2.39
C SER A 65 -10.64 7.42 -2.57
N THR A 66 -10.04 6.47 -1.86
CA THR A 66 -10.54 5.10 -1.95
C THR A 66 -11.99 5.05 -1.48
N GLU A 67 -12.33 5.82 -0.44
CA GLU A 67 -13.69 5.72 0.08
C GLU A 67 -14.70 6.27 -0.92
N TYR A 68 -14.33 7.31 -1.67
CA TYR A 68 -15.22 7.81 -2.72
C TYR A 68 -15.41 6.79 -3.84
N VAL A 69 -14.31 6.20 -4.32
CA VAL A 69 -14.39 5.16 -5.35
C VAL A 69 -15.23 3.98 -4.87
N ASP A 70 -15.01 3.55 -3.63
CA ASP A 70 -15.84 2.50 -3.03
C ASP A 70 -17.31 2.86 -3.08
N ALA A 71 -17.65 4.11 -2.72
CA ALA A 71 -19.05 4.52 -2.68
C ALA A 71 -19.66 4.57 -4.07
N LEU A 72 -18.88 5.05 -5.05
CA LEU A 72 -19.35 5.11 -6.42
C LEU A 72 -19.63 3.70 -6.96
N LYS A 73 -18.72 2.76 -6.68
CA LYS A 73 -18.95 1.38 -7.09
C LYS A 73 -20.18 0.80 -6.39
N LYS A 74 -20.32 1.05 -5.07
CA LYS A 74 -21.49 0.54 -4.36
C LYS A 74 -22.77 1.14 -4.93
N LEU A 75 -22.73 2.41 -5.32
CA LEU A 75 -23.90 3.06 -5.88
C LEU A 75 -24.38 2.33 -7.13
N GLN A 76 -23.44 1.92 -7.99
CA GLN A 76 -23.81 1.13 -9.17
C GLN A 76 -24.45 -0.20 -8.78
N MET A 77 -23.81 -0.96 -7.88
CA MET A 77 -24.40 -2.20 -7.38
C MET A 77 -25.83 -1.99 -6.89
N LEU A 78 -26.04 -0.96 -6.07
CA LEU A 78 -27.36 -0.74 -5.49
C LEU A 78 -28.39 -0.42 -6.57
N HIS A 79 -27.99 0.28 -7.63
CA HIS A 79 -28.92 0.61 -8.69
C HIS A 79 -29.18 -0.56 -9.64
N CYS A 80 -28.40 -1.64 -9.54
CA CYS A 80 -28.69 -2.86 -10.28
C CYS A 80 -29.57 -3.82 -9.49
N GLU A 81 -30.03 -3.43 -8.30
CA GLU A 81 -31.06 -4.13 -7.55
C GLU A 81 -32.31 -3.28 -7.50
N GLU A 82 -33.46 -3.93 -7.32
CA GLU A 82 -34.72 -3.19 -7.39
C GLU A 82 -35.05 -2.45 -6.10
N LYS A 83 -34.57 -2.95 -4.96
CA LYS A 83 -34.93 -2.39 -3.67
C LYS A 83 -34.40 -0.96 -3.51
N GLU A 84 -35.15 -0.16 -2.76
CA GLU A 84 -34.71 1.19 -2.45
C GLU A 84 -33.44 1.15 -1.61
N LEU A 85 -32.72 2.28 -1.62
CA LEU A 85 -31.58 2.43 -0.73
C LEU A 85 -32.05 2.45 0.72
N THR A 86 -31.21 1.91 1.61
CA THR A 86 -31.42 2.13 3.03
C THR A 86 -31.12 3.58 3.39
N ALA A 87 -31.63 4.02 4.55
CA ALA A 87 -31.33 5.37 5.01
C ALA A 87 -29.84 5.55 5.21
N ASP A 88 -29.17 4.53 5.77
CA ASP A 88 -27.72 4.59 5.95
C ASP A 88 -27.00 4.74 4.62
N ASP A 89 -27.46 4.03 3.60
CA ASP A 89 -26.82 4.16 2.30
C ASP A 89 -27.12 5.50 1.65
N GLU A 90 -28.32 6.05 1.85
CA GLU A 90 -28.60 7.40 1.34
C GLU A 90 -27.65 8.42 1.97
N LEU A 91 -27.44 8.32 3.29
CA LEU A 91 -26.53 9.25 3.97
C LEU A 91 -25.11 9.11 3.45
N LEU A 92 -24.66 7.87 3.26
CA LEU A 92 -23.33 7.64 2.68
C LEU A 92 -23.18 8.34 1.34
N MET A 93 -24.14 8.12 0.44
CA MET A 93 -24.05 8.75 -0.88
C MET A 93 -24.07 10.27 -0.77
N ASP A 94 -24.91 10.80 0.12
CA ASP A 94 -24.97 12.23 0.32
C ASP A 94 -23.62 12.78 0.77
N SER A 95 -22.84 12.01 1.54
CA SER A 95 -21.55 12.53 2.03
C SER A 95 -20.51 12.71 0.92
N PHE A 96 -20.75 12.13 -0.26
CA PHE A 96 -19.90 12.31 -1.44
C PHE A 96 -20.61 13.08 -2.55
N SER A 97 -21.76 13.70 -2.24
CA SER A 97 -22.58 14.43 -3.21
C SER A 97 -23.04 13.54 -4.36
N LEU A 98 -23.21 12.25 -4.11
CA LEU A 98 -23.78 11.34 -5.10
C LEU A 98 -25.29 11.39 -4.98
N ASN A 99 -25.85 12.48 -5.47
CA ASN A 99 -27.30 12.70 -5.36
C ASN A 99 -27.70 13.83 -6.28
N TYR A 100 -29.00 14.15 -6.25
CA TYR A 100 -29.60 15.22 -7.04
C TYR A 100 -28.98 15.33 -8.43
N ASP A 101 -27.93 16.13 -8.53
CA ASP A 101 -27.31 16.42 -9.81
C ASP A 101 -26.39 15.32 -10.29
N CYS A 102 -25.94 14.45 -9.39
CA CYS A 102 -25.08 13.33 -9.75
C CYS A 102 -25.67 12.05 -9.19
N PRO A 103 -26.83 11.63 -9.67
CA PRO A 103 -27.52 10.49 -9.07
C PRO A 103 -26.92 9.17 -9.53
N GLY A 104 -27.36 8.10 -8.87
CA GLY A 104 -27.05 6.77 -9.33
C GLY A 104 -27.84 6.37 -10.55
N PHE A 105 -27.26 5.43 -11.29
CA PHE A 105 -27.96 4.68 -12.32
C PHE A 105 -27.20 3.36 -12.52
N PRO A 106 -27.80 2.39 -13.23
CA PRO A 106 -27.24 1.03 -13.19
C PRO A 106 -25.81 0.90 -13.69
N SER A 107 -25.33 1.83 -14.52
CA SER A 107 -23.94 1.76 -15.00
C SER A 107 -23.10 2.95 -14.55
N VAL A 108 -23.46 3.61 -13.44
CA VAL A 108 -22.80 4.87 -13.09
C VAL A 108 -21.30 4.70 -12.93
N PHE A 109 -20.85 3.58 -12.35
CA PHE A 109 -19.40 3.41 -12.18
C PHE A 109 -18.72 3.10 -13.51
N ASP A 110 -19.27 2.17 -14.29
CA ASP A 110 -18.62 1.84 -15.57
C ASP A 110 -18.61 3.02 -16.51
N TYR A 111 -19.69 3.82 -16.51
CA TYR A 111 -19.76 5.03 -17.32
C TYR A 111 -18.66 6.02 -16.93
N SER A 112 -18.53 6.31 -15.62
CA SER A 112 -17.56 7.27 -15.15
C SER A 112 -16.13 6.76 -15.37
N LEU A 113 -15.93 5.48 -15.07
CA LEU A 113 -14.62 4.88 -15.29
C LEU A 113 -14.24 4.90 -16.75
N ALA A 114 -15.21 4.72 -17.65
CA ALA A 114 -14.85 4.66 -19.07
C ALA A 114 -14.15 5.95 -19.53
N ALA A 115 -14.63 7.12 -19.09
CA ALA A 115 -13.97 8.36 -19.47
C ALA A 115 -12.52 8.40 -18.96
N VAL A 116 -12.29 7.92 -17.73
CA VAL A 116 -10.92 7.80 -17.22
C VAL A 116 -10.09 6.87 -18.11
N GLN A 117 -10.66 5.72 -18.49
CA GLN A 117 -9.95 4.79 -19.36
C GLN A 117 -9.55 5.44 -20.67
N GLY A 118 -10.47 6.19 -21.28
CA GLY A 118 -10.15 6.86 -22.53
C GLY A 118 -9.11 7.96 -22.39
N SER A 119 -9.24 8.80 -21.35
CA SER A 119 -8.27 9.90 -21.27
C SER A 119 -6.90 9.44 -20.81
N LEU A 120 -6.80 8.41 -19.98
CA LEU A 120 -5.47 7.89 -19.62
C LEU A 120 -4.78 7.25 -20.82
N ALA A 121 -5.53 6.49 -21.62
CA ALA A 121 -4.96 5.93 -22.84
C ALA A 121 -4.49 7.03 -23.79
N ALA A 122 -5.27 8.12 -23.88
CA ALA A 122 -4.90 9.24 -24.73
C ALA A 122 -3.60 9.89 -24.25
N ALA A 123 -3.48 10.10 -22.92
CA ALA A 123 -2.22 10.63 -22.39
C ALA A 123 -1.05 9.73 -22.76
N SER A 124 -1.22 8.41 -22.57
CA SER A 124 -0.13 7.48 -22.87
CA SER A 124 -0.15 7.47 -22.86
C SER A 124 0.29 7.56 -24.33
N ALA A 125 -0.68 7.69 -25.24
CA ALA A 125 -0.36 7.80 -26.67
C ALA A 125 0.48 9.03 -26.95
N LEU A 126 0.26 10.11 -26.21
CA LEU A 126 1.11 11.29 -26.36
C LEU A 126 2.49 11.06 -25.78
N ILE A 127 2.56 10.44 -24.59
CA ILE A 127 3.82 10.25 -23.90
C ILE A 127 4.76 9.38 -24.71
N CYS A 128 4.26 8.30 -25.28
CA CYS A 128 5.07 7.40 -26.09
CA CYS A 128 5.10 7.42 -26.08
C CYS A 128 5.31 7.94 -27.50
N ARG A 129 4.74 9.09 -27.83
CA ARG A 129 4.90 9.77 -29.11
C ARG A 129 4.19 9.06 -30.26
N HIS A 130 3.24 8.14 -29.99
CA HIS A 130 2.52 7.54 -31.10
C HIS A 130 1.63 8.55 -31.81
N CYS A 131 1.08 9.50 -31.07
CA CYS A 131 0.23 10.54 -31.64
C CYS A 131 0.77 11.88 -31.20
N GLU A 132 0.67 12.87 -32.10
CA GLU A 132 0.96 14.26 -31.75
C GLU A 132 -0.23 14.92 -31.06
N VAL A 133 -1.44 14.53 -31.42
CA VAL A 133 -2.66 15.02 -30.80
C VAL A 133 -3.58 13.82 -30.61
N VAL A 134 -4.29 13.77 -29.48
CA VAL A 134 -5.30 12.75 -29.28
C VAL A 134 -6.60 13.42 -28.85
N ILE A 135 -7.71 12.95 -29.43
CA ILE A 135 -9.06 13.44 -29.14
C ILE A 135 -9.83 12.39 -28.34
N ASN A 136 -10.53 12.82 -27.29
CA ASN A 136 -11.44 11.95 -26.54
C ASN A 136 -12.76 12.66 -26.33
N TRP A 137 -13.73 12.42 -27.22
CA TRP A 137 -15.02 13.08 -27.02
C TRP A 137 -15.88 12.40 -25.96
N GLY A 138 -15.39 11.35 -25.30
CA GLY A 138 -16.10 10.77 -24.18
C GLY A 138 -15.57 11.24 -22.85
N GLY A 139 -14.57 12.13 -22.85
CA GLY A 139 -13.98 12.66 -21.63
C GLY A 139 -14.19 14.17 -21.49
N GLY A 140 -13.57 14.72 -20.42
CA GLY A 140 -13.62 16.15 -20.17
C GLY A 140 -14.44 16.52 -18.95
N TRP A 141 -14.48 15.66 -17.93
CA TRP A 141 -15.42 15.85 -16.81
C TRP A 141 -14.73 16.63 -15.69
N HIS A 142 -14.70 17.97 -15.89
CA HIS A 142 -13.79 18.84 -15.15
C HIS A 142 -14.26 19.20 -13.74
N HIS A 143 -15.49 18.88 -13.35
CA HIS A 143 -16.02 19.29 -12.05
C HIS A 143 -15.77 18.31 -10.91
N ALA A 144 -15.51 17.03 -11.19
CA ALA A 144 -15.39 16.06 -10.10
C ALA A 144 -14.17 16.38 -9.24
N LYS A 145 -14.33 16.19 -7.94
CA LYS A 145 -13.30 16.45 -6.94
C LYS A 145 -12.81 15.15 -6.31
N ARG A 146 -11.78 15.27 -5.48
CA ARG A 146 -11.15 14.09 -4.89
C ARG A 146 -12.18 13.14 -4.26
N SER A 147 -13.11 13.67 -3.46
CA SER A 147 -14.13 12.83 -2.81
C SER A 147 -15.53 13.37 -3.04
N GLU A 148 -15.80 13.94 -4.21
CA GLU A 148 -17.10 14.59 -4.43
C GLU A 148 -17.47 14.59 -5.90
N ALA A 149 -18.65 14.06 -6.22
CA ALA A 149 -19.22 14.24 -7.54
C ALA A 149 -19.81 15.63 -7.66
N SER A 150 -19.79 16.19 -8.86
CA SER A 150 -20.27 17.56 -9.02
C SER A 150 -20.61 17.83 -10.47
N GLY A 151 -21.70 18.56 -10.70
CA GLY A 151 -21.96 19.05 -12.05
C GLY A 151 -22.04 17.98 -13.12
N PHE A 152 -22.68 16.85 -12.81
CA PHE A 152 -22.81 15.69 -13.69
C PHE A 152 -21.48 14.95 -13.90
N CYS A 153 -20.44 15.25 -13.12
CA CYS A 153 -19.13 14.63 -13.26
C CYS A 153 -18.87 13.75 -12.06
N TYR A 154 -18.48 12.49 -12.28
CA TYR A 154 -18.25 11.59 -11.16
C TYR A 154 -16.78 11.29 -10.92
N LEU A 155 -16.01 11.09 -11.98
CA LEU A 155 -14.57 10.89 -11.87
C LEU A 155 -13.86 11.87 -12.79
N ASN A 156 -12.77 12.46 -12.31
CA ASN A 156 -12.11 13.52 -13.08
C ASN A 156 -11.04 12.90 -13.98
N ASP A 157 -11.46 12.50 -15.18
CA ASP A 157 -10.53 11.96 -16.18
C ASP A 157 -9.45 12.98 -16.55
N ILE A 158 -9.78 14.28 -16.50
CA ILE A 158 -8.81 15.29 -16.89
C ILE A 158 -7.67 15.34 -15.90
N VAL A 159 -8.00 15.42 -14.62
CA VAL A 159 -6.95 15.46 -13.59
C VAL A 159 -6.06 14.23 -13.70
N LEU A 160 -6.67 13.06 -13.88
CA LEU A 160 -5.88 11.83 -13.95
C LEU A 160 -4.99 11.82 -15.20
N ALA A 161 -5.51 12.27 -16.33
CA ALA A 161 -4.70 12.37 -17.55
C ALA A 161 -3.54 13.33 -17.35
N ILE A 162 -3.81 14.52 -16.79
CA ILE A 162 -2.76 15.50 -16.58
C ILE A 162 -1.72 14.95 -15.62
N HIS A 163 -2.16 14.28 -14.56
CA HIS A 163 -1.20 13.69 -13.62
C HIS A 163 -0.25 12.73 -14.34
N ARG A 164 -0.79 11.93 -15.25
CA ARG A 164 0.06 11.01 -15.99
C ARG A 164 1.04 11.76 -16.89
N LEU A 165 0.58 12.85 -17.50
CA LEU A 165 1.47 13.65 -18.34
C LEU A 165 2.58 14.30 -17.54
N VAL A 166 2.26 14.96 -16.42
CA VAL A 166 3.30 15.71 -15.71
C VAL A 166 4.31 14.78 -15.09
N SER A 167 3.87 13.57 -14.74
CA SER A 167 4.74 12.60 -14.09
C SER A 167 5.62 11.88 -15.08
N SER A 168 5.44 12.13 -16.37
CA SER A 168 6.29 11.64 -17.44
C SER A 168 7.45 12.62 -17.67
N THR A 169 8.50 12.13 -18.31
CA THR A 169 9.68 12.96 -18.51
C THR A 169 10.12 13.00 -19.98
N GLN A 178 12.14 20.07 -16.87
CA GLN A 178 10.96 19.73 -16.09
C GLN A 178 9.69 19.85 -16.91
N THR A 179 8.81 18.86 -16.74
CA THR A 179 7.58 18.77 -17.51
C THR A 179 6.56 19.77 -16.97
N ARG A 180 6.02 20.62 -17.86
CA ARG A 180 4.94 21.51 -17.51
C ARG A 180 3.77 21.23 -18.44
N VAL A 181 2.56 21.26 -17.89
CA VAL A 181 1.34 21.10 -18.67
C VAL A 181 0.56 22.41 -18.60
N LEU A 182 0.04 22.84 -19.74
CA LEU A 182 -0.92 23.94 -19.79
C LEU A 182 -2.31 23.35 -20.05
N TYR A 183 -3.25 23.65 -19.15
CA TYR A 183 -4.64 23.21 -19.27
C TYR A 183 -5.50 24.39 -19.67
N VAL A 184 -6.25 24.24 -20.76
CA VAL A 184 -7.13 25.28 -21.28
C VAL A 184 -8.56 24.73 -21.25
N ASP A 185 -9.46 25.45 -20.57
CA ASP A 185 -10.82 24.93 -20.33
C ASP A 185 -11.79 25.88 -21.05
N LEU A 186 -12.32 25.44 -22.21
CA LEU A 186 -13.17 26.27 -23.05
C LEU A 186 -14.66 26.11 -22.73
N ASP A 187 -15.01 25.25 -21.78
CA ASP A 187 -16.39 25.03 -21.39
C ASP A 187 -17.09 26.32 -20.96
N LEU A 188 -18.43 26.35 -21.08
CA LEU A 188 -19.19 27.46 -20.54
C LEU A 188 -18.96 27.65 -19.04
N HIS A 189 -18.69 26.57 -18.32
CA HIS A 189 -18.57 26.66 -16.88
C HIS A 189 -17.10 26.62 -16.44
N HIS A 190 -16.87 27.18 -15.25
CA HIS A 190 -15.53 27.20 -14.67
C HIS A 190 -15.02 25.79 -14.41
N GLY A 191 -13.78 25.50 -14.88
CA GLY A 191 -13.14 24.21 -14.64
C GLY A 191 -12.60 24.09 -13.23
N ASP A 192 -13.51 24.05 -12.24
CA ASP A 192 -13.11 24.13 -10.83
C ASP A 192 -12.40 22.88 -10.33
N GLY A 193 -12.83 21.69 -10.74
CA GLY A 193 -12.20 20.48 -10.23
C GLY A 193 -10.73 20.39 -10.63
N VAL A 194 -10.42 20.69 -11.88
CA VAL A 194 -9.03 20.62 -12.36
C VAL A 194 -8.19 21.72 -11.72
N GLU A 195 -8.76 22.93 -11.63
CA GLU A 195 -8.05 24.03 -10.98
C GLU A 195 -7.70 23.69 -9.53
N GLU A 196 -8.67 23.15 -8.79
CA GLU A 196 -8.45 22.76 -7.40
C GLU A 196 -7.39 21.67 -7.27
N ALA A 197 -7.46 20.66 -8.13
CA ALA A 197 -6.50 19.56 -8.01
C ALA A 197 -5.06 20.05 -8.13
N PHE A 198 -4.82 21.11 -8.89
CA PHE A 198 -3.47 21.56 -9.17
C PHE A 198 -3.19 22.92 -8.55
N TRP A 199 -3.99 23.30 -7.55
CA TRP A 199 -3.89 24.61 -6.92
C TRP A 199 -2.49 24.89 -6.39
N TYR A 200 -1.81 23.84 -5.90
CA TYR A 200 -0.49 24.00 -5.28
C TYR A 200 0.65 23.61 -6.19
N SER A 201 0.38 23.34 -7.48
CA SER A 201 1.39 22.83 -8.41
CA SER A 201 1.40 22.85 -8.38
C SER A 201 1.72 23.88 -9.45
N PRO A 202 2.93 24.42 -9.48
CA PRO A 202 3.32 25.32 -10.57
C PRO A 202 3.52 24.61 -11.91
N ARG A 203 3.64 23.27 -11.93
CA ARG A 203 3.95 22.61 -13.18
C ARG A 203 2.72 22.36 -14.03
N VAL A 204 1.53 22.47 -13.48
CA VAL A 204 0.29 22.43 -14.25
C VAL A 204 -0.35 23.80 -14.13
N VAL A 205 -0.30 24.58 -15.21
CA VAL A 205 -0.94 25.89 -15.23
C VAL A 205 -2.32 25.72 -15.82
N THR A 206 -3.35 26.17 -15.11
CA THR A 206 -4.71 26.00 -15.56
C THR A 206 -5.26 27.35 -16.00
N PHE A 207 -6.05 27.34 -17.07
CA PHE A 207 -6.66 28.55 -17.60
C PHE A 207 -8.09 28.22 -18.02
N SER A 208 -9.08 28.83 -17.37
CA SER A 208 -10.48 28.61 -17.71
C SER A 208 -11.08 29.93 -18.17
N VAL A 209 -11.77 29.91 -19.31
CA VAL A 209 -12.64 31.00 -19.72
C VAL A 209 -14.09 30.49 -19.61
N HIS A 210 -14.98 31.32 -19.09
CA HIS A 210 -16.30 30.78 -18.73
C HIS A 210 -17.23 31.95 -18.43
N HIS A 211 -18.53 31.64 -18.35
CA HIS A 211 -19.45 32.60 -17.74
C HIS A 211 -19.40 32.48 -16.24
N ALA A 212 -19.48 33.62 -15.56
CA ALA A 212 -19.74 33.62 -14.12
C ALA A 212 -20.70 34.76 -13.78
N SER A 213 -21.63 34.47 -12.88
CA SER A 213 -22.61 35.45 -12.44
C SER A 213 -23.32 34.89 -11.18
N PRO A 214 -24.01 35.72 -10.41
CA PRO A 214 -24.55 35.25 -9.13
C PRO A 214 -25.52 34.10 -9.32
N GLY A 215 -25.28 33.00 -8.61
CA GLY A 215 -26.10 31.80 -8.66
C GLY A 215 -25.79 30.85 -9.79
N PHE A 216 -24.90 31.22 -10.71
CA PHE A 216 -24.54 30.39 -11.86
C PHE A 216 -23.49 29.36 -11.45
N PHE A 217 -23.69 28.11 -11.84
CA PHE A 217 -22.78 27.01 -11.49
C PHE A 217 -21.36 27.16 -12.08
N PRO A 218 -20.30 26.80 -11.31
CA PRO A 218 -20.27 26.33 -9.91
C PRO A 218 -20.05 27.47 -8.93
N GLY A 219 -19.77 28.67 -9.46
CA GLY A 219 -19.67 29.87 -8.65
C GLY A 219 -18.27 30.45 -8.57
N THR A 220 -17.25 29.66 -8.86
CA THR A 220 -15.84 30.03 -8.77
C THR A 220 -15.34 30.58 -10.11
N GLY A 221 -14.04 30.83 -10.21
CA GLY A 221 -13.48 31.40 -11.43
C GLY A 221 -13.71 32.88 -11.58
N THR A 222 -13.93 33.60 -10.48
CA THR A 222 -14.24 35.01 -10.56
C THR A 222 -13.83 35.69 -9.26
N TRP A 223 -14.16 36.99 -9.16
CA TRP A 223 -13.77 37.78 -7.99
C TRP A 223 -14.27 37.11 -6.73
N ASN A 224 -13.46 37.19 -5.67
CA ASN A 224 -13.66 36.39 -4.47
C ASN A 224 -13.79 37.26 -3.22
N ILE A 233 -11.00 40.14 -4.67
CA ILE A 233 -9.82 39.83 -5.49
C ILE A 233 -9.92 38.46 -6.14
N PHE A 234 -9.02 38.21 -7.08
CA PHE A 234 -8.91 36.92 -7.73
C PHE A 234 -7.90 36.04 -7.00
N LEU A 235 -8.36 34.93 -6.43
CA LEU A 235 -7.44 33.89 -5.99
C LEU A 235 -6.82 33.20 -7.21
N ASN A 236 -5.58 32.73 -7.07
CA ASN A 236 -4.88 32.25 -8.26
C ASN A 236 -3.85 31.15 -7.96
N GLY A 237 -4.05 30.37 -6.90
CA GLY A 237 -3.12 29.35 -6.48
C GLY A 237 -2.53 29.65 -5.11
N ALA A 238 -1.80 28.66 -4.58
CA ALA A 238 -1.23 28.80 -3.25
C ALA A 238 0.05 27.98 -3.13
N GLY A 239 0.85 28.34 -2.13
CA GLY A 239 2.17 27.72 -1.99
C GLY A 239 3.03 27.95 -3.22
N ARG A 240 3.71 26.89 -3.64
CA ARG A 240 4.49 26.99 -4.86
C ARG A 240 3.62 27.12 -6.11
N GLY A 241 2.31 26.88 -5.99
CA GLY A 241 1.38 27.13 -7.07
C GLY A 241 0.79 28.52 -7.14
N ARG A 242 1.26 29.47 -6.33
CA ARG A 242 0.74 30.83 -6.41
C ARG A 242 0.90 31.36 -7.84
N PHE A 243 -0.15 32.04 -8.33
CA PHE A 243 -0.20 32.66 -9.66
C PHE A 243 -0.34 31.65 -10.78
N SER A 244 -0.53 30.37 -10.47
CA SER A 244 -0.57 29.36 -11.51
C SER A 244 -1.97 28.97 -11.94
N ALA A 245 -3.00 29.62 -11.42
CA ALA A 245 -4.38 29.33 -11.78
C ALA A 245 -4.99 30.59 -12.37
N PHE A 246 -5.34 30.54 -13.67
CA PHE A 246 -5.80 31.69 -14.44
C PHE A 246 -7.28 31.56 -14.78
N ASN A 247 -8.00 32.67 -14.71
CA ASN A 247 -9.43 32.66 -14.98
C ASN A 247 -9.84 33.91 -15.74
N LEU A 248 -10.74 33.74 -16.70
CA LEU A 248 -11.34 34.85 -17.45
C LEU A 248 -12.86 34.69 -17.45
N PRO A 249 -13.57 35.34 -16.54
CA PRO A 249 -15.04 35.30 -16.58
C PRO A 249 -15.58 36.35 -17.54
N LEU A 250 -16.59 35.95 -18.31
CA LEU A 250 -17.13 36.76 -19.39
C LEU A 250 -18.64 36.90 -19.25
N GLU A 251 -19.17 38.01 -19.73
CA GLU A 251 -20.59 38.28 -19.56
C GLU A 251 -21.42 37.51 -20.58
N GLU A 252 -22.69 37.28 -20.24
CA GLU A 252 -23.52 36.54 -21.17
C GLU A 252 -23.73 37.34 -22.45
N GLY A 253 -23.94 36.61 -23.54
CA GLY A 253 -24.17 37.21 -24.84
C GLY A 253 -22.96 37.35 -25.74
N ILE A 254 -21.76 36.96 -25.30
CA ILE A 254 -20.56 37.24 -26.09
C ILE A 254 -20.56 36.40 -27.38
N ASN A 255 -20.10 37.01 -28.48
CA ASN A 255 -20.09 36.35 -29.78
C ASN A 255 -18.70 35.78 -30.08
N ASP A 256 -18.59 35.15 -31.25
CA ASP A 256 -17.34 34.49 -31.66
C ASP A 256 -16.17 35.45 -31.61
N LEU A 257 -16.31 36.61 -32.23
CA LEU A 257 -15.18 37.54 -32.40
C LEU A 257 -14.72 38.09 -31.05
N ASP A 258 -15.67 38.54 -30.23
CA ASP A 258 -15.27 39.14 -28.95
C ASP A 258 -14.68 38.09 -28.02
N TRP A 259 -15.20 36.86 -28.05
CA TRP A 259 -14.62 35.80 -27.23
C TRP A 259 -13.23 35.43 -27.73
N SER A 260 -13.04 35.39 -29.05
CA SER A 260 -11.72 35.10 -29.63
C SER A 260 -10.71 36.18 -29.27
N ASN A 261 -11.09 37.44 -29.44
CA ASN A 261 -10.19 38.52 -29.07
C ASN A 261 -9.93 38.51 -27.56
N ALA A 262 -10.89 38.05 -26.76
CA ALA A 262 -10.66 38.02 -25.32
C ALA A 262 -9.64 36.96 -24.94
N ILE A 263 -9.71 35.79 -25.58
CA ILE A 263 -8.86 34.66 -25.17
C ILE A 263 -7.54 34.60 -25.94
N GLY A 264 -7.48 35.13 -27.16
CA GLY A 264 -6.33 34.95 -28.03
C GLY A 264 -4.97 35.38 -27.47
N PRO A 265 -4.84 36.65 -27.07
CA PRO A 265 -3.57 37.09 -26.49
C PRO A 265 -3.20 36.37 -25.20
N ILE A 266 -4.19 35.94 -24.42
CA ILE A 266 -3.89 35.20 -23.19
C ILE A 266 -3.27 33.86 -23.54
N LEU A 267 -3.86 33.14 -24.50
CA LEU A 267 -3.31 31.86 -24.92
C LEU A 267 -1.90 32.00 -25.44
N ASP A 268 -1.67 32.96 -26.33
CA ASP A 268 -0.34 33.16 -26.88
C ASP A 268 0.68 33.49 -25.80
N SER A 269 0.31 34.35 -24.85
CA SER A 269 1.26 34.72 -23.81
C SER A 269 1.53 33.55 -22.87
N LEU A 270 0.51 32.73 -22.56
CA LEU A 270 0.74 31.56 -21.72
C LEU A 270 1.74 30.61 -22.38
N ASN A 271 1.59 30.36 -23.67
CA ASN A 271 2.52 29.48 -24.37
C ASN A 271 3.94 30.03 -24.34
N ILE A 272 4.09 31.32 -24.65
CA ILE A 272 5.42 31.94 -24.67
C ILE A 272 6.11 31.81 -23.31
N VAL A 273 5.39 32.10 -22.23
CA VAL A 273 6.02 32.15 -20.92
C VAL A 273 6.17 30.75 -20.33
N ILE A 274 5.14 29.92 -20.44
CA ILE A 274 5.19 28.63 -19.75
C ILE A 274 6.00 27.61 -20.56
N GLN A 275 6.02 27.74 -21.88
CA GLN A 275 6.64 26.76 -22.77
C GLN A 275 6.23 25.33 -22.40
N PRO A 276 4.93 25.00 -22.47
CA PRO A 276 4.45 23.70 -21.97
C PRO A 276 4.98 22.51 -22.75
N SER A 277 5.19 21.41 -22.04
CA SER A 277 5.51 20.13 -22.67
C SER A 277 4.28 19.48 -23.28
N TYR A 278 3.11 19.72 -22.71
CA TYR A 278 1.85 19.21 -23.20
C TYR A 278 0.79 20.28 -22.99
N VAL A 279 -0.22 20.27 -23.87
CA VAL A 279 -1.42 21.06 -23.67
C VAL A 279 -2.60 20.09 -23.56
N VAL A 280 -3.50 20.37 -22.63
CA VAL A 280 -4.76 19.63 -22.49
C VAL A 280 -5.86 20.66 -22.63
N VAL A 281 -6.76 20.46 -23.59
CA VAL A 281 -7.86 21.38 -23.86
C VAL A 281 -9.18 20.70 -23.55
N GLN A 282 -10.02 21.35 -22.74
CA GLN A 282 -11.39 20.91 -22.53
C GLN A 282 -12.26 21.74 -23.46
N CYS A 283 -13.07 21.08 -24.28
CA CYS A 283 -13.80 21.73 -25.36
CA CYS A 283 -13.81 21.70 -25.37
C CYS A 283 -15.31 21.54 -25.19
N GLY A 284 -15.80 21.69 -23.97
CA GLY A 284 -17.24 21.63 -23.69
C GLY A 284 -17.99 22.53 -24.65
N ALA A 285 -19.09 22.01 -25.20
CA ALA A 285 -19.79 22.66 -26.31
C ALA A 285 -20.95 23.52 -25.85
N ASP A 286 -21.06 23.81 -24.54
CA ASP A 286 -22.20 24.56 -24.05
C ASP A 286 -22.06 26.07 -24.21
N CYS A 287 -20.97 26.55 -24.84
CA CYS A 287 -20.90 27.94 -25.27
C CYS A 287 -21.61 28.21 -26.58
N LEU A 288 -22.05 27.16 -27.30
CA LEU A 288 -22.77 27.37 -28.55
C LEU A 288 -24.02 28.21 -28.33
N ALA A 289 -24.30 29.07 -29.31
CA ALA A 289 -25.50 29.91 -29.26
C ALA A 289 -26.77 29.07 -29.17
N THR A 290 -26.72 27.82 -29.65
CA THR A 290 -27.87 26.92 -29.68
C THR A 290 -27.90 25.92 -28.54
N ASP A 291 -26.94 25.96 -27.62
CA ASP A 291 -27.08 25.18 -26.41
C ASP A 291 -28.33 25.63 -25.65
N PRO A 292 -29.06 24.71 -24.99
CA PRO A 292 -30.22 25.15 -24.21
C PRO A 292 -29.86 26.12 -23.09
N HIS A 293 -28.62 26.14 -22.61
CA HIS A 293 -28.18 27.21 -21.71
C HIS A 293 -28.41 28.58 -22.33
N ARG A 294 -28.05 28.73 -23.60
CA ARG A 294 -28.08 30.02 -24.28
C ARG A 294 -27.51 31.13 -23.41
N ILE A 295 -26.23 30.98 -23.07
CA ILE A 295 -25.47 32.01 -22.35
C ILE A 295 -24.54 32.75 -23.28
N PHE A 296 -23.61 32.04 -23.92
CA PHE A 296 -22.74 32.61 -24.94
C PHE A 296 -23.36 32.38 -26.34
N ARG A 297 -22.78 33.04 -27.34
CA ARG A 297 -23.28 32.97 -28.72
C ARG A 297 -22.18 32.50 -29.68
N LEU A 298 -21.41 31.51 -29.27
CA LEU A 298 -20.40 30.94 -30.15
C LEU A 298 -21.05 30.03 -31.18
N THR A 299 -20.34 29.80 -32.27
CA THR A 299 -20.83 28.98 -33.35
C THR A 299 -19.81 27.90 -33.65
N ASN A 300 -20.15 27.06 -34.64
CA ASN A 300 -19.18 26.18 -35.27
C ASN A 300 -18.82 26.63 -36.68
N PHE A 301 -18.98 27.92 -37.00
CA PHE A 301 -18.77 28.38 -38.37
C PHE A 301 -17.29 28.38 -38.73
N TYR A 302 -16.99 28.06 -40.00
CA TYR A 302 -15.62 27.99 -40.51
C TYR A 302 -15.57 28.67 -41.87
N PRO A 303 -15.48 30.01 -41.91
CA PRO A 303 -15.53 30.72 -43.20
C PRO A 303 -14.34 30.42 -44.11
N CYS A 315 -19.30 36.73 -41.81
CA CYS A 315 -17.97 36.13 -41.82
C CYS A 315 -17.44 35.88 -40.41
N SER A 316 -18.22 35.14 -39.60
CA SER A 316 -17.84 34.79 -38.24
C SER A 316 -17.04 33.49 -38.23
N LEU A 317 -15.93 33.48 -37.49
CA LEU A 317 -15.15 32.27 -37.26
C LEU A 317 -15.44 31.77 -35.84
N SER A 318 -15.88 30.52 -35.74
CA SER A 318 -16.11 29.85 -34.47
C SER A 318 -15.01 30.13 -33.47
N GLY A 319 -15.38 30.67 -32.30
CA GLY A 319 -14.39 30.88 -31.25
C GLY A 319 -13.64 29.60 -30.92
N TYR A 320 -14.36 28.47 -30.86
CA TYR A 320 -13.73 27.18 -30.62
C TYR A 320 -12.67 26.86 -31.66
N LEU A 321 -13.03 26.97 -32.95
CA LEU A 321 -12.07 26.67 -34.01
C LEU A 321 -10.89 27.64 -33.99
N TYR A 322 -11.14 28.92 -33.68
CA TYR A 322 -10.04 29.88 -33.52
C TYR A 322 -9.07 29.43 -32.44
N ALA A 323 -9.61 29.00 -31.29
CA ALA A 323 -8.75 28.68 -30.16
C ALA A 323 -7.95 27.41 -30.44
N ILE A 324 -8.62 26.38 -30.97
CA ILE A 324 -7.94 25.13 -31.26
C ILE A 324 -6.85 25.34 -32.31
N LYS A 325 -7.16 26.08 -33.38
CA LYS A 325 -6.14 26.34 -34.39
C LYS A 325 -4.93 27.03 -33.78
N LYS A 326 -5.17 28.02 -32.89
CA LYS A 326 -4.07 28.72 -32.25
C LYS A 326 -3.26 27.78 -31.37
N ILE A 327 -3.93 27.02 -30.51
CA ILE A 327 -3.21 26.05 -29.68
C ILE A 327 -2.39 25.09 -30.53
N LEU A 328 -2.99 24.55 -31.60
CA LEU A 328 -2.27 23.58 -32.43
C LEU A 328 -1.11 24.22 -33.20
N SER A 329 -1.13 25.53 -33.44
CA SER A 329 -0.01 26.19 -34.14
C SER A 329 1.27 26.15 -33.31
N TRP A 330 1.15 25.85 -32.02
CA TRP A 330 2.32 25.77 -31.17
C TRP A 330 3.14 24.50 -31.40
N LYS A 331 2.55 23.48 -32.03
CA LYS A 331 3.18 22.19 -32.26
C LYS A 331 3.64 21.53 -30.96
N VAL A 332 2.81 21.62 -29.92
CA VAL A 332 3.05 20.94 -28.63
C VAL A 332 2.10 19.74 -28.56
N PRO A 333 2.55 18.56 -28.11
CA PRO A 333 1.62 17.42 -28.02
C PRO A 333 0.38 17.79 -27.20
N THR A 334 -0.81 17.54 -27.76
CA THR A 334 -2.05 18.10 -27.22
C THR A 334 -3.12 17.03 -27.03
N LEU A 335 -3.85 17.15 -25.93
CA LEU A 335 -4.98 16.28 -25.63
C LEU A 335 -6.23 17.15 -25.77
N ILE A 336 -7.16 16.75 -26.62
CA ILE A 336 -8.41 17.47 -26.82
C ILE A 336 -9.55 16.64 -26.27
N LEU A 337 -10.29 17.19 -25.30
CA LEU A 337 -11.33 16.48 -24.59
C LEU A 337 -12.67 17.15 -24.83
N GLY A 338 -13.75 16.39 -24.61
CA GLY A 338 -15.11 16.92 -24.64
C GLY A 338 -15.50 17.65 -23.36
N GLY A 339 -16.72 17.42 -22.88
CA GLY A 339 -17.26 18.12 -21.73
C GLY A 339 -18.73 18.39 -21.89
N GLY A 340 -19.19 19.54 -21.42
CA GLY A 340 -20.58 19.93 -21.58
C GLY A 340 -21.01 20.00 -23.04
N GLY A 341 -22.32 20.14 -23.21
CA GLY A 341 -22.93 20.21 -24.53
C GLY A 341 -24.25 19.48 -24.52
N TYR A 342 -25.34 20.22 -24.41
CA TYR A 342 -26.65 19.65 -24.15
C TYR A 342 -27.57 19.72 -25.35
N ASN A 343 -27.10 20.29 -26.46
CA ASN A 343 -27.75 20.17 -27.76
C ASN A 343 -26.93 19.14 -28.51
N PHE A 344 -27.39 17.87 -28.51
CA PHE A 344 -26.53 16.80 -28.98
C PHE A 344 -26.18 16.91 -30.46
N PRO A 345 -27.12 17.17 -31.37
CA PRO A 345 -26.69 17.31 -32.78
C PRO A 345 -25.71 18.45 -33.00
N ASP A 346 -25.91 19.58 -32.31
CA ASP A 346 -25.01 20.71 -32.52
C ASP A 346 -23.66 20.50 -31.85
N THR A 347 -23.62 19.73 -30.77
CA THR A 347 -22.34 19.32 -30.19
C THR A 347 -21.58 18.44 -31.18
N ALA A 348 -22.28 17.51 -31.84
CA ALA A 348 -21.67 16.73 -32.91
C ALA A 348 -21.18 17.61 -34.05
N ARG A 349 -22.01 18.57 -34.48
CA ARG A 349 -21.60 19.50 -35.53
C ARG A 349 -20.31 20.23 -35.18
N LEU A 350 -20.18 20.69 -33.94
CA LEU A 350 -18.96 21.37 -33.52
C LEU A 350 -17.77 20.42 -33.46
N TRP A 351 -17.91 19.31 -32.74
CA TRP A 351 -16.76 18.44 -32.52
C TRP A 351 -16.31 17.75 -33.81
N THR A 352 -17.21 17.59 -34.79
CA THR A 352 -16.79 17.09 -36.09
C THR A 352 -15.88 18.10 -36.78
N ARG A 353 -16.22 19.39 -36.69
CA ARG A 353 -15.35 20.41 -37.25
C ARG A 353 -14.05 20.54 -36.47
N VAL A 354 -14.09 20.42 -35.13
CA VAL A 354 -12.83 20.39 -34.38
C VAL A 354 -11.96 19.24 -34.85
N THR A 355 -12.58 18.08 -35.09
CA THR A 355 -11.79 16.91 -35.47
C THR A 355 -11.17 17.09 -36.85
N ALA A 356 -11.94 17.64 -37.80
CA ALA A 356 -11.41 17.92 -39.14
C ALA A 356 -10.29 18.97 -39.09
N LEU A 357 -10.46 20.02 -38.30
CA LEU A 357 -9.42 21.04 -38.16
C LEU A 357 -8.13 20.45 -37.60
N THR A 358 -8.25 19.59 -36.59
CA THR A 358 -7.09 18.96 -35.99
C THR A 358 -6.33 18.11 -37.02
N ILE A 359 -7.05 17.34 -37.84
CA ILE A 359 -6.40 16.56 -38.88
C ILE A 359 -5.65 17.49 -39.84
N GLU A 360 -6.32 18.56 -40.26
CA GLU A 360 -5.73 19.47 -41.24
C GLU A 360 -4.47 20.13 -40.70
N GLU A 361 -4.53 20.61 -39.45
CA GLU A 361 -3.41 21.33 -38.87
C GLU A 361 -2.24 20.42 -38.55
N VAL A 362 -2.49 19.19 -38.10
CA VAL A 362 -1.41 18.29 -37.73
C VAL A 362 -0.77 17.68 -38.96
N LYS A 363 -1.57 17.14 -39.87
CA LYS A 363 -1.07 16.46 -41.06
C LYS A 363 -0.76 17.40 -42.23
N GLY A 364 -1.21 18.66 -42.20
CA GLY A 364 -1.01 19.56 -43.32
C GLY A 364 -1.80 19.14 -44.54
N LYS A 365 -2.95 18.52 -44.34
CA LYS A 365 -3.71 17.85 -45.38
C LYS A 365 -5.12 18.41 -45.35
N LYS A 366 -5.53 19.04 -46.45
CA LYS A 366 -6.82 19.72 -46.47
C LYS A 366 -7.96 18.73 -46.24
N MET A 367 -8.84 19.05 -45.30
CA MET A 367 -10.06 18.30 -45.05
C MET A 367 -11.23 19.13 -45.55
N THR A 368 -11.94 18.62 -46.55
CA THR A 368 -13.08 19.32 -47.11
C THR A 368 -14.34 18.63 -46.62
N ILE A 369 -15.23 19.42 -46.04
CA ILE A 369 -16.42 18.93 -45.37
C ILE A 369 -17.64 19.52 -46.06
N SER A 370 -18.51 18.67 -46.61
CA SER A 370 -19.70 19.16 -47.26
C SER A 370 -20.54 19.98 -46.28
N PRO A 371 -21.04 21.16 -46.67
CA PRO A 371 -21.97 21.89 -45.79
C PRO A 371 -23.24 21.12 -45.50
N GLU A 372 -23.47 20.02 -46.22
CA GLU A 372 -24.65 19.19 -46.06
C GLU A 372 -24.31 17.95 -45.24
N ILE A 373 -25.11 17.67 -44.22
CA ILE A 373 -24.96 16.46 -43.39
C ILE A 373 -25.09 15.23 -44.28
N PRO A 374 -24.09 14.36 -44.33
CA PRO A 374 -24.21 13.15 -45.16
C PRO A 374 -25.18 12.16 -44.55
N GLU A 375 -25.76 11.32 -45.41
CA GLU A 375 -26.64 10.26 -44.93
C GLU A 375 -25.88 9.27 -44.05
N HIS A 376 -26.54 8.84 -42.98
CA HIS A 376 -25.99 7.92 -41.99
C HIS A 376 -27.06 7.64 -40.95
N SER A 377 -26.72 6.78 -39.98
CA SER A 377 -27.67 6.29 -38.97
C SER A 377 -28.51 7.41 -38.35
N TYR A 378 -27.86 8.51 -37.98
CA TYR A 378 -28.52 9.54 -37.18
C TYR A 378 -28.94 10.76 -37.99
N PHE A 379 -29.03 10.60 -39.31
CA PHE A 379 -29.33 11.73 -40.20
C PHE A 379 -30.56 12.51 -39.76
N SER A 380 -31.62 11.78 -39.36
CA SER A 380 -32.87 12.40 -39.00
C SER A 380 -32.73 13.37 -37.84
N ARG A 381 -31.69 13.21 -37.01
CA ARG A 381 -31.49 14.09 -35.87
C ARG A 381 -31.04 15.49 -36.27
N TYR A 382 -30.66 15.69 -37.53
CA TYR A 382 -30.11 16.96 -37.98
C TYR A 382 -31.11 17.78 -38.77
N GLY A 383 -32.36 17.33 -38.86
CA GLY A 383 -33.42 18.11 -39.47
C GLY A 383 -33.69 19.39 -38.71
N PRO A 384 -34.47 20.31 -39.31
CA PRO A 384 -35.16 20.10 -40.59
C PRO A 384 -34.31 20.39 -41.82
N ASP A 385 -33.13 21.00 -41.67
CA ASP A 385 -32.37 21.46 -42.82
C ASP A 385 -31.07 20.68 -43.07
N PHE A 386 -30.60 19.89 -42.11
CA PHE A 386 -29.53 18.92 -42.38
C PHE A 386 -28.24 19.60 -42.88
N GLU A 387 -27.90 20.74 -42.29
CA GLU A 387 -26.67 21.44 -42.61
C GLU A 387 -25.69 21.36 -41.45
N LEU A 388 -24.40 21.47 -41.79
CA LEU A 388 -23.34 21.32 -40.81
C LEU A 388 -23.23 22.55 -39.91
N ASP A 389 -23.42 23.75 -40.46
CA ASP A 389 -23.51 24.95 -39.63
C ASP A 389 -24.67 24.82 -38.65
N ILE A 390 -24.46 25.25 -37.41
CA ILE A 390 -25.60 25.36 -36.51
C ILE A 390 -26.54 26.44 -37.04
N ASP A 391 -27.80 26.34 -36.63
CA ASP A 391 -28.86 27.19 -37.16
C ASP A 391 -28.95 28.45 -36.31
N TYR A 392 -28.08 29.41 -36.62
CA TYR A 392 -27.99 30.63 -35.82
C TYR A 392 -27.53 31.78 -36.69
N PHE A 393 -28.01 32.98 -36.35
CA PHE A 393 -27.67 34.21 -37.08
C PHE A 393 -26.95 35.17 -36.15
N PRO A 394 -25.63 35.29 -36.27
CA PRO A 394 -24.86 36.07 -35.30
C PRO A 394 -25.13 37.57 -35.40
N HIS A 395 -24.82 38.25 -34.30
CA HIS A 395 -24.89 39.70 -34.18
C HIS A 395 -23.94 40.13 -33.07
N GLU A 396 -23.96 41.41 -32.72
CA GLU A 396 -23.02 41.95 -31.74
C GLU A 396 -23.27 41.36 -30.36
N SER A 397 -22.21 41.38 -29.54
CA SER A 397 -22.32 40.93 -28.16
C SER A 397 -23.24 41.86 -27.38
N HIS A 398 -23.80 41.33 -26.28
CA HIS A 398 -24.82 42.07 -25.53
C HIS A 398 -24.21 43.25 -24.77
N ASN A 399 -22.99 43.10 -24.27
CA ASN A 399 -22.27 44.17 -23.59
C ASN A 399 -21.59 45.08 -24.63
N ASP A 403 -13.45 47.02 -22.41
CA ASP A 403 -13.22 47.76 -21.18
C ASP A 403 -13.05 46.82 -19.98
N SER A 404 -14.09 46.04 -19.71
CA SER A 404 -13.97 44.95 -18.73
C SER A 404 -12.89 43.95 -19.18
N ILE A 405 -12.89 43.60 -20.46
CA ILE A 405 -11.89 42.67 -20.99
C ILE A 405 -10.50 43.26 -20.87
N GLN A 406 -10.35 44.57 -21.11
CA GLN A 406 -9.05 45.21 -21.00
C GLN A 406 -8.52 45.15 -19.56
N LYS A 407 -9.39 45.35 -18.58
CA LYS A 407 -8.95 45.23 -17.19
C LYS A 407 -8.49 43.81 -16.88
N HIS A 408 -9.24 42.81 -17.36
CA HIS A 408 -8.85 41.42 -17.15
C HIS A 408 -7.50 41.13 -17.80
N HIS A 409 -7.27 41.66 -19.00
CA HIS A 409 -5.99 41.43 -19.67
C HIS A 409 -4.84 42.02 -18.87
N ARG A 410 -5.03 43.23 -18.32
CA ARG A 410 -4.00 43.83 -17.48
C ARG A 410 -3.74 42.98 -16.24
N ARG A 411 -4.81 42.48 -15.61
CA ARG A 411 -4.67 41.63 -14.43
C ARG A 411 -3.96 40.32 -14.77
N ILE A 412 -4.37 39.69 -15.87
CA ILE A 412 -3.79 38.39 -16.24
C ILE A 412 -2.32 38.55 -16.64
N LEU A 413 -1.99 39.62 -17.36
CA LEU A 413 -0.60 39.93 -17.66
C LEU A 413 0.24 40.07 -16.39
N GLU A 414 -0.26 40.83 -15.42
CA GLU A 414 0.45 40.99 -14.16
C GLU A 414 0.60 39.65 -13.45
N GLN A 415 -0.45 38.83 -13.46
CA GLN A 415 -0.36 37.51 -12.83
C GLN A 415 0.66 36.63 -13.55
N LEU A 416 0.71 36.71 -14.88
CA LEU A 416 1.68 35.91 -15.63
C LEU A 416 3.10 36.35 -15.29
N ARG A 417 3.31 37.65 -15.18
CA ARG A 417 4.62 38.17 -14.77
C ARG A 417 4.99 37.67 -13.37
N ASN A 418 4.02 37.69 -12.44
CA ASN A 418 4.24 37.16 -11.10
C ASN A 418 4.57 35.67 -11.14
N TYR A 419 3.81 34.91 -11.92
CA TYR A 419 4.09 33.48 -12.09
C TYR A 419 5.51 33.24 -12.60
N ALA A 420 5.89 33.98 -13.64
CA ALA A 420 7.22 33.80 -14.22
C ALA A 420 8.33 34.17 -13.24
N ASP A 421 8.11 35.21 -12.43
CA ASP A 421 9.13 35.59 -11.45
C ASP A 421 9.24 34.57 -10.34
N LEU A 422 8.10 34.14 -9.80
CA LEU A 422 8.12 33.16 -8.73
C LEU A 422 8.84 31.88 -9.15
N ASN A 423 8.70 31.50 -10.43
CA ASN A 423 9.21 30.25 -10.93
C ASN A 423 10.49 30.42 -11.74
N LYS A 424 11.08 31.61 -11.71
CA LYS A 424 12.37 31.91 -12.34
C LYS A 424 12.38 31.54 -13.83
N LEU A 425 11.28 31.83 -14.51
CA LEU A 425 11.20 31.68 -15.96
C LEU A 425 11.60 32.99 -16.63
N ILE A 426 12.28 32.90 -17.77
CA ILE A 426 12.76 34.08 -18.51
C ILE A 426 11.91 34.24 -19.76
N TYR A 427 11.64 35.49 -20.11
CA TYR A 427 10.61 35.84 -21.08
C TYR A 427 10.74 37.32 -21.40
N ASP A 428 10.52 37.68 -22.66
CA ASP A 428 10.59 39.09 -23.05
C ASP A 428 9.29 39.77 -22.62
N TYR A 429 9.37 40.57 -21.56
CA TYR A 429 8.22 41.31 -21.07
C TYR A 429 7.45 42.00 -22.19
N ASP A 430 8.17 42.60 -23.14
CA ASP A 430 7.51 43.44 -24.13
C ASP A 430 7.09 42.70 -25.38
N GLN A 431 7.71 41.58 -25.72
CA GLN A 431 7.10 40.68 -26.71
C GLN A 431 5.76 40.17 -26.20
N VAL A 432 5.69 39.85 -24.91
CA VAL A 432 4.43 39.39 -24.33
C VAL A 432 3.43 40.52 -24.26
N TYR A 433 3.85 41.67 -23.69
CA TYR A 433 2.94 42.80 -23.54
C TYR A 433 2.38 43.24 -24.89
N GLN A 434 3.19 43.17 -25.96
CA GLN A 434 2.74 43.62 -27.27
C GLN A 434 1.68 42.70 -27.87
N LEU A 435 1.51 41.49 -27.35
CA LEU A 435 0.44 40.62 -27.82
C LEU A 435 -0.94 41.21 -27.56
N TYR A 436 -1.04 42.20 -26.68
CA TYR A 436 -2.33 42.75 -26.29
C TYR A 436 -2.63 44.10 -26.92
N SER B 3 -5.84 -43.10 -27.74
CA SER B 3 -4.70 -42.35 -28.24
C SER B 3 -4.77 -40.89 -27.82
N VAL B 4 -3.75 -40.38 -27.11
CA VAL B 4 -3.67 -38.98 -26.74
C VAL B 4 -2.65 -38.30 -27.66
N GLY B 5 -3.07 -37.29 -28.40
CA GLY B 5 -2.18 -36.57 -29.29
C GLY B 5 -1.62 -35.31 -28.64
N ILE B 6 -0.48 -34.85 -29.14
CA ILE B 6 0.06 -33.56 -28.73
C ILE B 6 0.75 -32.93 -29.92
N VAL B 7 0.49 -31.63 -30.13
CA VAL B 7 1.03 -30.91 -31.28
C VAL B 7 2.45 -30.45 -30.96
N TYR B 8 3.44 -30.89 -31.75
N TYR B 8 3.41 -30.82 -31.80
CA TYR B 8 4.77 -30.31 -31.64
CA TYR B 8 4.79 -30.39 -31.63
C TYR B 8 5.60 -30.61 -32.89
C TYR B 8 5.55 -30.56 -32.94
N GLY B 9 6.68 -29.86 -33.02
CA GLY B 9 7.60 -30.00 -34.15
C GLY B 9 8.72 -29.01 -33.92
N ASP B 10 9.81 -29.19 -34.66
CA ASP B 10 10.98 -28.35 -34.43
C ASP B 10 10.71 -26.90 -34.85
N GLN B 11 10.23 -26.72 -36.06
CA GLN B 11 9.93 -25.35 -36.49
C GLN B 11 8.75 -24.79 -35.72
N TYR B 12 7.77 -25.62 -35.39
CA TYR B 12 6.64 -25.16 -34.58
C TYR B 12 7.14 -24.58 -33.26
N ARG B 13 8.05 -25.30 -32.60
CA ARG B 13 8.63 -24.81 -31.35
C ARG B 13 9.30 -23.46 -31.55
N GLN B 14 10.12 -23.32 -32.61
CA GLN B 14 10.80 -22.06 -32.84
C GLN B 14 9.80 -20.93 -33.04
N LEU B 15 8.73 -21.17 -33.81
CA LEU B 15 7.75 -20.11 -34.08
C LEU B 15 6.95 -19.77 -32.83
N CYS B 16 6.55 -20.79 -32.05
CA CYS B 16 5.79 -20.51 -30.85
C CYS B 16 6.63 -19.79 -29.80
N CYS B 17 7.96 -19.84 -29.91
CA CYS B 17 8.83 -19.14 -28.98
C CYS B 17 9.33 -17.81 -29.53
N SER B 18 8.69 -17.26 -30.58
CA SER B 18 9.27 -16.12 -31.28
C SER B 18 8.59 -14.80 -30.96
N SER B 19 7.59 -14.79 -30.04
CA SER B 19 6.92 -13.53 -29.78
C SER B 19 7.51 -12.82 -28.56
N PRO B 20 7.47 -11.49 -28.56
CA PRO B 20 7.94 -10.76 -27.36
C PRO B 20 7.11 -11.04 -26.12
N LYS B 21 5.80 -11.25 -26.25
CA LYS B 21 4.97 -11.43 -25.06
C LYS B 21 5.20 -12.79 -24.40
N PHE B 22 5.26 -13.88 -25.18
CA PHE B 22 5.26 -15.19 -24.55
C PHE B 22 6.62 -15.86 -24.55
N GLY B 23 7.63 -15.20 -25.13
CA GLY B 23 9.02 -15.65 -25.09
C GLY B 23 9.13 -17.14 -25.28
N ASP B 24 9.90 -17.81 -24.42
CA ASP B 24 10.14 -19.24 -24.56
C ASP B 24 9.16 -20.10 -23.75
N ARG B 25 7.98 -19.58 -23.38
CA ARG B 25 7.06 -20.37 -22.54
C ARG B 25 6.78 -21.76 -23.12
N TYR B 26 6.49 -21.83 -24.42
CA TYR B 26 6.16 -23.10 -25.06
C TYR B 26 7.29 -24.11 -24.92
N ALA B 27 8.53 -23.63 -24.99
CA ALA B 27 9.68 -24.53 -24.84
C ALA B 27 9.74 -25.09 -23.44
N LEU B 28 9.52 -24.25 -22.42
CA LEU B 28 9.51 -24.75 -21.03
C LEU B 28 8.42 -25.79 -20.86
N VAL B 29 7.22 -25.49 -21.37
CA VAL B 29 6.11 -26.42 -21.27
C VAL B 29 6.47 -27.77 -21.89
N MET B 30 6.88 -27.74 -23.16
CA MET B 30 7.13 -29.01 -23.83
C MET B 30 8.36 -29.72 -23.27
N ASP B 31 9.38 -28.98 -22.82
CA ASP B 31 10.57 -29.63 -22.28
C ASP B 31 10.31 -30.23 -20.89
N LEU B 32 9.41 -29.64 -20.12
CA LEU B 32 9.05 -30.24 -18.84
C LEU B 32 8.26 -31.52 -19.05
N ILE B 33 7.31 -31.50 -19.99
CA ILE B 33 6.59 -32.71 -20.36
C ILE B 33 7.58 -33.79 -20.79
N ASN B 34 8.59 -33.41 -21.58
CA ASN B 34 9.61 -34.34 -22.03
C ASN B 34 10.47 -34.83 -20.87
N ALA B 35 10.77 -33.93 -19.92
CA ALA B 35 11.67 -34.30 -18.82
C ALA B 35 11.02 -35.31 -17.89
N TYR B 36 9.70 -35.25 -17.77
CA TYR B 36 8.94 -36.20 -16.98
C TYR B 36 8.62 -37.49 -17.75
N LYS B 37 9.23 -37.66 -18.93
CA LYS B 37 9.13 -38.88 -19.75
C LYS B 37 7.71 -39.11 -20.26
N LEU B 38 6.96 -38.04 -20.49
CA LEU B 38 5.59 -38.21 -20.97
C LEU B 38 5.52 -38.31 -22.49
N ILE B 39 6.54 -37.80 -23.19
CA ILE B 39 6.48 -37.77 -24.66
C ILE B 39 6.29 -39.15 -25.29
N PRO B 40 6.95 -40.23 -24.83
CA PRO B 40 6.70 -41.56 -25.43
C PRO B 40 5.28 -42.08 -25.27
N GLU B 41 4.46 -41.49 -24.38
CA GLU B 41 3.07 -41.90 -24.18
C GLU B 41 2.14 -41.24 -25.18
N LEU B 42 2.61 -40.26 -25.93
CA LEU B 42 1.78 -39.36 -26.72
C LEU B 42 2.06 -39.52 -28.20
N SER B 43 1.02 -39.33 -29.00
CA SER B 43 1.10 -39.34 -30.45
C SER B 43 1.43 -37.92 -30.94
N ARG B 44 2.60 -37.72 -31.55
CA ARG B 44 2.90 -36.41 -32.09
C ARG B 44 1.96 -36.08 -33.24
N VAL B 45 1.25 -34.96 -33.13
CA VAL B 45 0.36 -34.47 -34.19
C VAL B 45 1.09 -33.35 -34.90
N PRO B 46 1.47 -33.52 -36.17
CA PRO B 46 2.22 -32.48 -36.87
C PRO B 46 1.34 -31.29 -37.23
N PRO B 47 1.84 -30.06 -37.04
CA PRO B 47 1.07 -28.88 -37.47
C PRO B 47 0.72 -28.94 -38.96
N LEU B 48 -0.45 -28.44 -39.29
CA LEU B 48 -0.93 -28.49 -40.66
C LEU B 48 -0.08 -27.58 -41.56
N GLN B 49 0.36 -28.11 -42.70
CA GLN B 49 0.96 -27.30 -43.74
C GLN B 49 0.13 -27.45 -45.01
N TRP B 50 0.22 -26.45 -45.89
CA TRP B 50 -0.65 -26.38 -47.07
C TRP B 50 0.13 -26.52 -48.36
N ASP B 51 -0.62 -26.80 -49.45
CA ASP B 51 -0.07 -26.99 -50.79
C ASP B 51 0.30 -25.68 -51.48
N SER B 52 -0.19 -24.56 -50.99
CA SER B 52 -0.03 -23.31 -51.72
C SER B 52 -0.37 -22.16 -50.78
N PRO B 53 0.12 -20.97 -51.09
CA PRO B 53 -0.34 -19.79 -50.35
C PRO B 53 -1.84 -19.59 -50.42
N SER B 54 -2.47 -19.85 -51.59
CA SER B 54 -3.92 -19.70 -51.67
C SER B 54 -4.65 -20.64 -50.71
N ARG B 55 -4.15 -21.88 -50.59
CA ARG B 55 -4.82 -22.81 -49.67
C ARG B 55 -4.70 -22.36 -48.23
N MET B 56 -3.52 -21.87 -47.84
CA MET B 56 -3.35 -21.33 -46.49
C MET B 56 -4.30 -20.16 -46.26
N TYR B 57 -4.39 -19.28 -47.25
CA TYR B 57 -5.20 -18.08 -47.10
C TYR B 57 -6.67 -18.43 -47.04
N GLU B 58 -7.08 -19.43 -47.82
CA GLU B 58 -8.46 -19.92 -47.76
C GLU B 58 -8.80 -20.43 -46.37
N ALA B 59 -7.85 -21.14 -45.74
CA ALA B 59 -8.10 -21.71 -44.43
C ALA B 59 -8.27 -20.62 -43.39
N VAL B 60 -7.38 -19.63 -43.39
CA VAL B 60 -7.43 -18.58 -42.38
C VAL B 60 -8.66 -17.71 -42.59
N THR B 61 -9.06 -17.47 -43.84
CA THR B 61 -10.21 -16.61 -44.09
C THR B 61 -11.53 -17.36 -44.01
N ALA B 62 -11.55 -18.61 -43.55
CA ALA B 62 -12.81 -19.20 -43.11
C ALA B 62 -13.41 -18.44 -41.92
N PHE B 63 -12.59 -17.69 -41.20
CA PHE B 63 -13.02 -16.78 -40.14
C PHE B 63 -12.55 -15.35 -40.34
N HIS B 64 -11.24 -15.13 -40.52
CA HIS B 64 -10.70 -13.78 -40.57
C HIS B 64 -10.96 -13.12 -41.92
N SER B 65 -11.12 -11.81 -41.90
CA SER B 65 -11.35 -11.10 -43.15
C SER B 65 -10.09 -11.06 -44.00
N THR B 66 -10.29 -10.96 -45.31
CA THR B 66 -9.17 -10.83 -46.22
C THR B 66 -8.35 -9.59 -45.88
N GLU B 67 -9.01 -8.47 -45.55
CA GLU B 67 -8.25 -7.26 -45.32
C GLU B 67 -7.41 -7.35 -44.03
N TYR B 68 -7.91 -8.05 -43.01
CA TYR B 68 -7.12 -8.23 -41.79
C TYR B 68 -5.94 -9.16 -42.04
N VAL B 69 -6.18 -10.31 -42.70
CA VAL B 69 -5.07 -11.23 -42.98
C VAL B 69 -4.00 -10.54 -43.83
N ASP B 70 -4.42 -9.76 -44.83
CA ASP B 70 -3.48 -8.99 -45.64
C ASP B 70 -2.62 -8.07 -44.78
N ALA B 71 -3.26 -7.30 -43.90
CA ALA B 71 -2.53 -6.36 -43.05
C ALA B 71 -1.53 -7.07 -42.14
N LEU B 72 -1.93 -8.21 -41.56
CA LEU B 72 -1.04 -8.95 -40.68
C LEU B 72 0.19 -9.47 -41.44
N LYS B 73 -0.01 -9.96 -42.67
CA LYS B 73 1.11 -10.34 -43.52
C LYS B 73 2.03 -9.14 -43.77
N LYS B 74 1.43 -7.98 -44.06
CA LYS B 74 2.22 -6.80 -44.35
C LYS B 74 2.99 -6.32 -43.12
N LEU B 75 2.36 -6.44 -41.94
CA LEU B 75 3.05 -6.06 -40.71
C LEU B 75 4.32 -6.88 -40.51
N GLN B 76 4.25 -8.18 -40.78
CA GLN B 76 5.47 -8.99 -40.70
C GLN B 76 6.50 -8.53 -41.71
N MET B 77 6.09 -8.30 -42.96
CA MET B 77 7.03 -7.84 -43.97
C MET B 77 7.70 -6.55 -43.52
N LEU B 78 6.92 -5.60 -42.99
CA LEU B 78 7.48 -4.32 -42.59
C LEU B 78 8.49 -4.49 -41.48
N HIS B 79 8.19 -5.33 -40.49
CA HIS B 79 9.12 -5.50 -39.38
C HIS B 79 10.35 -6.30 -39.76
N CYS B 80 10.36 -6.93 -40.93
CA CYS B 80 11.56 -7.58 -41.44
C CYS B 80 12.46 -6.64 -42.25
N GLU B 81 12.24 -5.33 -42.17
CA GLU B 81 13.06 -4.38 -42.92
C GLU B 81 13.32 -3.07 -42.17
N LEU B 85 7.82 2.54 -40.61
CA LEU B 85 6.52 2.54 -41.25
C LEU B 85 6.15 3.93 -41.76
N THR B 86 5.45 4.01 -42.89
CA THR B 86 4.87 5.28 -43.30
C THR B 86 3.73 5.64 -42.37
N ALA B 87 3.28 6.89 -42.46
CA ALA B 87 2.16 7.30 -41.63
C ALA B 87 0.88 6.57 -42.04
N ASP B 88 0.71 6.31 -43.34
CA ASP B 88 -0.45 5.55 -43.78
C ASP B 88 -0.39 4.10 -43.32
N ASP B 89 0.80 3.50 -43.31
CA ASP B 89 0.94 2.14 -42.79
C ASP B 89 0.61 2.07 -41.31
N GLU B 90 1.07 3.06 -40.53
CA GLU B 90 0.68 3.15 -39.12
C GLU B 90 -0.84 3.20 -38.97
N LEU B 91 -1.50 4.03 -39.77
CA LEU B 91 -2.96 4.11 -39.73
C LEU B 91 -3.59 2.77 -40.13
N LEU B 92 -3.03 2.11 -41.15
CA LEU B 92 -3.56 0.82 -41.54
C LEU B 92 -3.49 -0.18 -40.39
N MET B 93 -2.33 -0.26 -39.72
CA MET B 93 -2.21 -1.19 -38.62
C MET B 93 -3.11 -0.82 -37.44
N ASP B 94 -3.19 0.47 -37.10
CA ASP B 94 -4.06 0.85 -35.99
C ASP B 94 -5.51 0.50 -36.27
N SER B 95 -5.92 0.51 -37.55
CA SER B 95 -7.31 0.22 -37.87
C SER B 95 -7.67 -1.24 -37.62
N PHE B 96 -6.68 -2.12 -37.49
CA PHE B 96 -6.91 -3.51 -37.12
C PHE B 96 -6.45 -3.84 -35.70
N SER B 97 -6.15 -2.80 -34.90
CA SER B 97 -5.67 -2.95 -33.52
C SER B 97 -4.36 -3.72 -33.46
N LEU B 98 -3.58 -3.63 -34.54
CA LEU B 98 -2.20 -4.14 -34.54
C LEU B 98 -1.31 -3.06 -33.92
N ASN B 99 -1.62 -2.77 -32.65
CA ASN B 99 -1.17 -1.59 -31.92
C ASN B 99 -0.28 -2.03 -30.77
N TYR B 100 -0.20 -1.25 -29.70
CA TYR B 100 0.81 -1.57 -28.69
C TYR B 100 0.48 -2.84 -27.91
N ASP B 101 -0.79 -3.27 -27.85
CA ASP B 101 -1.09 -4.52 -27.17
C ASP B 101 -0.86 -5.74 -28.05
N CYS B 102 -1.01 -5.58 -29.35
CA CYS B 102 -0.73 -6.64 -30.31
C CYS B 102 0.22 -6.08 -31.37
N PRO B 103 1.46 -5.82 -31.01
CA PRO B 103 2.36 -5.08 -31.91
C PRO B 103 2.94 -6.00 -32.98
N GLY B 104 3.57 -5.37 -33.96
CA GLY B 104 4.33 -6.14 -34.93
C GLY B 104 5.66 -6.59 -34.35
N PHE B 105 6.20 -7.63 -34.99
CA PHE B 105 7.56 -8.10 -34.77
C PHE B 105 7.93 -8.96 -35.97
N PRO B 106 9.21 -9.28 -36.16
CA PRO B 106 9.61 -9.90 -37.43
C PRO B 106 8.90 -11.20 -37.79
N SER B 107 8.38 -11.96 -36.81
CA SER B 107 7.69 -13.20 -37.15
C SER B 107 6.22 -13.18 -36.77
N VAL B 108 5.61 -11.99 -36.68
CA VAL B 108 4.25 -11.92 -36.13
C VAL B 108 3.27 -12.76 -36.95
N PHE B 109 3.40 -12.78 -38.28
CA PHE B 109 2.46 -13.61 -39.05
C PHE B 109 2.77 -15.10 -38.89
N ASP B 110 4.04 -15.51 -39.03
CA ASP B 110 4.40 -16.91 -38.87
C ASP B 110 4.03 -17.42 -37.47
N TYR B 111 4.23 -16.57 -36.46
CA TYR B 111 3.88 -16.92 -35.09
C TYR B 111 2.39 -17.17 -34.94
N SER B 112 1.56 -16.25 -35.43
CA SER B 112 0.10 -16.35 -35.31
CA SER B 112 0.13 -16.40 -35.23
C SER B 112 -0.43 -17.52 -36.11
N LEU B 113 0.12 -17.70 -37.32
CA LEU B 113 -0.31 -18.80 -38.16
C LEU B 113 0.05 -20.15 -37.54
N ALA B 114 1.18 -20.25 -36.85
CA ALA B 114 1.57 -21.53 -36.26
C ALA B 114 0.47 -22.08 -35.34
N ALA B 115 -0.08 -21.23 -34.45
CA ALA B 115 -1.16 -21.70 -33.58
C ALA B 115 -2.33 -22.25 -34.40
N VAL B 116 -2.65 -21.59 -35.51
CA VAL B 116 -3.71 -22.08 -36.39
C VAL B 116 -3.33 -23.44 -36.96
N GLN B 117 -2.10 -23.57 -37.45
CA GLN B 117 -1.65 -24.83 -38.02
C GLN B 117 -1.76 -25.95 -36.99
N GLY B 118 -1.39 -25.67 -35.74
CA GLY B 118 -1.44 -26.70 -34.73
C GLY B 118 -2.86 -27.12 -34.37
N SER B 119 -3.75 -26.14 -34.15
CA SER B 119 -5.10 -26.50 -33.73
C SER B 119 -5.94 -27.08 -34.88
N LEU B 120 -5.69 -26.68 -36.13
CA LEU B 120 -6.37 -27.31 -37.25
C LEU B 120 -5.94 -28.77 -37.39
N ALA B 121 -4.64 -29.04 -37.26
CA ALA B 121 -4.18 -30.43 -37.31
C ALA B 121 -4.76 -31.25 -36.16
N ALA B 122 -4.82 -30.66 -34.97
CA ALA B 122 -5.44 -31.31 -33.81
C ALA B 122 -6.89 -31.69 -34.11
N ALA B 123 -7.67 -30.75 -34.64
CA ALA B 123 -9.05 -31.04 -34.99
C ALA B 123 -9.13 -32.18 -35.99
N SER B 124 -8.26 -32.17 -37.02
CA SER B 124 -8.29 -33.24 -38.02
C SER B 124 -7.99 -34.60 -37.40
N ALA B 125 -7.08 -34.65 -36.44
CA ALA B 125 -6.75 -35.92 -35.80
C ALA B 125 -7.93 -36.46 -34.99
N LEU B 126 -8.74 -35.56 -34.42
CA LEU B 126 -9.97 -36.00 -33.73
C LEU B 126 -10.99 -36.51 -34.73
N ILE B 127 -11.15 -35.78 -35.85
CA ILE B 127 -12.17 -36.12 -36.83
C ILE B 127 -11.94 -37.50 -37.42
N CYS B 128 -10.70 -37.80 -37.81
CA CYS B 128 -10.34 -39.09 -38.37
CA CYS B 128 -10.40 -39.10 -38.38
C CYS B 128 -10.26 -40.20 -37.33
N ARG B 129 -10.46 -39.87 -36.05
CA ARG B 129 -10.44 -40.83 -34.94
C ARG B 129 -9.03 -41.38 -34.69
N HIS B 130 -7.99 -40.70 -35.19
CA HIS B 130 -6.63 -41.11 -34.86
C HIS B 130 -6.35 -40.92 -33.37
N CYS B 131 -6.88 -39.85 -32.78
CA CYS B 131 -6.72 -39.54 -31.36
C CYS B 131 -8.08 -39.32 -30.72
N GLU B 132 -8.22 -39.73 -29.46
CA GLU B 132 -9.43 -39.42 -28.71
C GLU B 132 -9.34 -38.06 -28.05
N VAL B 133 -8.13 -37.63 -27.70
CA VAL B 133 -7.84 -36.31 -27.16
C VAL B 133 -6.59 -35.79 -27.86
N VAL B 134 -6.57 -34.51 -28.19
CA VAL B 134 -5.35 -33.86 -28.67
C VAL B 134 -5.08 -32.61 -27.85
N ILE B 135 -3.82 -32.43 -27.47
CA ILE B 135 -3.35 -31.27 -26.70
C ILE B 135 -2.58 -30.36 -27.64
N ASN B 136 -2.85 -29.04 -27.60
CA ASN B 136 -2.00 -28.09 -28.29
C ASN B 136 -1.64 -26.95 -27.35
N TRP B 137 -0.48 -27.04 -26.70
CA TRP B 137 -0.09 -25.96 -25.80
C TRP B 137 0.44 -24.73 -26.52
N GLY B 138 0.52 -24.77 -27.85
CA GLY B 138 0.81 -23.56 -28.59
C GLY B 138 -0.39 -22.79 -29.06
N GLY B 139 -1.60 -23.30 -28.79
CA GLY B 139 -2.82 -22.67 -29.20
C GLY B 139 -3.64 -22.18 -28.03
N GLY B 140 -4.84 -21.69 -28.36
CA GLY B 140 -5.74 -21.17 -27.34
C GLY B 140 -5.99 -19.69 -27.38
N TRP B 141 -5.84 -19.04 -28.54
CA TRP B 141 -5.82 -17.57 -28.61
C TRP B 141 -7.24 -17.02 -28.83
N HIS B 142 -7.99 -16.97 -27.73
CA HIS B 142 -9.45 -16.80 -27.74
C HIS B 142 -9.92 -15.37 -28.01
N HIS B 143 -9.08 -14.34 -27.93
CA HIS B 143 -9.59 -12.97 -28.08
C HIS B 143 -9.63 -12.47 -29.51
N ALA B 144 -8.90 -13.09 -30.43
CA ALA B 144 -8.79 -12.52 -31.78
C ALA B 144 -10.15 -12.51 -32.46
N LYS B 145 -10.45 -11.41 -33.14
CA LYS B 145 -11.72 -11.26 -33.82
C LYS B 145 -11.53 -11.35 -35.32
N ARG B 146 -12.66 -11.35 -36.02
CA ARG B 146 -12.68 -11.47 -37.47
C ARG B 146 -11.69 -10.51 -38.13
N SER B 147 -11.71 -9.24 -37.73
CA SER B 147 -10.84 -8.24 -38.33
C SER B 147 -10.13 -7.42 -37.26
N GLU B 148 -9.71 -8.06 -36.16
CA GLU B 148 -9.12 -7.27 -35.09
C GLU B 148 -8.23 -8.16 -34.23
N ALA B 149 -6.96 -7.75 -34.05
CA ALA B 149 -6.12 -8.34 -33.03
C ALA B 149 -6.58 -7.84 -31.66
N SER B 150 -6.49 -8.70 -30.64
CA SER B 150 -6.98 -8.32 -29.33
C SER B 150 -6.29 -9.16 -28.28
N GLY B 151 -5.88 -8.52 -27.18
CA GLY B 151 -5.45 -9.26 -26.01
C GLY B 151 -4.29 -10.20 -26.24
N PHE B 152 -3.28 -9.76 -26.99
CA PHE B 152 -2.12 -10.56 -27.36
C PHE B 152 -2.46 -11.70 -28.33
N CYS B 153 -3.66 -11.72 -28.89
CA CYS B 153 -4.10 -12.73 -29.86
C CYS B 153 -4.23 -12.10 -31.25
N TYR B 154 -3.60 -12.72 -32.26
CA TYR B 154 -3.66 -12.20 -33.62
C TYR B 154 -4.58 -13.00 -34.53
N LEU B 155 -4.54 -14.33 -34.45
CA LEU B 155 -5.40 -15.19 -35.25
C LEU B 155 -6.11 -16.16 -34.31
N ASN B 156 -7.41 -16.36 -34.54
CA ASN B 156 -8.17 -17.18 -33.60
C ASN B 156 -8.12 -18.65 -34.04
N ASP B 157 -7.11 -19.37 -33.52
CA ASP B 157 -6.98 -20.79 -33.82
C ASP B 157 -8.14 -21.59 -33.27
N ILE B 158 -8.74 -21.13 -32.17
CA ILE B 158 -9.86 -21.86 -31.57
C ILE B 158 -11.04 -21.85 -32.51
N VAL B 159 -11.41 -20.66 -33.00
CA VAL B 159 -12.56 -20.56 -33.90
C VAL B 159 -12.36 -21.43 -35.13
N LEU B 160 -11.15 -21.38 -35.70
CA LEU B 160 -10.87 -22.15 -36.91
C LEU B 160 -10.95 -23.64 -36.64
N ALA B 161 -10.41 -24.10 -35.50
CA ALA B 161 -10.51 -25.52 -35.15
C ALA B 161 -11.95 -25.94 -34.92
N ILE B 162 -12.73 -25.13 -34.19
CA ILE B 162 -14.14 -25.45 -33.94
C ILE B 162 -14.90 -25.52 -35.25
N HIS B 163 -14.64 -24.57 -36.15
CA HIS B 163 -15.32 -24.57 -37.45
C HIS B 163 -15.04 -25.86 -38.20
N ARG B 164 -13.80 -26.35 -38.13
CA ARG B 164 -13.48 -27.62 -38.77
C ARG B 164 -14.27 -28.76 -38.14
N LEU B 165 -14.36 -28.78 -36.80
CA LEU B 165 -15.03 -29.86 -36.10
C LEU B 165 -16.51 -29.88 -36.43
N VAL B 166 -17.16 -28.72 -36.34
CA VAL B 166 -18.61 -28.67 -36.47
C VAL B 166 -19.05 -28.89 -37.91
N SER B 167 -18.15 -28.70 -38.88
CA SER B 167 -18.50 -28.93 -40.29
CA SER B 167 -18.44 -28.91 -40.30
C SER B 167 -18.16 -30.34 -40.76
N SER B 168 -17.72 -31.21 -39.86
CA SER B 168 -17.35 -32.59 -40.20
C SER B 168 -18.53 -33.56 -40.07
N GLN B 178 -27.06 -31.76 -35.78
CA GLN B 178 -26.61 -33.08 -35.37
C GLN B 178 -25.21 -33.01 -34.75
N THR B 179 -24.20 -32.57 -35.51
CA THR B 179 -22.88 -32.33 -34.94
C THR B 179 -22.90 -31.03 -34.14
N ARG B 180 -22.66 -31.11 -32.84
CA ARG B 180 -22.53 -29.96 -31.98
C ARG B 180 -21.17 -30.00 -31.28
N VAL B 181 -20.61 -28.82 -31.03
CA VAL B 181 -19.35 -28.68 -30.29
C VAL B 181 -19.64 -27.90 -29.01
N LEU B 182 -19.10 -28.38 -27.90
CA LEU B 182 -19.13 -27.65 -26.64
C LEU B 182 -17.75 -27.04 -26.41
N TYR B 183 -17.71 -25.71 -26.33
CA TYR B 183 -16.48 -24.99 -26.04
C TYR B 183 -16.46 -24.54 -24.58
N VAL B 184 -15.39 -24.88 -23.87
CA VAL B 184 -15.26 -24.57 -22.46
C VAL B 184 -13.99 -23.74 -22.27
N ASP B 185 -14.14 -22.55 -21.69
CA ASP B 185 -13.04 -21.59 -21.61
C ASP B 185 -12.69 -21.35 -20.15
N LEU B 186 -11.59 -21.95 -19.68
CA LEU B 186 -11.15 -21.88 -18.28
C LEU B 186 -10.18 -20.73 -17.99
N ASP B 187 -9.80 -19.96 -19.01
CA ASP B 187 -8.91 -18.81 -18.85
C ASP B 187 -9.45 -17.86 -17.78
N LEU B 188 -8.53 -17.13 -17.14
CA LEU B 188 -8.94 -16.05 -16.24
C LEU B 188 -9.85 -15.04 -16.93
N HIS B 189 -9.70 -14.85 -18.24
CA HIS B 189 -10.44 -13.84 -18.99
C HIS B 189 -11.59 -14.44 -19.80
N HIS B 190 -12.59 -13.61 -20.05
CA HIS B 190 -13.73 -14.00 -20.88
C HIS B 190 -13.30 -14.37 -22.30
N GLY B 191 -13.79 -15.50 -22.79
CA GLY B 191 -13.45 -15.94 -24.14
C GLY B 191 -14.30 -15.26 -25.20
N ASP B 192 -14.09 -13.95 -25.37
CA ASP B 192 -15.00 -13.11 -26.14
C ASP B 192 -14.93 -13.37 -27.65
N GLY B 193 -13.72 -13.59 -28.20
CA GLY B 193 -13.61 -13.81 -29.63
C GLY B 193 -14.30 -15.08 -30.08
N VAL B 194 -14.16 -16.16 -29.31
CA VAL B 194 -14.83 -17.41 -29.64
C VAL B 194 -16.34 -17.25 -29.48
N GLU B 195 -16.76 -16.64 -28.36
CA GLU B 195 -18.19 -16.38 -28.13
C GLU B 195 -18.80 -15.61 -29.29
N GLU B 196 -18.12 -14.54 -29.71
CA GLU B 196 -18.65 -13.69 -30.77
C GLU B 196 -18.73 -14.43 -32.10
N ALA B 197 -17.70 -15.22 -32.43
CA ALA B 197 -17.67 -15.91 -33.72
C ALA B 197 -18.88 -16.80 -33.91
N PHE B 198 -19.38 -17.41 -32.82
CA PHE B 198 -20.49 -18.35 -32.89
C PHE B 198 -21.77 -17.82 -32.26
N TRP B 199 -21.89 -16.50 -32.13
CA TRP B 199 -23.05 -15.88 -31.45
C TRP B 199 -24.37 -16.27 -32.11
N TYR B 200 -24.36 -16.47 -33.43
CA TYR B 200 -25.57 -16.76 -34.19
C TYR B 200 -25.73 -18.24 -34.51
N SER B 201 -24.86 -19.11 -33.99
CA SER B 201 -24.89 -20.52 -34.33
CA SER B 201 -24.84 -20.52 -34.33
C SER B 201 -25.26 -21.36 -33.13
N PRO B 202 -26.33 -22.14 -33.20
CA PRO B 202 -26.67 -23.04 -32.10
C PRO B 202 -25.77 -24.26 -32.01
N ARG B 203 -25.03 -24.59 -33.07
CA ARG B 203 -24.29 -25.84 -33.09
C ARG B 203 -22.99 -25.77 -32.31
N VAL B 204 -22.53 -24.58 -31.96
CA VAL B 204 -21.34 -24.39 -31.11
C VAL B 204 -21.83 -23.70 -29.85
N VAL B 205 -21.90 -24.44 -28.74
CA VAL B 205 -22.28 -23.86 -27.46
C VAL B 205 -21.00 -23.45 -26.75
N THR B 206 -20.92 -22.18 -26.37
CA THR B 206 -19.73 -21.67 -25.70
C THR B 206 -20.00 -21.45 -24.22
N PHE B 207 -19.02 -21.78 -23.38
CA PHE B 207 -19.15 -21.59 -21.94
C PHE B 207 -17.83 -21.03 -21.44
N SER B 208 -17.85 -19.84 -20.87
CA SER B 208 -16.63 -19.24 -20.30
C SER B 208 -16.87 -18.97 -18.84
N VAL B 209 -15.90 -19.34 -18.00
CA VAL B 209 -15.85 -18.97 -16.60
C VAL B 209 -14.65 -18.04 -16.44
N HIS B 210 -14.78 -16.95 -15.68
CA HIS B 210 -13.74 -15.93 -15.78
C HIS B 210 -13.96 -14.91 -14.68
N HIS B 211 -12.95 -14.09 -14.45
CA HIS B 211 -13.17 -12.88 -13.68
C HIS B 211 -13.76 -11.79 -14.55
N ALA B 212 -14.70 -11.03 -14.00
CA ALA B 212 -15.11 -9.75 -14.58
C ALA B 212 -15.29 -8.71 -13.49
N SER B 213 -14.84 -7.49 -13.78
CA SER B 213 -14.96 -6.35 -12.87
C SER B 213 -14.69 -5.09 -13.69
N PRO B 214 -15.05 -3.91 -13.16
CA PRO B 214 -14.95 -2.68 -13.98
C PRO B 214 -13.51 -2.40 -14.39
N GLY B 215 -13.30 -2.16 -15.69
CA GLY B 215 -11.98 -1.90 -16.23
C GLY B 215 -11.14 -3.14 -16.48
N PHE B 216 -11.60 -4.34 -16.10
CA PHE B 216 -10.86 -5.57 -16.31
C PHE B 216 -11.11 -6.14 -17.71
N PHE B 217 -10.04 -6.56 -18.38
CA PHE B 217 -10.12 -7.01 -19.77
C PHE B 217 -10.88 -8.33 -19.92
N PRO B 218 -11.68 -8.49 -20.98
CA PRO B 218 -12.00 -7.53 -22.03
C PRO B 218 -13.28 -6.72 -21.74
N GLY B 219 -14.00 -7.03 -20.66
CA GLY B 219 -15.18 -6.30 -20.26
C GLY B 219 -16.49 -7.03 -20.45
N THR B 220 -16.51 -8.09 -21.25
CA THR B 220 -17.72 -8.81 -21.58
C THR B 220 -17.84 -10.06 -20.71
N GLY B 221 -18.83 -10.89 -21.03
CA GLY B 221 -19.06 -12.09 -20.24
C GLY B 221 -19.72 -11.82 -18.90
N THR B 222 -20.47 -10.72 -18.79
CA THR B 222 -21.14 -10.42 -17.53
C THR B 222 -22.39 -9.60 -17.84
N TRP B 223 -23.01 -9.06 -16.78
CA TRP B 223 -24.23 -8.27 -16.92
C TRP B 223 -24.00 -7.08 -17.84
N ASN B 224 -24.97 -6.81 -18.70
CA ASN B 224 -24.92 -5.75 -19.70
C ASN B 224 -25.65 -4.48 -19.25
N ILE B 233 -28.93 -7.31 -17.59
CA ILE B 233 -29.19 -8.66 -18.09
C ILE B 233 -27.97 -9.29 -18.74
N PHE B 234 -28.01 -10.62 -18.84
CA PHE B 234 -27.01 -11.38 -19.59
C PHE B 234 -27.46 -11.58 -21.02
N LEU B 235 -26.71 -11.05 -21.97
CA LEU B 235 -26.86 -11.51 -23.35
C LEU B 235 -26.35 -12.93 -23.46
N ASN B 236 -26.92 -13.69 -24.40
CA ASN B 236 -26.59 -15.12 -24.47
C ASN B 236 -26.68 -15.68 -25.89
N GLY B 237 -26.46 -14.85 -26.91
CA GLY B 237 -26.54 -15.24 -28.30
C GLY B 237 -27.77 -14.65 -28.97
N ALA B 238 -27.86 -14.84 -30.29
CA ALA B 238 -28.94 -14.20 -31.03
C ALA B 238 -29.39 -15.06 -32.20
N GLY B 239 -30.60 -14.79 -32.67
CA GLY B 239 -31.12 -15.52 -33.81
C GLY B 239 -31.24 -16.99 -33.47
N ARG B 240 -30.76 -17.85 -34.38
CA ARG B 240 -30.74 -19.28 -34.11
C ARG B 240 -29.82 -19.61 -32.94
N GLY B 241 -28.91 -18.72 -32.59
CA GLY B 241 -27.96 -18.88 -31.52
C GLY B 241 -28.42 -18.37 -30.18
N ARG B 242 -29.67 -17.93 -30.04
CA ARG B 242 -30.15 -17.51 -28.73
C ARG B 242 -29.97 -18.63 -27.71
N PHE B 243 -29.51 -18.26 -26.50
CA PHE B 243 -29.31 -19.14 -25.36
C PHE B 243 -28.09 -20.05 -25.51
N SER B 244 -27.27 -19.86 -26.55
CA SER B 244 -26.15 -20.77 -26.81
C SER B 244 -24.80 -20.26 -26.33
N ALA B 245 -24.73 -19.03 -25.77
CA ALA B 245 -23.49 -18.49 -25.21
C ALA B 245 -23.66 -18.36 -23.69
N PHE B 246 -22.90 -19.15 -22.94
CA PHE B 246 -23.00 -19.24 -21.48
C PHE B 246 -21.79 -18.57 -20.83
N ASN B 247 -22.03 -17.89 -19.71
CA ASN B 247 -20.98 -17.17 -19.00
C ASN B 247 -21.16 -17.27 -17.50
N LEU B 248 -20.06 -17.50 -16.79
CA LEU B 248 -20.06 -17.46 -15.33
C LEU B 248 -18.96 -16.51 -14.87
N PRO B 249 -19.29 -15.26 -14.59
CA PRO B 249 -18.31 -14.32 -14.03
C PRO B 249 -18.17 -14.51 -12.52
N LEU B 250 -16.95 -14.47 -12.03
CA LEU B 250 -16.62 -14.79 -10.65
C LEU B 250 -15.78 -13.68 -10.06
N GLU B 251 -16.01 -13.41 -8.76
CA GLU B 251 -15.25 -12.38 -8.07
C GLU B 251 -13.82 -12.85 -7.81
N GLU B 252 -12.95 -11.90 -7.51
CA GLU B 252 -11.55 -12.26 -7.32
C GLU B 252 -11.38 -13.05 -6.03
N GLY B 253 -10.32 -13.87 -6.01
CA GLY B 253 -9.90 -14.59 -4.82
C GLY B 253 -10.36 -16.04 -4.71
N ILE B 254 -11.08 -16.58 -5.71
CA ILE B 254 -11.67 -17.91 -5.59
C ILE B 254 -10.58 -18.99 -5.56
N ASN B 255 -10.75 -19.99 -4.70
CA ASN B 255 -9.78 -21.08 -4.56
C ASN B 255 -10.18 -22.30 -5.41
N ASP B 256 -9.36 -23.36 -5.32
CA ASP B 256 -9.59 -24.58 -6.12
C ASP B 256 -10.98 -25.17 -5.86
N LEU B 257 -11.31 -25.38 -4.58
CA LEU B 257 -12.56 -26.06 -4.24
C LEU B 257 -13.77 -25.28 -4.72
N ASP B 258 -13.79 -23.97 -4.47
CA ASP B 258 -15.00 -23.21 -4.81
C ASP B 258 -15.15 -23.05 -6.32
N TRP B 259 -14.04 -22.88 -7.04
CA TRP B 259 -14.08 -22.85 -8.51
C TRP B 259 -14.52 -24.20 -9.07
N SER B 260 -14.03 -25.29 -8.49
CA SER B 260 -14.46 -26.63 -8.87
C SER B 260 -15.96 -26.82 -8.68
N ASN B 261 -16.46 -26.46 -7.50
CA ASN B 261 -17.88 -26.61 -7.21
C ASN B 261 -18.74 -25.64 -8.00
N ALA B 262 -18.16 -24.52 -8.41
CA ALA B 262 -18.87 -23.59 -9.29
C ALA B 262 -19.11 -24.21 -10.66
N ILE B 263 -18.08 -24.72 -11.31
CA ILE B 263 -18.27 -25.10 -12.71
C ILE B 263 -18.59 -26.58 -12.91
N GLY B 264 -18.30 -27.44 -11.95
CA GLY B 264 -18.54 -28.85 -12.10
C GLY B 264 -19.97 -29.23 -12.49
N PRO B 265 -20.98 -28.76 -11.74
CA PRO B 265 -22.36 -29.11 -12.11
C PRO B 265 -22.80 -28.49 -13.40
N ILE B 266 -22.27 -27.31 -13.74
CA ILE B 266 -22.65 -26.68 -14.99
C ILE B 266 -22.08 -27.47 -16.16
N LEU B 267 -20.82 -27.91 -16.05
CA LEU B 267 -20.21 -28.71 -17.11
C LEU B 267 -20.98 -30.01 -17.34
N ASP B 268 -21.28 -30.75 -16.26
CA ASP B 268 -22.03 -32.00 -16.39
C ASP B 268 -23.39 -31.77 -17.03
N SER B 269 -24.07 -30.69 -16.64
CA SER B 269 -25.39 -30.41 -17.20
C SER B 269 -25.29 -30.07 -18.68
N LEU B 270 -24.30 -29.25 -19.04
CA LEU B 270 -24.10 -28.94 -20.45
C LEU B 270 -23.89 -30.22 -21.26
N ASN B 271 -23.07 -31.13 -20.76
CA ASN B 271 -22.85 -32.37 -21.50
C ASN B 271 -24.13 -33.19 -21.63
N ILE B 272 -24.91 -33.26 -20.53
CA ILE B 272 -26.13 -34.06 -20.56
C ILE B 272 -27.10 -33.52 -21.60
N VAL B 273 -27.27 -32.20 -21.64
CA VAL B 273 -28.29 -31.60 -22.50
C VAL B 273 -27.79 -31.42 -23.93
N ILE B 274 -26.58 -30.88 -24.11
CA ILE B 274 -26.11 -30.59 -25.46
C ILE B 274 -25.66 -31.86 -26.20
N GLN B 275 -25.23 -32.89 -25.47
CA GLN B 275 -24.68 -34.10 -26.07
C GLN B 275 -23.67 -33.80 -27.18
N PRO B 276 -22.64 -33.02 -26.87
CA PRO B 276 -21.68 -32.61 -27.91
C PRO B 276 -20.96 -33.80 -28.54
N SER B 277 -20.62 -33.63 -29.83
CA SER B 277 -19.80 -34.60 -30.55
C SER B 277 -18.33 -34.38 -30.27
N TYR B 278 -17.96 -33.16 -29.91
CA TYR B 278 -16.61 -32.76 -29.61
C TYR B 278 -16.67 -31.75 -28.49
N VAL B 279 -15.63 -31.75 -27.65
CA VAL B 279 -15.44 -30.72 -26.63
C VAL B 279 -14.13 -30.02 -26.96
N VAL B 280 -14.10 -28.69 -26.83
CA VAL B 280 -12.88 -27.92 -27.00
C VAL B 280 -12.67 -27.13 -25.73
N VAL B 281 -11.52 -27.33 -25.08
CA VAL B 281 -11.24 -26.72 -23.79
C VAL B 281 -10.08 -25.76 -23.95
N GLN B 282 -10.29 -24.51 -23.57
CA GLN B 282 -9.17 -23.57 -23.43
C GLN B 282 -8.74 -23.61 -21.97
N CYS B 283 -7.45 -23.88 -21.74
CA CYS B 283 -6.93 -24.08 -20.39
CA CYS B 283 -6.90 -24.08 -20.41
C CYS B 283 -5.89 -23.01 -20.03
N GLY B 284 -6.21 -21.74 -20.31
CA GLY B 284 -5.33 -20.65 -19.95
C GLY B 284 -4.96 -20.74 -18.49
N ALA B 285 -3.68 -20.57 -18.16
CA ALA B 285 -3.15 -20.81 -16.82
C ALA B 285 -3.13 -19.56 -15.95
N ASP B 286 -3.78 -18.47 -16.36
CA ASP B 286 -3.67 -17.24 -15.60
C ASP B 286 -4.61 -17.18 -14.39
N CYS B 287 -5.36 -18.25 -14.11
CA CYS B 287 -6.07 -18.36 -12.82
C CYS B 287 -5.20 -18.89 -11.70
N LEU B 288 -3.97 -19.30 -11.99
CA LEU B 288 -3.08 -19.76 -10.92
C LEU B 288 -2.84 -18.64 -9.92
N ALA B 289 -2.72 -19.04 -8.64
CA ALA B 289 -2.52 -18.05 -7.59
C ALA B 289 -1.22 -17.31 -7.78
N THR B 290 -0.28 -17.88 -8.53
CA THR B 290 1.05 -17.33 -8.75
C THR B 290 1.18 -16.63 -10.09
N ASP B 291 0.11 -16.55 -10.87
CA ASP B 291 0.14 -15.72 -12.06
C ASP B 291 0.27 -14.27 -11.62
N PRO B 292 1.00 -13.44 -12.38
CA PRO B 292 1.16 -12.05 -11.97
C PRO B 292 -0.15 -11.26 -11.99
N HIS B 293 -1.22 -11.75 -12.65
CA HIS B 293 -2.51 -11.11 -12.47
C HIS B 293 -2.97 -11.13 -11.03
N ARG B 294 -2.68 -12.22 -10.32
CA ARG B 294 -3.03 -12.38 -8.90
C ARG B 294 -4.51 -12.11 -8.66
N ILE B 295 -5.37 -12.79 -9.43
CA ILE B 295 -6.82 -12.64 -9.31
C ILE B 295 -7.48 -13.86 -8.65
N PHE B 296 -7.34 -15.05 -9.26
CA PHE B 296 -7.87 -16.26 -8.64
C PHE B 296 -6.71 -16.97 -7.93
N ARG B 297 -7.06 -17.96 -7.11
CA ARG B 297 -6.06 -18.66 -6.30
C ARG B 297 -6.06 -20.15 -6.60
N LEU B 298 -6.14 -20.50 -7.87
CA LEU B 298 -6.05 -21.89 -8.28
C LEU B 298 -4.61 -22.39 -8.14
N THR B 299 -4.46 -23.72 -8.01
CA THR B 299 -3.15 -24.37 -7.91
C THR B 299 -3.01 -25.43 -9.00
N ASN B 300 -1.86 -26.11 -9.01
CA ASN B 300 -1.68 -27.34 -9.78
C ASN B 300 -1.57 -28.57 -8.88
N PHE B 301 -2.09 -28.51 -7.66
CA PHE B 301 -1.87 -29.60 -6.71
C PHE B 301 -2.67 -30.84 -7.09
N TYR B 302 -2.10 -32.02 -6.80
CA TYR B 302 -2.73 -33.31 -7.12
C TYR B 302 -2.44 -34.29 -5.99
N PRO B 303 -3.44 -34.58 -5.13
CA PRO B 303 -3.24 -35.44 -3.95
C PRO B 303 -2.81 -36.87 -4.25
N SER B 316 -7.58 -29.35 -1.90
CA SER B 316 -6.28 -29.98 -2.06
C SER B 316 -6.08 -30.47 -3.50
N LEU B 317 -7.07 -30.20 -4.36
CA LEU B 317 -7.03 -30.63 -5.75
C LEU B 317 -7.21 -29.44 -6.67
N SER B 318 -6.21 -29.19 -7.51
CA SER B 318 -6.26 -28.17 -8.55
C SER B 318 -7.63 -28.11 -9.21
N GLY B 319 -8.20 -26.90 -9.25
CA GLY B 319 -9.45 -26.71 -9.97
C GLY B 319 -9.34 -27.09 -11.44
N TYR B 320 -8.21 -26.75 -12.07
CA TYR B 320 -7.98 -27.13 -13.46
C TYR B 320 -8.04 -28.63 -13.66
N LEU B 321 -7.35 -29.38 -12.78
CA LEU B 321 -7.31 -30.83 -12.93
C LEU B 321 -8.69 -31.44 -12.67
N TYR B 322 -9.42 -30.91 -11.68
CA TYR B 322 -10.79 -31.34 -11.45
C TYR B 322 -11.62 -31.20 -12.71
N ALA B 323 -11.52 -30.04 -13.36
CA ALA B 323 -12.35 -29.76 -14.53
C ALA B 323 -11.94 -30.62 -15.71
N ILE B 324 -10.64 -30.76 -15.97
CA ILE B 324 -10.20 -31.62 -17.06
C ILE B 324 -10.62 -33.07 -16.82
N LYS B 325 -10.41 -33.56 -15.59
CA LYS B 325 -10.83 -34.93 -15.29
C LYS B 325 -12.32 -35.11 -15.56
N LYS B 326 -13.14 -34.16 -15.12
CA LYS B 326 -14.59 -34.25 -15.36
C LYS B 326 -14.91 -34.28 -16.85
N ILE B 327 -14.36 -33.33 -17.60
CA ILE B 327 -14.61 -33.30 -19.05
C ILE B 327 -14.21 -34.62 -19.70
N LEU B 328 -13.05 -35.16 -19.34
CA LEU B 328 -12.59 -36.41 -19.96
C LEU B 328 -13.44 -37.60 -19.54
N SER B 329 -14.13 -37.52 -18.41
CA SER B 329 -14.98 -38.63 -17.96
C SER B 329 -16.15 -38.85 -18.91
N TRP B 330 -16.52 -37.85 -19.70
CA TRP B 330 -17.60 -37.97 -20.68
C TRP B 330 -17.25 -38.84 -21.87
N LYS B 331 -15.95 -39.05 -22.13
CA LYS B 331 -15.48 -39.88 -23.24
C LYS B 331 -15.98 -39.35 -24.57
N VAL B 332 -15.92 -38.04 -24.72
CA VAL B 332 -16.21 -37.32 -25.97
C VAL B 332 -14.88 -36.83 -26.53
N PRO B 333 -14.61 -37.00 -27.83
CA PRO B 333 -13.35 -36.51 -28.40
C PRO B 333 -13.14 -35.04 -28.06
N THR B 334 -11.94 -34.73 -27.55
CA THR B 334 -11.69 -33.47 -26.86
C THR B 334 -10.38 -32.85 -27.35
N LEU B 335 -10.40 -31.54 -27.56
CA LEU B 335 -9.23 -30.75 -27.89
C LEU B 335 -8.89 -29.90 -26.67
N ILE B 336 -7.67 -30.06 -26.14
CA ILE B 336 -7.20 -29.26 -25.00
C ILE B 336 -6.17 -28.26 -25.48
N LEU B 337 -6.46 -26.97 -25.32
CA LEU B 337 -5.60 -25.89 -25.79
C LEU B 337 -5.01 -25.12 -24.62
N GLY B 338 -3.97 -24.34 -24.92
CA GLY B 338 -3.41 -23.45 -23.92
C GLY B 338 -4.10 -22.10 -23.87
N GLY B 339 -3.32 -21.03 -23.90
CA GLY B 339 -3.86 -19.69 -23.74
C GLY B 339 -3.01 -18.83 -22.84
N GLY B 340 -3.65 -18.04 -21.98
CA GLY B 340 -2.91 -17.17 -21.08
C GLY B 340 -2.07 -17.95 -20.10
N GLY B 341 -1.23 -17.22 -19.38
CA GLY B 341 -0.35 -17.81 -18.39
C GLY B 341 0.98 -17.11 -18.43
N TYR B 342 1.20 -16.21 -17.48
CA TYR B 342 2.30 -15.27 -17.58
C TYR B 342 3.39 -15.54 -16.56
N ASN B 343 3.22 -16.56 -15.73
CA ASN B 343 4.29 -17.16 -14.92
C ASN B 343 4.69 -18.41 -15.69
N PHE B 344 5.78 -18.33 -16.48
CA PHE B 344 6.04 -19.41 -17.44
C PHE B 344 6.39 -20.71 -16.73
N PRO B 345 7.25 -20.72 -15.69
CA PRO B 345 7.50 -22.02 -15.02
C PRO B 345 6.24 -22.62 -14.40
N ASP B 346 5.41 -21.79 -13.78
CA ASP B 346 4.21 -22.35 -13.13
C ASP B 346 3.19 -22.78 -14.18
N THR B 347 3.12 -22.08 -15.30
CA THR B 347 2.31 -22.54 -16.41
C THR B 347 2.77 -23.91 -16.90
N ALA B 348 4.10 -24.09 -17.05
CA ALA B 348 4.61 -25.41 -17.41
C ALA B 348 4.28 -26.44 -16.33
N ARG B 349 4.40 -26.06 -15.05
CA ARG B 349 4.05 -26.98 -13.96
C ARG B 349 2.62 -27.46 -14.08
N LEU B 350 1.69 -26.55 -14.39
CA LEU B 350 0.27 -26.92 -14.48
C LEU B 350 0.02 -27.79 -15.71
N TRP B 351 0.47 -27.33 -16.88
CA TRP B 351 0.15 -28.02 -18.12
C TRP B 351 0.82 -29.37 -18.21
N THR B 352 1.95 -29.56 -17.51
CA THR B 352 2.54 -30.90 -17.41
C THR B 352 1.61 -31.84 -16.64
N ARG B 353 1.04 -31.38 -15.52
CA ARG B 353 0.10 -32.22 -14.78
C ARG B 353 -1.19 -32.45 -15.57
N VAL B 354 -1.64 -31.46 -16.33
CA VAL B 354 -2.80 -31.68 -17.20
C VAL B 354 -2.48 -32.75 -18.23
N THR B 355 -1.28 -32.69 -18.82
CA THR B 355 -0.89 -33.70 -19.80
C THR B 355 -0.83 -35.08 -19.16
N ALA B 356 -0.19 -35.19 -17.98
CA ALA B 356 -0.15 -36.46 -17.29
C ALA B 356 -1.55 -36.99 -16.99
N LEU B 357 -2.42 -36.12 -16.45
CA LEU B 357 -3.77 -36.54 -16.13
C LEU B 357 -4.49 -37.07 -17.38
N THR B 358 -4.31 -36.40 -18.51
CA THR B 358 -5.00 -36.80 -19.73
C THR B 358 -4.55 -38.20 -20.17
N ILE B 359 -3.24 -38.46 -20.10
CA ILE B 359 -2.76 -39.81 -20.35
C ILE B 359 -3.43 -40.81 -19.39
N GLU B 360 -3.48 -40.49 -18.09
CA GLU B 360 -4.06 -41.43 -17.12
C GLU B 360 -5.51 -41.73 -17.45
N GLU B 361 -6.29 -40.70 -17.78
CA GLU B 361 -7.72 -40.90 -17.96
C GLU B 361 -8.00 -41.61 -19.27
N VAL B 362 -7.28 -41.26 -20.32
CA VAL B 362 -7.55 -41.84 -21.64
C VAL B 362 -6.94 -43.23 -21.78
N LYS B 363 -5.72 -43.42 -21.31
CA LYS B 363 -5.02 -44.70 -21.47
C LYS B 363 -5.21 -45.66 -20.31
N GLY B 364 -5.76 -45.22 -19.17
CA GLY B 364 -5.83 -46.08 -18.00
C GLY B 364 -4.47 -46.52 -17.48
N LYS B 365 -3.43 -45.71 -17.71
CA LYS B 365 -2.07 -45.95 -17.24
C LYS B 365 -1.71 -44.94 -16.16
N LYS B 366 -1.19 -45.44 -15.03
CA LYS B 366 -0.75 -44.55 -13.97
C LYS B 366 0.43 -43.70 -14.42
N MET B 367 0.32 -42.39 -14.26
CA MET B 367 1.42 -41.48 -14.56
C MET B 367 1.89 -40.91 -13.22
N THR B 368 3.00 -41.41 -12.73
CA THR B 368 3.56 -40.95 -11.46
C THR B 368 4.65 -39.92 -11.73
N ILE B 369 4.45 -38.72 -11.19
CA ILE B 369 5.31 -37.58 -11.45
C ILE B 369 6.10 -37.28 -10.18
N SER B 370 7.42 -37.33 -10.26
CA SER B 370 8.24 -37.02 -9.11
C SER B 370 7.99 -35.59 -8.63
N PRO B 371 7.95 -35.36 -7.32
CA PRO B 371 7.79 -33.97 -6.84
C PRO B 371 8.98 -33.09 -7.16
N GLU B 372 10.16 -33.66 -7.39
CA GLU B 372 11.34 -32.91 -7.79
C GLU B 372 11.36 -32.76 -9.31
N ILE B 373 11.54 -31.53 -9.77
CA ILE B 373 11.69 -31.26 -11.21
C ILE B 373 12.86 -32.09 -11.74
N PRO B 374 12.69 -32.82 -12.84
CA PRO B 374 13.79 -33.62 -13.39
C PRO B 374 14.86 -32.76 -14.05
N GLU B 375 16.06 -33.33 -14.13
CA GLU B 375 17.13 -32.72 -14.92
C GLU B 375 16.69 -32.46 -16.35
N HIS B 376 16.93 -31.22 -16.82
CA HIS B 376 16.76 -30.83 -18.22
C HIS B 376 17.27 -29.39 -18.34
N SER B 377 17.39 -28.92 -19.59
CA SER B 377 18.14 -27.67 -19.79
C SER B 377 17.40 -26.44 -19.26
N TYR B 378 16.12 -26.55 -18.89
CA TYR B 378 15.40 -25.46 -18.23
C TYR B 378 15.24 -25.68 -16.72
N PHE B 379 15.96 -26.63 -16.13
CA PHE B 379 15.87 -26.88 -14.69
C PHE B 379 16.00 -25.59 -13.86
N SER B 380 16.95 -24.73 -14.22
CA SER B 380 17.21 -23.54 -13.40
C SER B 380 16.05 -22.56 -13.37
N ARG B 381 15.07 -22.72 -14.25
CA ARG B 381 13.89 -21.85 -14.25
C ARG B 381 12.88 -22.19 -13.15
N TYR B 382 13.08 -23.30 -12.45
CA TYR B 382 12.12 -23.78 -11.46
C TYR B 382 12.58 -23.52 -10.03
N GLY B 383 13.55 -22.62 -9.85
CA GLY B 383 14.00 -22.26 -8.50
C GLY B 383 12.97 -21.43 -7.76
N PRO B 384 13.19 -21.21 -6.44
CA PRO B 384 14.33 -21.74 -5.69
C PRO B 384 14.08 -23.14 -5.13
N ASP B 385 12.88 -23.66 -5.35
CA ASP B 385 12.47 -24.93 -4.76
C ASP B 385 12.74 -26.12 -5.68
N PHE B 386 12.62 -25.93 -7.00
CA PHE B 386 12.77 -27.00 -8.00
C PHE B 386 11.79 -28.15 -7.74
N GLU B 387 10.56 -27.80 -7.34
CA GLU B 387 9.50 -28.77 -7.13
C GLU B 387 8.36 -28.54 -8.12
N LEU B 388 7.57 -29.59 -8.35
CA LEU B 388 6.49 -29.54 -9.32
C LEU B 388 5.29 -28.72 -8.83
N ASP B 389 4.96 -28.81 -7.55
CA ASP B 389 3.88 -28.00 -6.97
C ASP B 389 4.26 -26.52 -7.05
N ILE B 390 3.29 -25.67 -7.42
CA ILE B 390 3.56 -24.24 -7.36
C ILE B 390 3.80 -23.81 -5.91
N ASP B 391 4.56 -22.72 -5.74
CA ASP B 391 4.99 -22.24 -4.44
C ASP B 391 3.93 -21.29 -3.91
N TYR B 392 2.87 -21.88 -3.37
CA TYR B 392 1.72 -21.16 -2.88
C TYR B 392 1.11 -21.95 -1.74
N PHE B 393 0.60 -21.24 -0.74
CA PHE B 393 -0.01 -21.85 0.46
C PHE B 393 -1.47 -21.44 0.56
N PRO B 394 -2.39 -22.26 0.09
CA PRO B 394 -3.82 -21.88 0.12
C PRO B 394 -4.33 -21.68 1.53
N HIS B 395 -5.19 -20.68 1.71
CA HIS B 395 -5.55 -20.23 3.06
C HIS B 395 -6.92 -19.60 3.06
N GLU B 396 -7.44 -19.42 4.28
CA GLU B 396 -8.80 -18.89 4.56
C GLU B 396 -9.85 -19.41 3.58
N LYS B 400 -17.30 -17.31 1.64
CA LYS B 400 -18.02 -17.94 2.72
C LYS B 400 -19.52 -17.97 2.42
N THR B 401 -20.35 -17.67 3.42
CA THR B 401 -21.80 -17.81 3.27
C THR B 401 -22.34 -16.93 2.15
N LEU B 402 -21.79 -15.71 2.01
CA LEU B 402 -22.33 -14.68 1.11
C LEU B 402 -21.73 -14.70 -0.28
N ASP B 403 -20.63 -15.42 -0.51
CA ASP B 403 -19.94 -15.46 -1.79
C ASP B 403 -20.44 -16.58 -2.70
N SER B 404 -21.58 -17.18 -2.40
CA SER B 404 -22.09 -18.26 -3.22
C SER B 404 -22.63 -17.71 -4.55
N ILE B 405 -22.87 -18.63 -5.48
CA ILE B 405 -23.34 -18.29 -6.82
C ILE B 405 -24.53 -19.15 -7.21
N GLN B 406 -25.39 -19.48 -6.23
CA GLN B 406 -26.53 -20.35 -6.55
C GLN B 406 -27.48 -19.68 -7.51
N LYS B 407 -27.59 -18.35 -7.48
CA LYS B 407 -28.46 -17.71 -8.46
C LYS B 407 -27.88 -17.78 -9.88
N HIS B 408 -26.55 -17.82 -10.00
CA HIS B 408 -25.94 -18.08 -11.30
C HIS B 408 -26.25 -19.49 -11.80
N HIS B 409 -26.15 -20.50 -10.94
CA HIS B 409 -26.59 -21.85 -11.32
C HIS B 409 -28.03 -21.83 -11.85
N ARG B 410 -28.93 -21.21 -11.10
CA ARG B 410 -30.34 -21.18 -11.52
C ARG B 410 -30.51 -20.48 -12.87
N ARG B 411 -29.80 -19.38 -13.07
CA ARG B 411 -29.87 -18.62 -14.32
C ARG B 411 -29.31 -19.44 -15.47
N ILE B 412 -28.15 -20.07 -15.26
CA ILE B 412 -27.54 -20.86 -16.31
C ILE B 412 -28.40 -22.06 -16.66
N LEU B 413 -28.99 -22.73 -15.65
CA LEU B 413 -29.84 -23.88 -15.95
C LEU B 413 -31.10 -23.47 -16.69
N GLU B 414 -31.71 -22.33 -16.33
CA GLU B 414 -32.85 -21.85 -17.11
C GLU B 414 -32.45 -21.59 -18.55
N GLN B 415 -31.28 -20.97 -18.75
CA GLN B 415 -30.76 -20.77 -20.09
C GLN B 415 -30.59 -22.09 -20.83
N LEU B 416 -30.06 -23.12 -20.15
CA LEU B 416 -29.87 -24.41 -20.79
C LEU B 416 -31.20 -25.03 -21.21
N ARG B 417 -32.22 -24.89 -20.37
CA ARG B 417 -33.57 -25.35 -20.72
C ARG B 417 -34.12 -24.57 -21.91
N ASN B 418 -33.88 -23.26 -21.96
CA ASN B 418 -34.34 -22.49 -23.12
C ASN B 418 -33.61 -22.88 -24.39
N TYR B 419 -32.30 -23.16 -24.28
CA TYR B 419 -31.56 -23.65 -25.43
C TYR B 419 -32.13 -24.98 -25.94
N ALA B 420 -32.40 -25.92 -25.02
CA ALA B 420 -32.95 -27.21 -25.43
C ALA B 420 -34.29 -27.04 -26.12
N ASP B 421 -35.16 -26.18 -25.59
CA ASP B 421 -36.47 -25.95 -26.17
C ASP B 421 -36.36 -25.36 -27.57
N LEU B 422 -35.57 -24.28 -27.71
CA LEU B 422 -35.37 -23.65 -29.02
C LEU B 422 -34.86 -24.64 -30.05
N ASN B 423 -33.98 -25.55 -29.65
CA ASN B 423 -33.34 -26.45 -30.59
C ASN B 423 -33.97 -27.84 -30.60
N LYS B 424 -35.11 -28.02 -29.95
CA LYS B 424 -35.87 -29.27 -29.95
C LYS B 424 -35.03 -30.46 -29.47
N LEU B 425 -34.22 -30.24 -28.43
CA LEU B 425 -33.46 -31.31 -27.81
C LEU B 425 -34.18 -31.81 -26.55
N ILE B 426 -33.98 -33.08 -26.22
CA ILE B 426 -34.53 -33.61 -24.99
C ILE B 426 -33.87 -32.90 -23.82
N TYR B 427 -34.67 -32.38 -22.90
CA TYR B 427 -34.21 -31.82 -21.65
C TYR B 427 -34.54 -32.84 -20.56
N ASP B 428 -33.52 -33.57 -20.11
CA ASP B 428 -33.70 -34.70 -19.20
C ASP B 428 -33.66 -34.18 -17.77
N TYR B 429 -34.81 -33.66 -17.32
CA TYR B 429 -34.93 -33.05 -16.00
C TYR B 429 -34.43 -33.97 -14.90
N ASP B 430 -34.85 -35.24 -14.94
CA ASP B 430 -34.51 -36.16 -13.85
C ASP B 430 -33.00 -36.29 -13.70
N GLN B 431 -32.27 -36.33 -14.82
CA GLN B 431 -30.83 -36.51 -14.76
C GLN B 431 -30.13 -35.25 -14.23
N VAL B 432 -30.53 -34.08 -14.73
CA VAL B 432 -29.96 -32.84 -14.22
C VAL B 432 -30.32 -32.66 -12.75
N TYR B 433 -31.55 -32.99 -12.40
CA TYR B 433 -31.97 -32.88 -11.01
C TYR B 433 -31.10 -33.75 -10.11
N GLN B 434 -30.88 -35.01 -10.50
CA GLN B 434 -30.08 -35.89 -9.66
C GLN B 434 -28.68 -35.35 -9.49
N LEU B 435 -28.13 -34.80 -10.58
CA LEU B 435 -26.79 -34.23 -10.57
C LEU B 435 -26.67 -33.13 -9.52
N TYR B 436 -27.62 -32.17 -9.54
CA TYR B 436 -27.58 -31.08 -8.58
C TYR B 436 -27.95 -31.55 -7.19
N ASN B 437 -28.78 -32.59 -7.08
CA ASN B 437 -29.14 -32.99 -5.74
C ASN B 437 -28.02 -33.72 -5.02
N LEU B 438 -26.97 -34.12 -5.73
CA LEU B 438 -25.80 -34.67 -5.05
C LEU B 438 -25.21 -33.68 -4.06
N THR B 439 -25.37 -32.38 -4.30
CA THR B 439 -25.00 -31.36 -3.32
C THR B 439 -26.22 -30.71 -2.69
N GLY B 440 -27.37 -31.38 -2.71
CA GLY B 440 -28.58 -30.81 -2.14
C GLY B 440 -29.07 -29.54 -2.82
N MET B 441 -28.68 -29.32 -4.07
CA MET B 441 -29.12 -28.13 -4.82
C MET B 441 -30.10 -28.49 -5.93
N GLY B 442 -30.79 -29.63 -5.79
CA GLY B 442 -31.73 -30.05 -6.82
C GLY B 442 -32.83 -29.03 -7.07
N SER B 443 -33.13 -28.20 -6.07
CA SER B 443 -34.20 -27.21 -6.21
C SER B 443 -33.86 -26.12 -7.21
N LEU B 444 -32.58 -25.97 -7.54
CA LEU B 444 -32.17 -24.97 -8.51
C LEU B 444 -32.52 -25.36 -9.93
N VAL B 445 -32.88 -26.62 -10.17
CA VAL B 445 -33.05 -27.11 -11.54
C VAL B 445 -34.47 -26.79 -12.02
N PRO B 446 -34.63 -26.10 -13.15
CA PRO B 446 -35.97 -25.86 -13.70
C PRO B 446 -36.51 -27.09 -14.40
N ARG B 447 -37.83 -27.25 -14.37
CA ARG B 447 -38.44 -28.38 -15.07
C ARG B 447 -38.56 -28.12 -16.58
N SER C 3 28.28 39.66 17.32
CA SER C 3 29.11 38.58 16.81
C SER C 3 28.34 37.27 16.76
N VAL C 4 28.27 36.62 15.59
CA VAL C 4 27.69 35.27 15.46
C VAL C 4 28.84 34.28 15.35
N GLY C 5 28.91 33.35 16.29
CA GLY C 5 29.92 32.30 16.28
C GLY C 5 29.41 31.02 15.65
N ILE C 6 30.36 30.20 15.20
CA ILE C 6 30.01 28.88 14.68
C ILE C 6 31.15 27.93 15.03
N VAL C 7 30.81 26.74 15.53
CA VAL C 7 31.81 25.78 15.97
C VAL C 7 32.33 24.99 14.77
N TYR C 8 33.65 25.03 14.55
CA TYR C 8 34.24 24.13 13.56
C TYR C 8 35.75 24.08 13.76
N GLY C 9 36.35 23.11 13.09
CA GLY C 9 37.78 22.86 13.13
C GLY C 9 38.06 21.62 12.30
N ASP C 10 39.32 21.46 11.92
CA ASP C 10 39.65 20.36 11.01
C ASP C 10 39.42 19.00 11.69
N GLN C 11 39.97 18.82 12.89
CA GLN C 11 39.76 17.56 13.59
C GLN C 11 38.31 17.39 14.00
N TYR C 12 37.67 18.47 14.44
CA TYR C 12 36.24 18.40 14.77
C TYR C 12 35.43 17.88 13.61
N ARG C 13 35.71 18.36 12.40
CA ARG C 13 34.98 17.90 11.24
C ARG C 13 35.20 16.41 11.01
N GLN C 14 36.44 15.94 11.12
CA GLN C 14 36.72 14.52 10.95
C GLN C 14 35.91 13.70 11.94
N LEU C 15 35.93 14.09 13.22
CA LEU C 15 35.24 13.31 14.24
C LEU C 15 33.73 13.35 14.05
N CYS C 16 33.18 14.51 13.72
CA CYS C 16 31.73 14.63 13.51
C CYS C 16 31.26 13.84 12.29
N CYS C 17 32.17 13.51 11.37
CA CYS C 17 31.85 12.71 10.21
C CYS C 17 32.25 11.24 10.36
N SER C 18 32.55 10.79 11.57
CA SER C 18 33.08 9.44 11.75
C SER C 18 32.04 8.41 12.18
N SER C 19 30.70 8.81 12.33
CA SER C 19 29.80 7.78 12.82
C SER C 19 29.10 7.08 11.66
N PRO C 20 28.71 5.81 11.86
CA PRO C 20 27.94 5.12 10.81
C PRO C 20 26.56 5.71 10.57
N LYS C 21 25.91 6.28 11.58
CA LYS C 21 24.57 6.80 11.35
C LYS C 21 24.58 8.14 10.61
N PHE C 22 25.45 9.06 10.99
CA PHE C 22 25.34 10.39 10.40
C PHE C 22 26.39 10.67 9.33
N GLY C 23 27.26 9.71 9.03
CA GLY C 23 28.13 9.80 7.86
C GLY C 23 28.79 11.15 7.75
N ASP C 24 28.77 11.72 6.54
CA ASP C 24 29.41 13.00 6.26
C ASP C 24 28.46 14.18 6.34
N ARG C 25 27.34 14.04 7.07
CA ARG C 25 26.34 15.12 7.09
C ARG C 25 26.95 16.45 7.53
N TYR C 26 27.76 16.42 8.59
CA TYR C 26 28.33 17.66 9.11
C TYR C 26 29.19 18.34 8.05
N ALA C 27 29.91 17.57 7.24
CA ALA C 27 30.72 18.14 6.16
C ALA C 27 29.85 18.79 5.09
N LEU C 28 28.74 18.14 4.70
CA LEU C 28 27.85 18.79 3.74
C LEU C 28 27.35 20.11 4.29
N VAL C 29 26.93 20.12 5.56
CA VAL C 29 26.39 21.31 6.18
C VAL C 29 27.41 22.44 6.16
N MET C 30 28.61 22.16 6.67
CA MET C 30 29.58 23.24 6.78
C MET C 30 30.12 23.67 5.42
N ASP C 31 30.23 22.74 4.47
CA ASP C 31 30.71 23.11 3.15
C ASP C 31 29.66 23.89 2.36
N LEU C 32 28.37 23.65 2.60
CA LEU C 32 27.36 24.45 1.93
C LEU C 32 27.34 25.86 2.50
N ILE C 33 27.49 25.98 3.82
CA ILE C 33 27.64 27.28 4.46
C ILE C 33 28.86 28.00 3.89
N ASN C 34 29.96 27.28 3.72
CA ASN C 34 31.16 27.85 3.13
C ASN C 34 30.94 28.25 1.67
N ALA C 35 30.30 27.39 0.89
CA ALA C 35 30.12 27.67 -0.53
C ALA C 35 29.26 28.89 -0.78
N TYR C 36 28.33 29.19 0.14
CA TYR C 36 27.49 30.38 0.06
C TYR C 36 28.21 31.62 0.62
N LYS C 37 29.50 31.50 0.91
CA LYS C 37 30.37 32.60 1.36
C LYS C 37 29.93 33.16 2.71
N LEU C 38 29.37 32.32 3.57
CA LEU C 38 28.92 32.73 4.90
C LEU C 38 30.03 32.69 5.94
N ILE C 39 31.07 31.88 5.70
CA ILE C 39 32.09 31.68 6.74
C ILE C 39 32.78 32.98 7.11
N PRO C 40 33.11 33.89 6.19
CA PRO C 40 33.76 35.15 6.61
C PRO C 40 32.90 36.03 7.48
N GLU C 41 31.58 35.83 7.51
CA GLU C 41 30.70 36.57 8.40
C GLU C 41 30.71 36.05 9.83
N LEU C 42 31.28 34.87 10.08
CA LEU C 42 31.13 34.18 11.36
C LEU C 42 32.45 34.07 12.11
N SER C 43 32.34 34.10 13.43
CA SER C 43 33.49 33.89 14.31
CA SER C 43 33.49 33.89 14.31
C SER C 43 33.65 32.40 14.58
N ARG C 44 34.80 31.84 14.17
CA ARG C 44 35.03 30.43 14.47
C ARG C 44 35.21 30.24 15.97
N VAL C 45 34.41 29.35 16.55
CA VAL C 45 34.51 29.01 17.97
C VAL C 45 35.21 27.65 18.05
N PRO C 46 36.42 27.58 18.58
CA PRO C 46 37.13 26.30 18.59
C PRO C 46 36.54 25.38 19.64
N PRO C 47 36.37 24.10 19.33
CA PRO C 47 35.90 23.14 20.34
C PRO C 47 36.82 23.12 21.56
N LEU C 48 36.20 22.92 22.73
CA LEU C 48 36.94 22.88 23.98
C LEU C 48 37.87 21.68 24.02
N GLN C 49 39.12 21.91 24.43
CA GLN C 49 40.04 20.85 24.77
C GLN C 49 40.55 21.06 26.20
N TRP C 50 41.00 19.98 26.84
CA TRP C 50 41.31 19.99 28.26
C TRP C 50 42.80 19.76 28.51
N ASP C 51 43.23 20.11 29.74
CA ASP C 51 44.61 19.94 30.19
C ASP C 51 45.00 18.51 30.55
N SER C 52 44.04 17.62 30.72
CA SER C 52 44.32 16.29 31.25
C SER C 52 43.10 15.41 31.05
N PRO C 53 43.30 14.09 31.00
CA PRO C 53 42.15 13.16 31.07
C PRO C 53 41.23 13.42 32.26
N SER C 54 41.79 13.77 33.42
CA SER C 54 40.95 14.00 34.59
C SER C 54 40.05 15.21 34.41
N ARG C 55 40.57 16.28 33.81
CA ARG C 55 39.72 17.45 33.57
C ARG C 55 38.59 17.11 32.60
N MET C 56 38.89 16.35 31.54
CA MET C 56 37.83 15.93 30.61
C MET C 56 36.77 15.12 31.33
N TYR C 57 37.20 14.16 32.15
CA TYR C 57 36.27 13.35 32.90
C TYR C 57 35.39 14.20 33.82
N GLU C 58 36.00 15.16 34.49
CA GLU C 58 35.26 16.06 35.38
C GLU C 58 34.18 16.80 34.61
N ALA C 59 34.50 17.24 33.39
CA ALA C 59 33.51 17.97 32.60
C ALA C 59 32.38 17.06 32.18
N VAL C 60 32.70 15.86 31.68
CA VAL C 60 31.64 14.99 31.14
C VAL C 60 30.77 14.45 32.27
N THR C 61 31.38 14.09 33.40
CA THR C 61 30.62 13.55 34.53
C THR C 61 29.94 14.63 35.35
N ALA C 62 29.97 15.89 34.92
CA ALA C 62 29.05 16.86 35.50
C ALA C 62 27.61 16.42 35.33
N PHE C 63 27.32 15.67 34.26
CA PHE C 63 26.03 15.06 34.03
C PHE C 63 26.09 13.53 34.05
N HIS C 64 26.96 12.93 33.24
CA HIS C 64 26.97 11.50 33.05
C HIS C 64 27.66 10.79 34.22
N SER C 65 27.29 9.53 34.42
CA SER C 65 27.95 8.80 35.52
C SER C 65 29.34 8.37 35.09
N THR C 66 30.24 8.22 36.08
CA THR C 66 31.58 7.75 35.79
C THR C 66 31.56 6.36 35.15
N GLU C 67 30.69 5.46 35.65
CA GLU C 67 30.67 4.11 35.11
C GLU C 67 30.18 4.08 33.67
N TYR C 68 29.26 4.97 33.30
CA TYR C 68 28.83 5.08 31.91
C TYR C 68 29.96 5.63 31.02
N VAL C 69 30.63 6.70 31.45
CA VAL C 69 31.73 7.24 30.66
C VAL C 69 32.82 6.19 30.51
N ASP C 70 33.13 5.48 31.59
CA ASP C 70 34.12 4.40 31.51
C ASP C 70 33.72 3.38 30.45
N ALA C 71 32.45 3.00 30.41
CA ALA C 71 31.99 1.96 29.50
C ALA C 71 32.09 2.42 28.05
N LEU C 72 31.71 3.68 27.80
CA LEU C 72 31.80 4.22 26.44
C LEU C 72 33.25 4.29 25.98
N LYS C 73 34.16 4.66 26.87
CA LYS C 73 35.57 4.68 26.52
C LYS C 73 36.06 3.27 26.22
N LYS C 74 35.62 2.30 27.01
CA LYS C 74 36.00 0.90 26.78
C LYS C 74 35.43 0.39 25.46
N LEU C 75 34.18 0.77 25.14
CA LEU C 75 33.56 0.37 23.88
C LEU C 75 34.41 0.82 22.69
N GLN C 76 34.90 2.05 22.74
CA GLN C 76 35.77 2.52 21.66
C GLN C 76 37.04 1.68 21.59
N MET C 77 37.69 1.48 22.73
CA MET C 77 38.90 0.66 22.75
C MET C 77 38.66 -0.72 22.14
N LEU C 78 37.56 -1.37 22.55
CA LEU C 78 37.25 -2.70 22.04
C LEU C 78 37.08 -2.68 20.53
N HIS C 79 36.38 -1.66 20.01
CA HIS C 79 36.15 -1.61 18.56
C HIS C 79 37.40 -1.26 17.77
N CYS C 80 38.45 -0.77 18.41
CA CYS C 80 39.69 -0.47 17.72
C CYS C 80 40.63 -1.67 17.61
N GLU C 81 40.26 -2.84 18.12
CA GLU C 81 41.09 -4.03 17.94
C GLU C 81 40.29 -5.23 17.41
N GLU C 84 36.69 -9.99 19.26
CA GLU C 84 35.29 -9.85 19.64
C GLU C 84 35.14 -9.62 21.12
N LEU C 85 34.03 -8.99 21.51
CA LEU C 85 33.73 -8.79 22.91
C LEU C 85 33.58 -10.13 23.61
N THR C 86 34.01 -10.19 24.87
CA THR C 86 33.64 -11.31 25.72
C THR C 86 32.16 -11.19 26.09
N ALA C 87 31.62 -12.27 26.66
CA ALA C 87 30.21 -12.28 27.04
C ALA C 87 29.93 -11.25 28.14
N ASP C 88 30.84 -11.12 29.10
CA ASP C 88 30.64 -10.11 30.13
C ASP C 88 30.77 -8.68 29.59
N ASP C 89 31.64 -8.47 28.59
CA ASP C 89 31.72 -7.14 27.97
C ASP C 89 30.42 -6.80 27.25
N GLU C 90 29.83 -7.77 26.55
CA GLU C 90 28.54 -7.56 25.91
C GLU C 90 27.48 -7.17 26.94
N LEU C 91 27.43 -7.88 28.07
CA LEU C 91 26.44 -7.55 29.08
C LEU C 91 26.69 -6.17 29.65
N LEU C 92 27.97 -5.81 29.83
CA LEU C 92 28.31 -4.49 30.35
C LEU C 92 27.77 -3.41 29.42
N MET C 93 28.06 -3.54 28.12
CA MET C 93 27.54 -2.57 27.14
C MET C 93 26.02 -2.57 27.09
N ASP C 94 25.40 -3.75 27.18
CA ASP C 94 23.94 -3.82 27.16
C ASP C 94 23.33 -3.09 28.36
N SER C 95 24.02 -3.10 29.50
CA SER C 95 23.51 -2.46 30.71
C SER C 95 23.47 -0.94 30.61
N PHE C 96 24.14 -0.36 29.62
CA PHE C 96 24.13 1.08 29.35
C PHE C 96 23.43 1.38 28.04
N SER C 97 22.77 0.38 27.44
CA SER C 97 22.07 0.50 26.16
C SER C 97 23.03 0.89 25.03
N LEU C 98 24.29 0.44 25.15
CA LEU C 98 25.26 0.65 24.08
C LEU C 98 25.17 -0.53 23.12
N ASN C 99 24.06 -0.56 22.39
CA ASN C 99 23.78 -1.68 21.51
C ASN C 99 22.90 -1.19 20.37
N TYR C 100 22.55 -2.15 19.49
CA TYR C 100 21.66 -1.97 18.34
C TYR C 100 21.57 -0.53 17.85
N ASP C 101 20.81 0.28 18.59
CA ASP C 101 20.50 1.66 18.21
C ASP C 101 21.65 2.62 18.53
N CYS C 102 22.48 2.30 19.51
CA CYS C 102 23.67 3.08 19.84
C CYS C 102 24.86 2.14 19.91
N PRO C 103 25.25 1.56 18.79
CA PRO C 103 26.32 0.57 18.78
C PRO C 103 27.69 1.24 18.93
N GLY C 104 28.67 0.38 19.21
CA GLY C 104 30.04 0.83 19.16
C GLY C 104 30.57 0.92 17.74
N PHE C 105 31.61 1.72 17.60
CA PHE C 105 32.40 1.81 16.38
C PHE C 105 33.75 2.40 16.77
N PRO C 106 34.75 2.34 15.88
CA PRO C 106 36.11 2.68 16.33
C PRO C 106 36.28 4.08 16.90
N SER C 107 35.44 5.05 16.55
CA SER C 107 35.58 6.41 17.07
C SER C 107 34.43 6.82 17.98
N VAL C 108 33.73 5.86 18.61
CA VAL C 108 32.44 6.21 19.22
C VAL C 108 32.63 7.17 20.39
N PHE C 109 33.70 7.00 21.18
CA PHE C 109 33.92 7.95 22.27
C PHE C 109 34.35 9.31 21.74
N ASP C 110 35.34 9.32 20.84
CA ASP C 110 35.84 10.59 20.30
C ASP C 110 34.74 11.34 19.56
N TYR C 111 33.91 10.63 18.81
CA TYR C 111 32.76 11.23 18.14
C TYR C 111 31.79 11.86 19.13
N SER C 112 31.40 11.09 20.17
CA SER C 112 30.45 11.58 21.18
C SER C 112 31.02 12.75 21.95
N LEU C 113 32.29 12.64 22.33
CA LEU C 113 32.96 13.72 23.06
C LEU C 113 33.03 15.00 22.23
N ALA C 114 33.26 14.87 20.91
CA ALA C 114 33.39 16.06 20.07
C ALA C 114 32.19 17.00 20.21
N ALA C 115 30.96 16.46 20.19
CA ALA C 115 29.78 17.32 20.32
C ALA C 115 29.76 18.04 21.66
N VAL C 116 30.19 17.37 22.74
CA VAL C 116 30.36 18.02 24.03
C VAL C 116 31.37 19.15 23.92
N GLN C 117 32.55 18.86 23.33
CA GLN C 117 33.59 19.88 23.21
C GLN C 117 33.06 21.11 22.48
N GLY C 118 32.31 20.91 21.40
CA GLY C 118 31.80 22.04 20.64
C GLY C 118 30.75 22.82 21.41
N SER C 119 29.82 22.11 22.08
CA SER C 119 28.73 22.82 22.74
C SER C 119 29.19 23.52 24.00
N LEU C 120 30.20 22.98 24.69
CA LEU C 120 30.74 23.68 25.85
C LEU C 120 31.50 24.92 25.44
N ALA C 121 32.28 24.84 24.36
CA ALA C 121 32.95 26.04 23.87
C ALA C 121 31.94 27.09 23.45
N ALA C 122 30.88 26.66 22.77
CA ALA C 122 29.82 27.59 22.38
C ALA C 122 29.23 28.30 23.59
N ALA C 123 28.89 27.54 24.63
CA ALA C 123 28.38 28.15 25.86
C ALA C 123 29.37 29.17 26.43
N SER C 124 30.65 28.81 26.48
CA SER C 124 31.66 29.72 27.00
C SER C 124 31.76 31.01 26.19
N ALA C 125 31.63 30.91 24.87
CA ALA C 125 31.69 32.11 24.05
C ALA C 125 30.50 33.03 24.34
N LEU C 126 29.35 32.46 24.68
CA LEU C 126 28.21 33.31 25.07
C LEU C 126 28.44 33.95 26.43
N ILE C 127 29.01 33.19 27.38
CA ILE C 127 29.15 33.67 28.76
C ILE C 127 30.12 34.85 28.84
N CYS C 128 31.25 34.75 28.14
CA CYS C 128 32.21 35.86 28.14
C CYS C 128 31.83 36.94 27.16
N ARG C 129 30.65 36.84 26.53
CA ARG C 129 30.12 37.89 25.65
C ARG C 129 30.96 38.07 24.39
N HIS C 130 31.73 37.07 24.01
CA HIS C 130 32.43 37.14 22.73
C HIS C 130 31.43 37.06 21.57
N CYS C 131 30.38 36.26 21.72
CA CYS C 131 29.37 36.11 20.67
C CYS C 131 28.00 36.33 21.28
N GLU C 132 27.10 36.93 20.49
CA GLU C 132 25.71 37.07 20.89
C GLU C 132 24.93 35.81 20.58
N VAL C 133 25.32 35.10 19.51
CA VAL C 133 24.74 33.81 19.16
C VAL C 133 25.89 32.90 18.75
N VAL C 134 25.79 31.61 19.08
CA VAL C 134 26.76 30.62 18.59
C VAL C 134 25.99 29.43 18.03
N ILE C 135 26.42 28.95 16.85
CA ILE C 135 25.82 27.82 16.15
C ILE C 135 26.74 26.61 16.28
N ASN C 136 26.20 25.45 16.62
CA ASN C 136 26.99 24.21 16.62
C ASN C 136 26.23 23.13 15.87
N TRP C 137 26.49 22.99 14.57
CA TRP C 137 25.77 21.97 13.82
C TRP C 137 26.33 20.57 14.05
N GLY C 138 27.37 20.41 14.86
CA GLY C 138 27.77 19.10 15.32
C GLY C 138 27.21 18.69 16.65
N GLY C 139 26.41 19.54 17.31
CA GLY C 139 25.82 19.22 18.58
C GLY C 139 24.32 19.02 18.48
N GLY C 140 23.69 18.82 19.63
CA GLY C 140 22.24 18.71 19.69
C GLY C 140 21.69 17.35 20.07
N TRP C 141 22.45 16.54 20.82
CA TRP C 141 22.10 15.12 21.02
C TRP C 141 21.25 14.96 22.30
N HIS C 142 19.95 15.22 22.13
CA HIS C 142 19.06 15.47 23.27
C HIS C 142 18.59 14.21 23.99
N HIS C 143 18.81 13.02 23.46
CA HIS C 143 18.23 11.82 24.07
C HIS C 143 19.13 11.16 25.11
N ALA C 144 20.44 11.43 25.12
CA ALA C 144 21.34 10.69 26.00
C ALA C 144 21.01 11.01 27.45
N LYS C 145 21.05 9.97 28.31
CA LYS C 145 20.71 10.06 29.72
C LYS C 145 21.97 9.93 30.58
N ARG C 146 21.82 10.16 31.89
CA ARG C 146 22.97 10.14 32.79
C ARG C 146 23.82 8.89 32.57
N SER C 147 23.19 7.72 32.48
CA SER C 147 23.90 6.45 32.36
C SER C 147 23.30 5.58 31.28
N GLU C 148 22.90 6.18 30.15
CA GLU C 148 22.25 5.40 29.10
C GLU C 148 22.37 6.14 27.77
N ALA C 149 22.86 5.43 26.75
CA ALA C 149 22.76 5.92 25.38
C ALA C 149 21.35 5.71 24.87
N SER C 150 20.90 6.60 23.99
CA SER C 150 19.51 6.51 23.52
C SER C 150 19.34 7.28 22.23
N GLY C 151 18.64 6.68 21.27
CA GLY C 151 18.24 7.45 20.10
C GLY C 151 19.38 8.02 19.29
N PHE C 152 20.44 7.23 19.08
CA PHE C 152 21.65 7.59 18.37
C PHE C 152 22.48 8.64 19.12
N CYS C 153 22.16 8.91 20.39
CA CYS C 153 22.85 9.90 21.23
C CYS C 153 23.62 9.19 22.33
N TYR C 154 24.92 9.50 22.45
CA TYR C 154 25.77 8.86 23.45
C TYR C 154 26.08 9.78 24.63
N LEU C 155 26.41 11.03 24.38
CA LEU C 155 26.67 12.01 25.43
C LEU C 155 25.80 13.22 25.21
N ASN C 156 25.22 13.74 26.28
CA ASN C 156 24.27 14.83 26.13
C ASN C 156 24.99 16.18 26.17
N ASP C 157 25.44 16.63 24.99
CA ASP C 157 26.13 17.91 24.90
C ASP C 157 25.21 19.07 25.29
N ILE C 158 23.90 18.93 25.04
CA ILE C 158 22.97 20.00 25.40
C ILE C 158 22.91 20.18 26.91
N VAL C 159 22.76 19.07 27.64
CA VAL C 159 22.69 19.17 29.10
C VAL C 159 23.96 19.80 29.67
N LEU C 160 25.12 19.37 29.15
CA LEU C 160 26.37 19.92 29.67
C LEU C 160 26.51 21.40 29.34
N ALA C 161 26.08 21.80 28.13
CA ALA C 161 26.15 23.21 27.77
C ALA C 161 25.22 24.05 28.63
N ILE C 162 23.98 23.58 28.85
CA ILE C 162 23.02 24.32 29.67
C ILE C 162 23.55 24.45 31.10
N HIS C 163 24.12 23.37 31.64
CA HIS C 163 24.70 23.43 32.98
C HIS C 163 25.77 24.51 33.08
N ARG C 164 26.61 24.61 32.05
CA ARG C 164 27.61 25.68 32.05
C ARG C 164 26.96 27.05 32.04
N LEU C 165 25.92 27.23 31.22
CA LEU C 165 25.24 28.52 31.16
C LEU C 165 24.56 28.87 32.48
N VAL C 166 23.78 27.94 33.02
CA VAL C 166 23.00 28.27 34.20
C VAL C 166 23.90 28.42 35.43
N SER C 167 25.10 27.85 35.39
CA SER C 167 26.06 27.96 36.49
C SER C 167 26.88 29.23 36.44
N SER C 168 26.80 30.02 35.37
CA SER C 168 27.52 31.28 35.30
C SER C 168 26.74 32.40 35.97
N THR C 169 27.43 33.50 36.24
CA THR C 169 26.78 34.69 36.77
C THR C 169 27.19 35.90 35.92
N GLN C 178 18.79 33.41 39.67
CA GLN C 178 18.39 34.52 38.82
C GLN C 178 18.81 34.30 37.36
N THR C 179 19.91 33.60 37.14
CA THR C 179 20.23 33.11 35.79
C THR C 179 19.24 32.01 35.43
N ARG C 180 18.43 32.25 34.41
CA ARG C 180 17.52 31.24 33.88
C ARG C 180 17.86 30.95 32.42
N VAL C 181 17.73 29.70 32.02
CA VAL C 181 17.90 29.27 30.63
C VAL C 181 16.55 28.77 30.13
N LEU C 182 16.16 29.19 28.94
CA LEU C 182 15.02 28.61 28.24
C LEU C 182 15.55 27.70 27.13
N TYR C 183 15.14 26.43 27.18
CA TYR C 183 15.56 25.44 26.20
C TYR C 183 14.38 25.14 25.28
N VAL C 184 14.62 25.24 23.98
CA VAL C 184 13.57 25.08 22.96
C VAL C 184 14.01 23.95 22.04
N ASP C 185 13.19 22.90 21.93
CA ASP C 185 13.56 21.69 21.20
C ASP C 185 12.62 21.55 20.00
N LEU C 186 13.15 21.85 18.79
CA LEU C 186 12.36 21.85 17.56
C LEU C 186 12.41 20.54 16.79
N ASP C 187 13.19 19.57 17.28
CA ASP C 187 13.30 18.26 16.67
C ASP C 187 11.92 17.63 16.52
N LEU C 188 11.79 16.74 15.53
CA LEU C 188 10.59 15.91 15.39
C LEU C 188 10.31 15.10 16.65
N HIS C 189 11.35 14.74 17.40
CA HIS C 189 11.18 13.87 18.56
C HIS C 189 11.22 14.66 19.86
N HIS C 190 10.57 14.08 20.89
CA HIS C 190 10.58 14.68 22.22
C HIS C 190 11.99 14.77 22.79
N GLY C 191 12.35 15.93 23.30
CA GLY C 191 13.67 16.13 23.88
C GLY C 191 13.75 15.57 25.30
N ASP C 192 13.66 14.26 25.42
CA ASP C 192 13.46 13.63 26.73
C ASP C 192 14.70 13.72 27.62
N GLY C 193 15.89 13.54 27.06
CA GLY C 193 17.10 13.55 27.89
C GLY C 193 17.32 14.89 28.57
N VAL C 194 17.11 15.99 27.84
CA VAL C 194 17.29 17.32 28.42
C VAL C 194 16.21 17.60 29.45
N GLU C 195 14.95 17.28 29.10
CA GLU C 195 13.85 17.47 30.04
C GLU C 195 14.09 16.74 31.36
N GLU C 196 14.52 15.47 31.26
CA GLU C 196 14.76 14.66 32.46
C GLU C 196 15.88 15.24 33.32
N ALA C 197 16.96 15.71 32.68
CA ALA C 197 18.10 16.24 33.43
C ALA C 197 17.71 17.44 34.28
N PHE C 198 16.75 18.25 33.82
CA PHE C 198 16.35 19.45 34.53
C PHE C 198 14.93 19.37 35.11
N TRP C 199 14.40 18.15 35.26
CA TRP C 199 13.05 17.93 35.73
C TRP C 199 12.78 18.59 37.08
N TYR C 200 13.80 18.71 37.93
CA TYR C 200 13.68 19.28 39.26
C TYR C 200 14.25 20.68 39.37
N SER C 201 14.57 21.31 38.24
CA SER C 201 15.24 22.61 38.24
CA SER C 201 15.24 22.62 38.26
C SER C 201 14.32 23.69 37.70
N PRO C 202 13.94 24.69 38.50
CA PRO C 202 13.16 25.81 37.95
C PRO C 202 13.97 26.74 37.06
N ARG C 203 15.30 26.74 37.18
CA ARG C 203 16.08 27.73 36.45
C ARG C 203 16.38 27.31 35.02
N VAL C 204 16.04 26.09 34.62
CA VAL C 204 16.15 25.64 33.23
C VAL C 204 14.75 25.22 32.84
N VAL C 205 14.08 26.04 32.04
CA VAL C 205 12.75 25.72 31.56
C VAL C 205 12.90 25.07 30.20
N THR C 206 12.33 23.87 30.05
CA THR C 206 12.43 23.11 28.81
C THR C 206 11.10 23.17 28.07
N PHE C 207 11.15 23.31 26.76
CA PHE C 207 9.94 23.30 25.93
C PHE C 207 10.24 22.52 24.68
N SER C 208 9.53 21.41 24.48
CA SER C 208 9.69 20.59 23.28
C SER C 208 8.38 20.55 22.50
N VAL C 209 8.47 20.77 21.19
CA VAL C 209 7.38 20.53 20.24
C VAL C 209 7.79 19.32 19.41
N HIS C 210 6.85 18.41 19.15
CA HIS C 210 7.28 17.13 18.59
C HIS C 210 6.06 16.35 18.16
N HIS C 211 6.29 15.31 17.36
CA HIS C 211 5.27 14.30 17.14
C HIS C 211 5.26 13.29 18.29
N ALA C 212 4.07 12.83 18.66
CA ALA C 212 3.90 11.74 19.61
C ALA C 212 2.72 10.90 19.14
N SER C 213 2.89 9.58 19.20
CA SER C 213 1.88 8.62 18.81
C SER C 213 2.34 7.23 19.27
N PRO C 214 1.43 6.26 19.36
CA PRO C 214 1.78 4.97 20.00
C PRO C 214 2.89 4.26 19.23
N GLY C 215 3.93 3.83 19.95
CA GLY C 215 5.06 3.19 19.31
C GLY C 215 6.12 4.13 18.74
N PHE C 216 5.86 5.44 18.72
CA PHE C 216 6.79 6.42 18.15
C PHE C 216 7.80 6.82 19.23
N PHE C 217 9.07 6.90 18.84
CA PHE C 217 10.17 7.23 19.74
C PHE C 217 10.11 8.66 20.27
N PRO C 218 10.41 8.87 21.56
CA PRO C 218 10.69 7.90 22.62
C PRO C 218 9.45 7.52 23.43
N GLY C 219 8.32 8.20 23.19
CA GLY C 219 7.06 7.89 23.84
C GLY C 219 6.65 8.86 24.93
N THR C 220 7.55 9.74 25.37
CA THR C 220 7.26 10.75 26.37
C THR C 220 6.85 12.07 25.71
N GLY C 221 6.62 13.08 26.54
CA GLY C 221 6.25 14.39 26.04
C GLY C 221 4.79 14.49 25.68
N THR C 222 3.94 13.66 26.28
CA THR C 222 2.51 13.66 26.02
C THR C 222 1.83 13.05 27.23
N TRP C 223 0.50 12.86 27.14
CA TRP C 223 -0.25 12.26 28.26
C TRP C 223 0.33 10.89 28.60
N ASN C 224 0.61 10.65 29.89
CA ASN C 224 1.31 9.42 30.31
C ASN C 224 0.59 8.74 31.47
N MET C 225 0.71 7.42 31.53
CA MET C 225 0.22 6.65 32.66
C MET C 225 1.19 6.77 33.83
N VAL C 226 0.63 6.95 35.03
CA VAL C 226 1.44 7.08 36.23
C VAL C 226 1.00 6.11 37.34
N LEU C 231 -6.75 7.75 34.84
CA LEU C 231 -6.54 8.59 33.67
C LEU C 231 -5.09 9.00 33.53
N PRO C 232 -4.56 8.97 32.31
CA PRO C 232 -3.20 9.50 32.10
C PRO C 232 -3.21 11.01 32.29
N ILE C 233 -2.06 11.53 32.72
CA ILE C 233 -1.94 12.94 33.02
C ILE C 233 -0.73 13.48 32.28
N PHE C 234 -0.70 14.80 32.15
CA PHE C 234 0.43 15.49 31.52
C PHE C 234 1.38 15.95 32.61
N LEU C 235 2.50 15.23 32.80
CA LEU C 235 3.46 15.63 33.80
C LEU C 235 4.26 16.84 33.30
N ASN C 236 4.80 17.63 34.24
CA ASN C 236 5.38 18.90 33.82
C ASN C 236 6.51 19.34 34.74
N GLY C 237 7.18 18.40 35.40
CA GLY C 237 8.24 18.75 36.32
C GLY C 237 7.87 18.38 37.74
N ALA C 238 8.83 18.34 38.64
CA ALA C 238 8.51 17.92 40.01
C ALA C 238 9.39 18.68 40.98
N GLY C 239 8.98 18.65 42.25
CA GLY C 239 9.71 19.35 43.28
C GLY C 239 9.79 20.84 42.99
N ARG C 240 10.98 21.40 43.16
CA ARG C 240 11.20 22.80 42.81
C ARG C 240 11.03 23.03 41.32
N GLY C 241 11.10 21.97 40.51
CA GLY C 241 10.91 22.03 39.08
C GLY C 241 9.48 21.82 38.61
N ARG C 242 8.50 21.81 39.52
CA ARG C 242 7.11 21.65 39.08
C ARG C 242 6.74 22.79 38.14
N PHE C 243 6.03 22.45 37.05
CA PHE C 243 5.55 23.35 36.02
C PHE C 243 6.66 23.87 35.09
N SER C 244 7.91 23.38 35.20
CA SER C 244 9.01 23.94 34.42
C SER C 244 9.37 23.12 33.18
N ALA C 245 8.68 22.00 32.91
CA ALA C 245 8.89 21.21 31.71
C ALA C 245 7.65 21.31 30.83
N PHE C 246 7.78 21.90 29.64
CA PHE C 246 6.66 22.14 28.75
C PHE C 246 6.75 21.26 27.51
N ASN C 247 5.59 20.84 27.01
CA ASN C 247 5.56 19.94 25.87
C ASN C 247 4.36 20.23 25.00
N LEU C 248 4.56 20.20 23.69
CA LEU C 248 3.45 20.33 22.73
C LEU C 248 3.54 19.17 21.76
N PRO C 249 2.77 18.11 21.98
CA PRO C 249 2.74 16.99 21.04
C PRO C 249 1.76 17.27 19.91
N LEU C 250 2.18 16.97 18.69
CA LEU C 250 1.38 17.31 17.52
C LEU C 250 1.16 16.09 16.64
N GLU C 251 0.00 16.03 16.01
CA GLU C 251 -0.28 14.93 15.08
C GLU C 251 0.55 15.06 13.81
N GLU C 252 0.65 13.96 13.06
CA GLU C 252 1.45 13.98 11.86
C GLU C 252 0.79 14.82 10.77
N GLY C 253 1.63 15.35 9.87
CA GLY C 253 1.15 16.05 8.69
C GLY C 253 1.21 17.57 8.76
N ILE C 254 1.70 18.14 9.86
CA ILE C 254 1.57 19.59 10.06
C ILE C 254 2.50 20.35 9.12
N ASN C 255 2.00 21.48 8.59
CA ASN C 255 2.78 22.26 7.64
C ASN C 255 3.49 23.44 8.31
N ASP C 256 4.22 24.24 7.51
CA ASP C 256 4.95 25.39 8.05
C ASP C 256 4.02 26.33 8.83
N LEU C 257 2.90 26.73 8.22
CA LEU C 257 2.08 27.78 8.83
C LEU C 257 1.45 27.30 10.12
N ASP C 258 0.92 26.09 10.13
CA ASP C 258 0.25 25.59 11.33
C ASP C 258 1.26 25.32 12.44
N TRP C 259 2.46 24.84 12.09
CA TRP C 259 3.48 24.63 13.10
C TRP C 259 3.97 25.95 13.67
N SER C 260 4.13 26.96 12.79
CA SER C 260 4.52 28.30 13.21
C SER C 260 3.48 28.92 14.14
N ASN C 261 2.21 28.87 13.75
CA ASN C 261 1.15 29.40 14.61
C ASN C 261 0.99 28.60 15.90
N ALA C 262 1.38 27.33 15.89
CA ALA C 262 1.32 26.53 17.11
C ALA C 262 2.33 27.01 18.14
N ILE C 263 3.59 27.20 17.75
CA ILE C 263 4.61 27.46 18.76
C ILE C 263 4.92 28.95 18.95
N GLY C 264 4.55 29.81 18.00
CA GLY C 264 4.88 31.21 18.05
C GLY C 264 4.43 31.89 19.32
N PRO C 265 3.14 31.83 19.63
CA PRO C 265 2.68 32.51 20.86
C PRO C 265 3.19 31.87 22.12
N ILE C 266 3.41 30.55 22.10
CA ILE C 266 3.98 29.89 23.26
C ILE C 266 5.41 30.37 23.50
N LEU C 267 6.21 30.44 22.44
CA LEU C 267 7.58 30.93 22.57
C LEU C 267 7.61 32.35 23.13
N ASP C 268 6.82 33.26 22.56
CA ASP C 268 6.82 34.65 23.04
C ASP C 268 6.38 34.73 24.49
N SER C 269 5.39 33.92 24.88
CA SER C 269 4.90 33.92 26.25
C SER C 269 5.97 33.40 27.21
N LEU C 270 6.67 32.34 26.82
CA LEU C 270 7.76 31.86 27.65
C LEU C 270 8.81 32.94 27.85
N ASN C 271 9.17 33.66 26.78
CA ASN C 271 10.17 34.71 26.94
C ASN C 271 9.69 35.80 27.88
N ILE C 272 8.42 36.22 27.75
CA ILE C 272 7.87 37.28 28.58
C ILE C 272 7.94 36.90 30.06
N VAL C 273 7.54 35.68 30.40
CA VAL C 273 7.38 35.32 31.80
C VAL C 273 8.70 34.85 32.40
N ILE C 274 9.43 33.99 31.69
CA ILE C 274 10.67 33.46 32.25
C ILE C 274 11.80 34.50 32.21
N GLN C 275 11.78 35.40 31.23
CA GLN C 275 12.86 36.36 31.03
C GLN C 275 14.22 35.67 31.06
N PRO C 276 14.46 34.70 30.19
CA PRO C 276 15.71 33.93 30.23
C PRO C 276 16.95 34.80 30.00
N SER C 277 18.05 34.40 30.65
CA SER C 277 19.36 34.98 30.42
C SER C 277 20.03 34.40 29.19
N TYR C 278 19.67 33.16 28.86
CA TYR C 278 20.16 32.46 27.68
C TYR C 278 19.03 31.63 27.11
N VAL C 279 19.05 31.47 25.78
CA VAL C 279 18.18 30.53 25.10
C VAL C 279 19.04 29.49 24.41
N VAL C 280 18.68 28.22 24.56
CA VAL C 280 19.32 27.12 23.84
C VAL C 280 18.26 26.47 22.94
N VAL C 281 18.53 26.42 21.63
CA VAL C 281 17.59 25.88 20.65
C VAL C 281 18.20 24.63 20.03
N GLN C 282 17.48 23.52 20.08
CA GLN C 282 17.82 22.35 19.30
C GLN C 282 17.00 22.41 18.00
N CYS C 283 17.70 22.29 16.87
CA CYS C 283 17.07 22.55 15.57
CA CYS C 283 17.13 22.56 15.56
C CYS C 283 17.15 21.33 14.66
N GLY C 284 16.83 20.17 15.23
CA GLY C 284 16.76 18.93 14.49
C GLY C 284 15.93 19.09 13.23
N ALA C 285 16.47 18.64 12.10
CA ALA C 285 15.90 18.88 10.79
C ALA C 285 14.93 17.78 10.35
N ASP C 286 14.55 16.87 11.26
CA ASP C 286 13.73 15.74 10.82
C ASP C 286 12.25 16.07 10.74
N CYS C 287 11.87 17.34 10.97
CA CYS C 287 10.51 17.77 10.67
C CYS C 287 10.33 18.14 9.20
N LEU C 288 11.42 18.19 8.42
CA LEU C 288 11.30 18.53 7.00
C LEU C 288 10.43 17.51 6.28
N ALA C 289 9.64 18.02 5.32
CA ALA C 289 8.74 17.16 4.56
C ALA C 289 9.49 16.06 3.82
N THR C 290 10.78 16.27 3.54
CA THR C 290 11.61 15.34 2.80
C THR C 290 12.50 14.48 3.69
N ASP C 291 12.38 14.61 5.01
CA ASP C 291 13.07 13.67 5.89
C ASP C 291 12.46 12.29 5.70
N PRO C 292 13.27 11.22 5.75
CA PRO C 292 12.69 9.88 5.55
C PRO C 292 11.69 9.46 6.62
N HIS C 293 11.66 10.13 7.79
CA HIS C 293 10.57 9.88 8.74
C HIS C 293 9.22 10.20 8.10
N ARG C 294 9.16 11.26 7.30
CA ARG C 294 7.94 11.66 6.59
C ARG C 294 6.77 11.81 7.55
N ILE C 295 6.97 12.62 8.59
CA ILE C 295 5.93 12.86 9.59
C ILE C 295 5.37 14.28 9.51
N PHE C 296 6.21 15.29 9.70
CA PHE C 296 5.77 16.66 9.49
C PHE C 296 6.12 17.10 8.07
N ARG C 297 5.56 18.24 7.64
CA ARG C 297 5.74 18.75 6.28
C ARG C 297 6.36 20.15 6.28
N LEU C 298 7.36 20.36 7.14
CA LEU C 298 8.02 21.66 7.14
C LEU C 298 8.97 21.78 5.96
N THR C 299 9.35 23.02 5.63
CA THR C 299 10.25 23.27 4.53
C THR C 299 11.40 24.14 5.02
N ASN C 300 12.29 24.51 4.08
CA ASN C 300 13.29 25.56 4.27
C ASN C 300 13.01 26.79 3.43
N PHE C 301 11.76 27.01 3.02
CA PHE C 301 11.48 28.11 2.09
C PHE C 301 11.57 29.47 2.77
N TYR C 302 12.06 30.47 2.02
CA TYR C 302 12.20 31.82 2.53
C TYR C 302 11.79 32.83 1.46
N PRO C 303 10.70 33.59 1.65
CA PRO C 303 10.23 34.49 0.58
C PRO C 303 11.22 35.59 0.23
N SER C 316 4.87 31.02 1.42
CA SER C 316 5.78 29.97 1.87
C SER C 316 6.85 30.54 2.81
N LEU C 317 6.77 30.23 4.11
CA LEU C 317 7.85 30.53 5.03
C LEU C 317 8.09 29.31 5.92
N SER C 318 9.31 28.79 5.86
CA SER C 318 9.75 27.70 6.71
C SER C 318 9.37 27.90 8.18
N GLY C 319 8.71 26.90 8.77
CA GLY C 319 8.45 26.94 10.20
C GLY C 319 9.71 27.12 11.01
N TYR C 320 10.78 26.41 10.65
CA TYR C 320 12.05 26.55 11.35
C TYR C 320 12.52 28.01 11.34
N LEU C 321 12.52 28.64 10.16
CA LEU C 321 13.04 29.98 10.04
C LEU C 321 12.15 30.98 10.78
N TYR C 322 10.83 30.76 10.74
CA TYR C 322 9.92 31.57 11.54
C TYR C 322 10.29 31.54 13.01
N ALA C 323 10.51 30.33 13.54
CA ALA C 323 10.79 30.18 14.97
C ALA C 323 12.15 30.75 15.35
N ILE C 324 13.19 30.49 14.54
CA ILE C 324 14.52 31.05 14.82
C ILE C 324 14.47 32.57 14.79
N LYS C 325 13.82 33.15 13.77
CA LYS C 325 13.71 34.60 13.68
C LYS C 325 13.00 35.16 14.92
N LYS C 326 11.91 34.51 15.35
CA LYS C 326 11.21 34.96 16.55
C LYS C 326 12.10 34.88 17.79
N ILE C 327 12.80 33.77 17.95
CA ILE C 327 13.68 33.60 19.12
C ILE C 327 14.77 34.67 19.12
N LEU C 328 15.38 34.91 17.95
CA LEU C 328 16.42 35.92 17.86
C LEU C 328 15.90 37.34 18.07
N SER C 329 14.61 37.58 17.81
CA SER C 329 14.06 38.93 18.00
C SER C 329 14.08 39.36 19.47
N TRP C 330 14.18 38.40 20.38
CA TRP C 330 14.28 38.69 21.80
C TRP C 330 15.61 39.31 22.20
N LYS C 331 16.66 39.13 21.39
CA LYS C 331 18.00 39.65 21.68
C LYS C 331 18.54 39.11 23.00
N VAL C 332 18.28 37.82 23.26
CA VAL C 332 18.87 37.10 24.37
C VAL C 332 20.00 36.25 23.82
N PRO C 333 21.17 36.20 24.47
CA PRO C 333 22.26 35.32 23.99
C PRO C 333 21.75 33.90 23.77
N THR C 334 22.07 33.36 22.61
CA THR C 334 21.41 32.14 22.14
C THR C 334 22.41 31.14 21.58
N LEU C 335 22.22 29.87 21.93
CA LEU C 335 22.96 28.77 21.36
C LEU C 335 22.04 28.00 20.44
N ILE C 336 22.44 27.86 19.16
CA ILE C 336 21.68 27.12 18.16
C ILE C 336 22.40 25.82 17.86
N LEU C 337 21.71 24.70 18.09
CA LEU C 337 22.30 23.38 17.92
C LEU C 337 21.58 22.61 16.82
N GLY C 338 22.27 21.59 16.30
CA GLY C 338 21.68 20.70 15.32
C GLY C 338 20.88 19.60 15.99
N GLY C 339 21.07 18.35 15.54
CA GLY C 339 20.26 17.28 16.06
C GLY C 339 19.88 16.28 14.98
N GLY C 340 18.63 15.85 14.97
CA GLY C 340 18.18 14.92 13.94
C GLY C 340 18.22 15.55 12.56
N GLY C 341 18.08 14.68 11.56
CA GLY C 341 18.00 15.10 10.17
C GLY C 341 18.67 14.07 9.30
N TYR C 342 17.88 13.24 8.62
CA TYR C 342 18.37 12.03 8.00
C TYR C 342 18.37 12.13 6.48
N ASN C 343 17.89 13.25 5.94
CA ASN C 343 18.10 13.60 4.53
C ASN C 343 19.26 14.60 4.56
N PHE C 344 20.48 14.13 4.28
CA PHE C 344 21.64 14.98 4.55
C PHE C 344 21.65 16.24 3.68
N PRO C 345 21.45 16.16 2.37
CA PRO C 345 21.43 17.42 1.58
C PRO C 345 20.35 18.39 2.01
N ASP C 346 19.15 17.88 2.33
CA ASP C 346 18.09 18.79 2.72
C ASP C 346 18.33 19.37 4.11
N THR C 347 18.99 18.62 5.00
CA THR C 347 19.40 19.17 6.29
C THR C 347 20.41 20.30 6.10
N ALA C 348 21.39 20.09 5.21
CA ALA C 348 22.33 21.17 4.87
C ALA C 348 21.61 22.37 4.26
N ARG C 349 20.61 22.13 3.39
CA ARG C 349 19.83 23.22 2.82
C ARG C 349 19.13 24.04 3.91
N LEU C 350 18.57 23.36 4.91
CA LEU C 350 17.86 24.07 5.97
C LEU C 350 18.84 24.82 6.87
N TRP C 351 19.88 24.12 7.33
CA TRP C 351 20.76 24.74 8.31
C TRP C 351 21.60 25.85 7.70
N THR C 352 21.83 25.81 6.38
CA THR C 352 22.48 26.95 5.71
C THR C 352 21.57 28.18 5.77
N ARG C 353 20.27 27.98 5.50
CA ARG C 353 19.35 29.11 5.63
C ARG C 353 19.25 29.60 7.07
N VAL C 354 19.26 28.69 8.05
CA VAL C 354 19.24 29.12 9.45
C VAL C 354 20.47 29.98 9.75
N THR C 355 21.62 29.56 9.24
CA THR C 355 22.86 30.31 9.46
C THR C 355 22.77 31.70 8.84
N ALA C 356 22.29 31.78 7.60
CA ALA C 356 22.18 33.06 6.93
C ALA C 356 21.19 33.97 7.65
N LEU C 357 20.05 33.40 8.08
CA LEU C 357 19.06 34.18 8.83
C LEU C 357 19.67 34.71 10.13
N THR C 358 20.46 33.87 10.82
CA THR C 358 21.06 34.30 12.07
C THR C 358 22.00 35.48 11.84
N ILE C 359 22.81 35.42 10.76
CA ILE C 359 23.67 36.55 10.41
C ILE C 359 22.83 37.80 10.19
N GLU C 360 21.77 37.69 9.39
CA GLU C 360 20.93 38.84 9.07
C GLU C 360 20.37 39.47 10.34
N GLU C 361 19.86 38.65 11.25
CA GLU C 361 19.15 39.20 12.42
C GLU C 361 20.13 39.82 13.41
N VAL C 362 21.26 39.16 13.65
CA VAL C 362 22.21 39.65 14.64
C VAL C 362 23.01 40.82 14.09
N LYS C 363 23.50 40.71 12.86
CA LYS C 363 24.39 41.73 12.32
C LYS C 363 23.65 42.82 11.56
N GLY C 364 22.37 42.66 11.28
CA GLY C 364 21.64 43.65 10.50
C GLY C 364 22.09 43.76 9.07
N LYS C 365 22.54 42.64 8.50
CA LYS C 365 23.29 42.61 7.24
C LYS C 365 22.57 41.65 6.30
N LYS C 366 22.17 42.14 5.11
CA LYS C 366 21.45 41.29 4.18
C LYS C 366 22.33 40.14 3.69
N MET C 367 21.79 38.93 3.73
CA MET C 367 22.47 37.73 3.27
C MET C 367 21.65 37.15 2.12
N THR C 368 22.06 37.44 0.89
CA THR C 368 21.32 36.99 -0.28
C THR C 368 21.90 35.67 -0.75
N ILE C 369 21.06 34.65 -0.80
CA ILE C 369 21.47 33.30 -1.14
C ILE C 369 20.95 32.95 -2.52
N SER C 370 21.84 32.65 -3.44
CA SER C 370 21.41 32.25 -4.78
C SER C 370 20.54 31.00 -4.72
N PRO C 371 19.47 30.92 -5.50
CA PRO C 371 18.66 29.69 -5.50
C PRO C 371 19.39 28.50 -6.09
N GLU C 372 20.46 28.72 -6.86
CA GLU C 372 21.28 27.64 -7.39
C GLU C 372 22.38 27.30 -6.39
N ILE C 373 22.52 26.02 -6.07
CA ILE C 373 23.63 25.58 -5.20
C ILE C 373 24.95 26.00 -5.83
N PRO C 374 25.87 26.60 -5.07
CA PRO C 374 27.16 27.04 -5.62
C PRO C 374 28.10 25.87 -5.86
N GLU C 375 29.08 26.11 -6.75
CA GLU C 375 30.16 25.17 -6.95
C GLU C 375 30.85 24.86 -5.63
N HIS C 376 31.03 23.57 -5.36
CA HIS C 376 31.85 23.07 -4.24
C HIS C 376 31.90 21.57 -4.37
N SER C 377 32.76 20.93 -3.56
CA SER C 377 33.04 19.52 -3.85
C SER C 377 31.89 18.58 -3.52
N TYR C 378 30.84 19.04 -2.84
CA TYR C 378 29.63 18.25 -2.62
C TYR C 378 28.48 18.71 -3.50
N PHE C 379 28.75 19.51 -4.53
CA PHE C 379 27.69 19.96 -5.42
C PHE C 379 26.83 18.80 -5.92
N SER C 380 27.46 17.67 -6.24
CA SER C 380 26.71 16.57 -6.85
C SER C 380 25.70 15.93 -5.91
N ARG C 381 25.77 16.20 -4.61
CA ARG C 381 24.79 15.64 -3.68
C ARG C 381 23.46 16.38 -3.71
N TYR C 382 23.38 17.51 -4.42
CA TYR C 382 22.16 18.32 -4.42
C TYR C 382 21.31 18.09 -5.66
N GLY C 383 21.54 16.98 -6.36
CA GLY C 383 20.75 16.66 -7.54
C GLY C 383 19.37 16.17 -7.17
N PRO C 384 18.48 16.04 -8.16
CA PRO C 384 18.69 16.33 -9.58
C PRO C 384 18.53 17.82 -9.94
N ASP C 385 18.07 18.62 -8.98
CA ASP C 385 17.70 20.01 -9.21
C ASP C 385 18.82 21.01 -8.92
N PHE C 386 19.69 20.71 -7.96
CA PHE C 386 20.80 21.62 -7.58
C PHE C 386 20.28 23.01 -7.19
N GLU C 387 19.12 23.03 -6.54
CA GLU C 387 18.55 24.24 -5.98
C GLU C 387 18.54 24.18 -4.45
N LEU C 388 18.46 25.38 -3.86
CA LEU C 388 18.50 25.51 -2.41
C LEU C 388 17.19 25.11 -1.73
N ASP C 389 16.04 25.48 -2.31
CA ASP C 389 14.75 25.05 -1.78
C ASP C 389 14.65 23.54 -1.86
N ILE C 390 14.11 22.93 -0.79
CA ILE C 390 13.87 21.49 -0.85
C ILE C 390 12.83 21.18 -1.92
N ASP C 391 12.90 19.96 -2.45
CA ASP C 391 12.10 19.51 -3.59
C ASP C 391 10.78 18.99 -3.04
N TYR C 392 9.91 19.92 -2.67
CA TYR C 392 8.64 19.57 -2.05
C TYR C 392 7.62 20.64 -2.38
N PHE C 393 6.38 20.19 -2.57
CA PHE C 393 5.29 21.06 -2.98
C PHE C 393 4.20 21.02 -1.91
N PRO C 394 4.18 21.99 -1.00
CA PRO C 394 3.17 22.00 0.08
C PRO C 394 1.76 22.08 -0.46
N HIS C 395 0.84 21.45 0.28
CA HIS C 395 -0.50 21.23 -0.22
C HIS C 395 -1.42 20.90 0.94
N GLU C 396 -2.70 21.21 0.77
CA GLU C 396 -3.72 20.84 1.75
C GLU C 396 -5.06 20.62 1.07
N THR C 401 -10.61 22.75 10.42
CA THR C 401 -11.25 23.26 11.63
C THR C 401 -10.98 22.40 12.87
N LEU C 402 -10.93 21.07 12.71
CA LEU C 402 -10.89 20.18 13.86
C LEU C 402 -9.48 19.81 14.31
N ASP C 403 -8.44 20.24 13.59
CA ASP C 403 -7.06 19.91 13.95
C ASP C 403 -6.37 20.98 14.80
N SER C 404 -7.14 21.93 15.33
CA SER C 404 -6.58 22.98 16.16
C SER C 404 -6.05 22.42 17.47
N ILE C 405 -5.29 23.25 18.18
CA ILE C 405 -4.66 22.88 19.45
C ILE C 405 -4.89 23.97 20.49
N GLN C 406 -6.06 24.61 20.45
CA GLN C 406 -6.31 25.70 21.39
C GLN C 406 -6.39 25.20 22.84
N LYS C 407 -6.87 23.98 23.07
CA LYS C 407 -6.81 23.47 24.43
C LYS C 407 -5.36 23.24 24.89
N HIS C 408 -4.44 22.96 23.97
CA HIS C 408 -3.03 22.89 24.33
C HIS C 408 -2.50 24.27 24.71
N HIS C 409 -2.84 25.31 23.93
CA HIS C 409 -2.45 26.67 24.33
C HIS C 409 -2.95 26.99 25.73
N ARG C 410 -4.22 26.65 26.01
CA ARG C 410 -4.79 26.96 27.32
C ARG C 410 -4.07 26.19 28.42
N ARG C 411 -3.79 24.90 28.18
CA ARG C 411 -3.08 24.08 29.16
C ARG C 411 -1.68 24.63 29.42
N ILE C 412 -0.97 24.97 28.36
CA ILE C 412 0.40 25.45 28.49
C ILE C 412 0.44 26.81 29.19
N LEU C 413 -0.51 27.70 28.87
CA LEU C 413 -0.54 28.99 29.55
C LEU C 413 -0.93 28.83 31.02
N GLU C 414 -1.83 27.91 31.34
CA GLU C 414 -2.13 27.66 32.75
C GLU C 414 -0.88 27.16 33.48
N GLN C 415 -0.12 26.27 32.84
CA GLN C 415 1.12 25.80 33.42
C GLN C 415 2.10 26.95 33.59
N LEU C 416 2.18 27.86 32.61
CA LEU C 416 3.11 28.97 32.71
C LEU C 416 2.75 29.89 33.87
N ARG C 417 1.45 30.13 34.09
CA ARG C 417 1.05 30.91 35.25
C ARG C 417 1.40 30.20 36.55
N ASN C 418 1.22 28.87 36.60
CA ASN C 418 1.59 28.11 37.79
C ASN C 418 3.10 28.15 38.03
N TYR C 419 3.88 28.08 36.95
CA TYR C 419 5.33 28.26 37.08
C TYR C 419 5.68 29.63 37.67
N ALA C 420 5.05 30.69 37.18
CA ALA C 420 5.35 32.03 37.69
C ALA C 420 4.95 32.20 39.16
N ASP C 421 3.78 31.68 39.55
CA ASP C 421 3.35 31.79 40.94
C ASP C 421 4.28 31.02 41.86
N LEU C 422 4.63 29.78 41.49
CA LEU C 422 5.51 28.97 42.33
C LEU C 422 6.87 29.63 42.55
N ASN C 423 7.39 30.30 41.52
CA ASN C 423 8.73 30.85 41.56
C ASN C 423 8.76 32.35 41.84
N LYS C 424 7.62 32.93 42.21
CA LYS C 424 7.53 34.33 42.63
C LYS C 424 7.96 35.28 41.52
N LEU C 425 7.60 34.97 40.27
CA LEU C 425 7.95 35.82 39.15
C LEU C 425 6.75 36.67 38.75
N ILE C 426 7.03 37.86 38.23
CA ILE C 426 5.99 38.71 37.69
C ILE C 426 5.29 37.97 36.56
N TYR C 427 3.96 38.00 36.57
CA TYR C 427 3.16 37.41 35.50
C TYR C 427 2.41 38.55 34.81
N ASP C 428 2.97 39.03 33.69
CA ASP C 428 2.41 40.17 32.98
C ASP C 428 1.23 39.70 32.13
N TYR C 429 0.07 39.57 32.79
CA TYR C 429 -1.14 39.10 32.11
C TYR C 429 -1.48 39.97 30.91
N ASP C 430 -1.41 41.30 31.07
CA ASP C 430 -1.78 42.19 29.98
C ASP C 430 -0.92 41.95 28.76
N GLN C 431 0.37 41.68 28.97
CA GLN C 431 1.27 41.43 27.85
C GLN C 431 0.96 40.10 27.16
N VAL C 432 0.77 39.04 27.96
CA VAL C 432 0.44 37.74 27.38
C VAL C 432 -0.91 37.80 26.68
N TYR C 433 -1.88 38.50 27.29
CA TYR C 433 -3.20 38.63 26.67
C TYR C 433 -3.10 39.32 25.32
N GLN C 434 -2.40 40.46 25.27
CA GLN C 434 -2.27 41.19 24.01
C GLN C 434 -1.62 40.33 22.94
N LEU C 435 -0.59 39.59 23.33
CA LEU C 435 0.09 38.66 22.43
C LEU C 435 -0.90 37.69 21.80
N TYR C 436 -1.67 36.99 22.62
CA TYR C 436 -2.65 36.04 22.11
C TYR C 436 -3.81 36.73 21.43
N ASN C 437 -4.13 37.96 21.83
CA ASN C 437 -5.25 38.66 21.21
C ASN C 437 -4.94 39.05 19.77
N LEU C 438 -3.67 39.03 19.36
CA LEU C 438 -3.34 39.30 17.97
C LEU C 438 -3.99 38.30 17.01
N THR C 439 -4.31 37.10 17.49
CA THR C 439 -5.00 36.10 16.69
C THR C 439 -6.39 35.77 17.23
N GLY C 440 -6.97 36.65 18.06
CA GLY C 440 -8.31 36.40 18.57
C GLY C 440 -8.38 35.35 19.65
N MET C 441 -7.26 35.06 20.30
CA MET C 441 -7.21 33.99 21.29
C MET C 441 -6.88 34.51 22.68
N GLY C 442 -7.15 35.81 22.94
CA GLY C 442 -6.91 36.37 24.26
C GLY C 442 -7.62 35.61 25.38
N SER C 443 -8.80 35.04 25.09
CA SER C 443 -9.59 34.33 26.10
C SER C 443 -8.89 33.10 26.65
N LEU C 444 -7.87 32.60 25.96
CA LEU C 444 -7.15 31.43 26.42
C LEU C 444 -6.18 31.77 27.55
N VAL C 445 -5.88 33.05 27.75
CA VAL C 445 -4.85 33.47 28.71
C VAL C 445 -5.44 33.58 30.11
N PRO C 446 -4.89 32.87 31.09
CA PRO C 446 -5.43 32.94 32.45
C PRO C 446 -4.92 34.16 33.20
N ARG C 447 -5.72 34.58 34.18
CA ARG C 447 -5.32 35.64 35.09
C ARG C 447 -4.61 35.05 36.30
N SER D 3 24.11 -15.72 25.20
CA SER D 3 23.52 -14.61 25.92
C SER D 3 22.03 -14.85 26.06
N VAL D 4 21.51 -14.63 27.26
CA VAL D 4 20.07 -14.67 27.52
C VAL D 4 19.58 -13.23 27.62
N GLY D 5 18.61 -12.86 26.77
CA GLY D 5 18.01 -11.55 26.83
C GLY D 5 16.68 -11.55 27.58
N ILE D 6 16.31 -10.37 28.07
CA ILE D 6 15.02 -10.20 28.73
C ILE D 6 14.48 -8.81 28.38
N VAL D 7 13.20 -8.75 28.03
CA VAL D 7 12.59 -7.49 27.63
C VAL D 7 12.17 -6.72 28.88
N TYR D 8 12.70 -5.51 29.04
CA TYR D 8 12.16 -4.58 30.03
C TYR D 8 12.62 -3.16 29.70
N GLY D 9 12.08 -2.21 30.47
CA GLY D 9 12.34 -0.78 30.32
C GLY D 9 11.38 -0.04 31.21
N ASP D 10 11.66 1.23 31.55
CA ASP D 10 10.78 1.97 32.46
C ASP D 10 9.39 2.18 31.84
N GLN D 11 9.34 2.65 30.60
CA GLN D 11 8.04 2.88 29.97
C GLN D 11 7.29 1.57 29.77
N TYR D 12 8.02 0.53 29.34
CA TYR D 12 7.43 -0.79 29.13
C TYR D 12 6.79 -1.31 30.42
N ARG D 13 7.51 -1.22 31.52
CA ARG D 13 6.97 -1.60 32.82
C ARG D 13 5.68 -0.83 33.15
N GLN D 14 5.69 0.49 32.95
CA GLN D 14 4.51 1.30 33.23
C GLN D 14 3.33 0.87 32.38
N LEU D 15 3.54 0.63 31.08
CA LEU D 15 2.43 0.20 30.23
C LEU D 15 1.97 -1.22 30.56
N CYS D 16 2.90 -2.15 30.79
CA CYS D 16 2.48 -3.52 31.13
C CYS D 16 1.73 -3.57 32.45
N CYS D 17 1.82 -2.53 33.28
CA CYS D 17 1.13 -2.47 34.56
C CYS D 17 -0.11 -1.60 34.50
N SER D 18 -0.56 -1.23 33.31
CA SER D 18 -1.64 -0.26 33.21
C SER D 18 -3.00 -0.90 32.93
N SER D 19 -3.10 -2.28 32.92
CA SER D 19 -4.42 -2.81 32.58
C SER D 19 -5.21 -3.19 33.83
N PRO D 20 -6.54 -3.11 33.78
CA PRO D 20 -7.32 -3.52 34.96
C PRO D 20 -7.21 -5.01 35.27
N LYS D 21 -7.06 -5.87 34.25
CA LYS D 21 -7.00 -7.31 34.51
C LYS D 21 -5.70 -7.70 35.20
N PHE D 22 -4.56 -7.26 34.68
CA PHE D 22 -3.29 -7.81 35.16
C PHE D 22 -2.56 -6.89 36.14
N GLY D 23 -3.14 -5.72 36.43
CA GLY D 23 -2.62 -4.83 37.45
C GLY D 23 -1.11 -4.68 37.41
N ASP D 24 -0.47 -4.83 38.57
CA ASP D 24 0.97 -4.67 38.71
C ASP D 24 1.73 -5.99 38.61
N ARG D 25 1.14 -7.01 38.00
CA ARG D 25 1.79 -8.33 37.96
C ARG D 25 3.19 -8.26 37.37
N TYR D 26 3.33 -7.54 36.24
CA TYR D 26 4.63 -7.47 35.57
C TYR D 26 5.68 -6.85 36.49
N ALA D 27 5.28 -5.85 37.28
CA ALA D 27 6.20 -5.24 38.23
C ALA D 27 6.67 -6.24 39.27
N LEU D 28 5.76 -7.07 39.78
CA LEU D 28 6.17 -8.10 40.75
C LEU D 28 7.15 -9.07 40.12
N VAL D 29 6.86 -9.50 38.90
CA VAL D 29 7.73 -10.45 38.22
C VAL D 29 9.13 -9.88 38.05
N MET D 30 9.24 -8.69 37.46
CA MET D 30 10.58 -8.16 37.22
C MET D 30 11.30 -7.77 38.51
N ASP D 31 10.57 -7.25 39.51
CA ASP D 31 11.23 -6.91 40.78
C ASP D 31 11.69 -8.16 41.55
N LEU D 32 10.99 -9.30 41.39
CA LEU D 32 11.48 -10.52 42.03
C LEU D 32 12.73 -11.06 41.33
N ILE D 33 12.73 -11.07 39.99
CA ILE D 33 13.95 -11.36 39.23
C ILE D 33 15.10 -10.44 39.65
N ASN D 34 14.80 -9.15 39.83
CA ASN D 34 15.83 -8.20 40.25
C ASN D 34 16.28 -8.47 41.69
N ALA D 35 15.34 -8.78 42.58
CA ALA D 35 15.66 -9.03 43.98
C ALA D 35 16.57 -10.24 44.14
N TYR D 36 16.46 -11.21 43.24
CA TYR D 36 17.31 -12.39 43.24
C TYR D 36 18.61 -12.18 42.47
N LYS D 37 18.94 -10.94 42.13
CA LYS D 37 20.22 -10.57 41.52
C LYS D 37 20.42 -11.21 40.15
N LEU D 38 19.33 -11.49 39.43
CA LEU D 38 19.44 -12.10 38.11
C LEU D 38 19.67 -11.09 37.00
N ILE D 39 19.36 -9.81 37.24
CA ILE D 39 19.42 -8.83 36.16
C ILE D 39 20.83 -8.68 35.58
N PRO D 40 21.91 -8.67 36.38
CA PRO D 40 23.25 -8.55 35.77
C PRO D 40 23.62 -9.72 34.86
N GLU D 41 22.97 -10.88 34.99
CA GLU D 41 23.22 -12.01 34.11
C GLU D 41 22.56 -11.87 32.74
N LEU D 42 21.66 -10.91 32.57
CA LEU D 42 20.76 -10.87 31.42
C LEU D 42 21.02 -9.65 30.56
N SER D 43 20.81 -9.82 29.26
CA SER D 43 20.91 -8.73 28.29
C SER D 43 19.55 -8.04 28.18
N ARG D 44 19.47 -6.76 28.53
CA ARG D 44 18.21 -6.05 28.36
C ARG D 44 17.92 -5.85 26.88
N VAL D 45 16.79 -6.38 26.42
CA VAL D 45 16.32 -6.19 25.05
C VAL D 45 15.30 -5.06 25.05
N PRO D 46 15.57 -3.93 24.40
CA PRO D 46 14.63 -2.80 24.43
C PRO D 46 13.42 -3.10 23.55
N PRO D 47 12.22 -2.80 24.02
CA PRO D 47 11.04 -2.96 23.15
C PRO D 47 11.23 -2.18 21.86
N LEU D 48 10.71 -2.73 20.77
CA LEU D 48 10.82 -2.08 19.46
C LEU D 48 9.98 -0.81 19.40
N GLN D 49 10.57 0.24 18.85
CA GLN D 49 9.85 1.47 18.51
C GLN D 49 10.05 1.76 17.03
N TRP D 50 9.12 2.53 16.47
CA TRP D 50 9.05 2.71 15.03
C TRP D 50 9.32 4.15 14.63
N ASP D 51 9.65 4.31 13.34
CA ASP D 51 9.97 5.61 12.77
C ASP D 51 8.74 6.47 12.51
N SER D 52 7.55 5.90 12.51
CA SER D 52 6.36 6.63 12.06
C SER D 52 5.13 5.80 12.37
N PRO D 53 3.95 6.44 12.46
CA PRO D 53 2.70 5.69 12.52
C PRO D 53 2.58 4.66 11.40
N SER D 54 2.96 5.00 10.16
CA SER D 54 2.83 4.03 9.07
C SER D 54 3.63 2.78 9.32
N ARG D 55 4.86 2.93 9.83
CA ARG D 55 5.68 1.76 10.09
C ARG D 55 5.07 0.89 11.19
N MET D 56 4.53 1.53 12.24
CA MET D 56 3.88 0.76 13.30
C MET D 56 2.70 -0.02 12.74
N TYR D 57 1.86 0.64 11.93
CA TYR D 57 0.71 -0.03 11.35
C TYR D 57 1.14 -1.16 10.42
N GLU D 58 2.18 -0.93 9.62
CA GLU D 58 2.70 -1.98 8.76
C GLU D 58 3.09 -3.21 9.58
N ALA D 59 3.70 -2.99 10.75
CA ALA D 59 4.15 -4.11 11.56
C ALA D 59 2.95 -4.85 12.16
N VAL D 60 2.00 -4.12 12.72
CA VAL D 60 0.88 -4.76 13.42
C VAL D 60 -0.08 -5.42 12.43
N THR D 61 -0.28 -4.79 11.26
CA THR D 61 -1.20 -5.38 10.28
C THR D 61 -0.53 -6.48 9.44
N ALA D 62 0.70 -6.86 9.77
CA ALA D 62 1.21 -8.13 9.27
C ALA D 62 0.30 -9.29 9.67
N PHE D 63 -0.44 -9.15 10.78
CA PHE D 63 -1.45 -10.12 11.17
C PHE D 63 -2.83 -9.52 11.31
N HIS D 64 -2.96 -8.42 12.05
CA HIS D 64 -4.28 -7.86 12.35
C HIS D 64 -4.77 -6.98 11.21
N SER D 65 -6.10 -6.86 11.09
CA SER D 65 -6.63 -6.02 10.03
C SER D 65 -6.50 -4.55 10.41
N THR D 66 -6.36 -3.70 9.39
CA THR D 66 -6.30 -2.25 9.65
C THR D 66 -7.53 -1.77 10.40
N GLU D 67 -8.72 -2.28 10.06
CA GLU D 67 -9.91 -1.77 10.70
C GLU D 67 -9.95 -2.15 12.18
N TYR D 68 -9.43 -3.33 12.51
CA TYR D 68 -9.35 -3.71 13.92
C TYR D 68 -8.38 -2.80 14.67
N VAL D 69 -7.18 -2.58 14.12
CA VAL D 69 -6.23 -1.68 14.76
C VAL D 69 -6.81 -0.28 14.90
N ASP D 70 -7.47 0.21 13.84
CA ASP D 70 -8.17 1.50 13.93
C ASP D 70 -9.14 1.54 15.10
N ALA D 71 -9.97 0.48 15.23
CA ALA D 71 -10.98 0.42 16.29
C ALA D 71 -10.34 0.40 17.67
N LEU D 72 -9.24 -0.36 17.83
CA LEU D 72 -8.57 -0.45 19.12
C LEU D 72 -7.94 0.90 19.50
N LYS D 73 -7.35 1.61 18.53
CA LYS D 73 -6.85 2.95 18.80
C LYS D 73 -7.98 3.90 19.15
N LYS D 74 -9.11 3.81 18.43
CA LYS D 74 -10.25 4.66 18.74
C LYS D 74 -10.80 4.36 20.14
N LEU D 75 -10.83 3.08 20.53
CA LEU D 75 -11.29 2.70 21.86
C LEU D 75 -10.46 3.38 22.95
N GLN D 76 -9.13 3.45 22.75
CA GLN D 76 -8.28 4.14 23.71
C GLN D 76 -8.64 5.61 23.80
N MET D 77 -8.74 6.28 22.65
CA MET D 77 -9.07 7.70 22.66
C MET D 77 -10.40 7.93 23.36
N LEU D 78 -11.39 7.09 23.08
CA LEU D 78 -12.71 7.28 23.68
C LEU D 78 -12.64 7.16 25.19
N HIS D 79 -11.83 6.24 25.70
CA HIS D 79 -11.70 6.06 27.14
C HIS D 79 -10.86 7.12 27.79
N CYS D 80 -10.16 7.95 27.03
CA CYS D 80 -9.41 9.08 27.59
C CYS D 80 -10.26 10.35 27.68
N GLU D 81 -11.50 10.31 27.21
CA GLU D 81 -12.49 11.34 27.45
C GLU D 81 -13.62 10.79 28.31
N GLU D 82 -14.20 11.62 29.17
CA GLU D 82 -15.17 11.10 30.13
C GLU D 82 -16.52 10.77 29.50
N LYS D 83 -16.76 11.15 28.24
CA LYS D 83 -18.08 10.98 27.64
C LYS D 83 -18.38 9.51 27.33
N GLU D 84 -19.64 9.14 27.53
CA GLU D 84 -20.11 7.81 27.16
C GLU D 84 -19.87 7.53 25.68
N LEU D 85 -19.69 6.25 25.34
CA LEU D 85 -19.65 5.87 23.93
C LEU D 85 -21.02 6.07 23.29
N THR D 86 -21.03 6.51 22.04
CA THR D 86 -22.29 6.55 21.31
C THR D 86 -22.76 5.13 20.99
N ALA D 87 -24.05 5.00 20.67
CA ALA D 87 -24.58 3.70 20.25
C ALA D 87 -23.83 3.17 19.03
N ASP D 88 -23.50 4.04 18.08
CA ASP D 88 -22.75 3.62 16.90
C ASP D 88 -21.37 3.10 17.29
N ASP D 89 -20.70 3.78 18.22
CA ASP D 89 -19.37 3.34 18.64
C ASP D 89 -19.44 2.05 19.45
N GLU D 90 -20.49 1.88 20.27
CA GLU D 90 -20.69 0.60 20.94
C GLU D 90 -20.79 -0.54 19.92
N LEU D 91 -21.58 -0.35 18.88
CA LEU D 91 -21.76 -1.40 17.87
C LEU D 91 -20.45 -1.69 17.15
N LEU D 92 -19.69 -0.65 16.80
CA LEU D 92 -18.38 -0.84 16.21
C LEU D 92 -17.48 -1.69 17.11
N MET D 93 -17.41 -1.34 18.39
CA MET D 93 -16.53 -2.09 19.28
C MET D 93 -17.01 -3.53 19.40
N ASP D 94 -18.33 -3.73 19.52
CA ASP D 94 -18.88 -5.08 19.60
C ASP D 94 -18.50 -5.91 18.38
N SER D 95 -18.39 -5.29 17.19
CA SER D 95 -18.08 -6.04 15.97
C SER D 95 -16.67 -6.60 15.95
N PHE D 96 -15.80 -6.13 16.86
CA PHE D 96 -14.45 -6.66 17.06
C PHE D 96 -14.30 -7.37 18.39
N SER D 97 -15.43 -7.63 19.09
CA SER D 97 -15.43 -8.22 20.43
C SER D 97 -14.62 -7.40 21.44
N LEU D 98 -14.56 -6.09 21.21
CA LEU D 98 -13.92 -5.18 22.17
C LEU D 98 -14.98 -4.79 23.20
N ASN D 99 -15.36 -5.78 24.00
CA ASN D 99 -16.39 -5.54 25.00
C ASN D 99 -16.19 -6.53 26.13
N TYR D 100 -17.14 -6.56 27.07
CA TYR D 100 -17.19 -7.54 28.15
C TYR D 100 -15.80 -7.95 28.64
N ASP D 101 -15.26 -9.03 28.09
CA ASP D 101 -14.01 -9.58 28.59
C ASP D 101 -12.78 -8.84 28.09
N CYS D 102 -12.94 -8.08 27.01
CA CYS D 102 -11.86 -7.28 26.45
C CYS D 102 -12.31 -5.83 26.37
N PRO D 103 -12.52 -5.19 27.51
CA PRO D 103 -13.07 -3.83 27.51
C PRO D 103 -11.99 -2.80 27.23
N GLY D 104 -12.45 -1.59 26.98
CA GLY D 104 -11.54 -0.46 26.87
C GLY D 104 -11.10 0.04 28.23
N PHE D 105 -9.96 0.72 28.22
CA PHE D 105 -9.46 1.49 29.34
C PHE D 105 -8.50 2.54 28.77
N PRO D 106 -8.10 3.54 29.56
CA PRO D 106 -7.40 4.69 28.97
C PRO D 106 -6.11 4.35 28.24
N SER D 107 -5.45 3.24 28.56
CA SER D 107 -4.22 2.87 27.86
C SER D 107 -4.35 1.56 27.08
N VAL D 108 -5.57 1.15 26.71
CA VAL D 108 -5.74 -0.19 26.12
C VAL D 108 -4.89 -0.38 24.86
N PHE D 109 -4.74 0.65 24.02
CA PHE D 109 -3.93 0.45 22.81
C PHE D 109 -2.44 0.45 23.14
N ASP D 110 -1.96 1.40 23.95
CA ASP D 110 -0.55 1.43 24.31
C ASP D 110 -0.14 0.16 25.07
N TYR D 111 -1.04 -0.33 25.94
CA TYR D 111 -0.79 -1.57 26.67
C TYR D 111 -0.64 -2.75 25.72
N SER D 112 -1.58 -2.88 24.78
CA SER D 112 -1.60 -3.99 23.84
C SER D 112 -0.40 -3.93 22.92
N LEU D 113 -0.11 -2.72 22.43
CA LEU D 113 1.00 -2.55 21.52
C LEU D 113 2.33 -2.82 22.23
N ALA D 114 2.41 -2.50 23.51
CA ALA D 114 3.66 -2.72 24.23
C ALA D 114 4.10 -4.18 24.14
N ALA D 115 3.16 -5.12 24.34
CA ALA D 115 3.51 -6.55 24.25
C ALA D 115 4.06 -6.89 22.88
N VAL D 116 3.42 -6.37 21.82
CA VAL D 116 3.91 -6.55 20.46
C VAL D 116 5.33 -6.01 20.32
N GLN D 117 5.56 -4.78 20.81
CA GLN D 117 6.89 -4.19 20.71
C GLN D 117 7.93 -5.06 21.39
N GLY D 118 7.58 -5.63 22.56
CA GLY D 118 8.53 -6.45 23.28
C GLY D 118 8.83 -7.75 22.56
N SER D 119 7.80 -8.44 22.08
CA SER D 119 8.04 -9.72 21.43
C SER D 119 8.67 -9.57 20.03
N LEU D 120 8.39 -8.47 19.32
CA LEU D 120 9.09 -8.24 18.05
C LEU D 120 10.57 -7.99 18.29
N ALA D 121 10.90 -7.17 19.29
CA ALA D 121 12.31 -6.95 19.57
C ALA D 121 13.00 -8.25 20.00
N ALA D 122 12.29 -9.06 20.79
CA ALA D 122 12.83 -10.35 21.21
C ALA D 122 13.16 -11.23 20.02
N ALA D 123 12.24 -11.32 19.04
CA ALA D 123 12.53 -12.11 17.85
C ALA D 123 13.73 -11.57 17.09
N SER D 124 13.81 -10.25 16.94
CA SER D 124 14.94 -9.65 16.21
C SER D 124 16.27 -10.00 16.87
N ALA D 125 16.30 -9.99 18.21
CA ALA D 125 17.52 -10.32 18.94
C ALA D 125 17.97 -11.74 18.64
N LEU D 126 17.02 -12.65 18.44
CA LEU D 126 17.33 -14.02 18.07
C LEU D 126 17.83 -14.11 16.63
N ILE D 127 17.14 -13.42 15.72
CA ILE D 127 17.49 -13.47 14.30
C ILE D 127 18.91 -12.95 14.08
N CYS D 128 19.24 -11.82 14.70
CA CYS D 128 20.56 -11.20 14.59
CA CYS D 128 20.56 -11.23 14.56
C CYS D 128 21.60 -11.89 15.46
N ARG D 129 21.22 -12.95 16.18
CA ARG D 129 22.10 -13.74 17.04
C ARG D 129 22.69 -12.94 18.19
N HIS D 130 22.10 -11.79 18.57
CA HIS D 130 22.61 -11.14 19.77
C HIS D 130 22.33 -11.97 21.03
N CYS D 131 21.25 -12.74 21.02
CA CYS D 131 20.85 -13.57 22.14
C CYS D 131 20.53 -14.97 21.65
N GLU D 132 20.83 -15.96 22.49
CA GLU D 132 20.46 -17.34 22.18
C GLU D 132 19.03 -17.64 22.62
N VAL D 133 18.61 -17.04 23.73
CA VAL D 133 17.23 -17.14 24.24
C VAL D 133 16.84 -15.72 24.66
N VAL D 134 15.58 -15.37 24.46
CA VAL D 134 15.06 -14.10 24.95
C VAL D 134 13.75 -14.37 25.68
N ILE D 135 13.58 -13.72 26.84
CA ILE D 135 12.41 -13.83 27.70
C ILE D 135 11.61 -12.54 27.60
N ASN D 136 10.28 -12.65 27.48
CA ASN D 136 9.41 -11.47 27.54
C ASN D 136 8.20 -11.79 28.42
N TRP D 137 8.30 -11.47 29.72
CA TRP D 137 7.20 -11.72 30.63
C TRP D 137 6.07 -10.70 30.48
N GLY D 138 6.22 -9.72 29.59
CA GLY D 138 5.13 -8.84 29.23
C GLY D 138 4.34 -9.32 28.04
N GLY D 139 4.75 -10.41 27.39
CA GLY D 139 4.08 -10.91 26.21
C GLY D 139 3.42 -12.26 26.45
N GLY D 140 2.91 -12.83 25.36
CA GLY D 140 2.30 -14.14 25.40
C GLY D 140 0.80 -14.18 25.24
N TRP D 141 0.23 -13.23 24.48
CA TRP D 141 -1.23 -13.04 24.44
C TRP D 141 -1.82 -13.85 23.29
N HIS D 142 -2.02 -15.15 23.57
CA HIS D 142 -2.23 -16.12 22.50
C HIS D 142 -3.65 -16.15 21.95
N HIS D 143 -4.62 -15.48 22.57
CA HIS D 143 -6.00 -15.63 22.11
C HIS D 143 -6.41 -14.64 21.03
N ALA D 144 -5.70 -13.53 20.85
CA ALA D 144 -6.22 -12.50 19.95
C ALA D 144 -6.19 -12.99 18.50
N LYS D 145 -7.21 -12.61 17.74
CA LYS D 145 -7.36 -13.03 16.35
C LYS D 145 -7.15 -11.83 15.42
N ARG D 146 -7.14 -12.12 14.11
CA ARG D 146 -6.89 -11.09 13.12
C ARG D 146 -7.73 -9.83 13.35
N SER D 147 -9.04 -10.00 13.56
CA SER D 147 -9.94 -8.87 13.78
C SER D 147 -10.82 -9.07 15.01
N GLU D 148 -10.28 -9.68 16.06
CA GLU D 148 -11.09 -9.97 17.24
C GLU D 148 -10.25 -10.02 18.49
N ALA D 149 -10.62 -9.23 19.50
CA ALA D 149 -10.09 -9.41 20.84
C ALA D 149 -10.75 -10.61 21.53
N SER D 150 -9.99 -11.30 22.36
CA SER D 150 -10.47 -12.54 22.96
C SER D 150 -9.68 -12.84 24.22
N GLY D 151 -10.38 -13.22 25.28
CA GLY D 151 -9.69 -13.80 26.43
C GLY D 151 -8.65 -12.90 27.07
N PHE D 152 -8.98 -11.62 27.24
CA PHE D 152 -8.10 -10.57 27.78
C PHE D 152 -6.92 -10.26 26.87
N CYS D 153 -6.93 -10.73 25.62
CA CYS D 153 -5.87 -10.50 24.63
C CYS D 153 -6.41 -9.59 23.53
N TYR D 154 -5.67 -8.51 23.24
CA TYR D 154 -6.08 -7.56 22.21
C TYR D 154 -5.22 -7.62 20.96
N LEU D 155 -3.91 -7.77 21.09
CA LEU D 155 -3.03 -7.93 19.94
C LEU D 155 -2.17 -9.16 20.14
N ASN D 156 -2.00 -9.94 19.07
CA ASN D 156 -1.34 -11.24 19.22
C ASN D 156 0.15 -11.05 18.98
N ASP D 157 0.86 -10.71 20.06
CA ASP D 157 2.31 -10.53 19.97
C ASP D 157 3.01 -11.82 19.54
N ILE D 158 2.46 -12.99 19.92
CA ILE D 158 3.11 -14.25 19.58
C ILE D 158 3.10 -14.49 18.07
N VAL D 159 1.93 -14.31 17.45
CA VAL D 159 1.83 -14.48 16.01
C VAL D 159 2.77 -13.52 15.30
N LEU D 160 2.82 -12.26 15.75
CA LEU D 160 3.69 -11.31 15.07
C LEU D 160 5.17 -11.66 15.25
N ALA D 161 5.56 -12.13 16.44
CA ALA D 161 6.94 -12.60 16.63
C ALA D 161 7.25 -13.80 15.75
N ILE D 162 6.36 -14.78 15.71
CA ILE D 162 6.60 -15.99 14.91
C ILE D 162 6.68 -15.63 13.43
N HIS D 163 5.79 -14.75 12.97
CA HIS D 163 5.84 -14.29 11.58
C HIS D 163 7.20 -13.68 11.26
N ARG D 164 7.73 -12.85 12.15
CA ARG D 164 9.07 -12.30 11.95
C ARG D 164 10.14 -13.39 11.89
N LEU D 165 10.04 -14.40 12.76
CA LEU D 165 11.04 -15.48 12.76
C LEU D 165 10.98 -16.29 11.46
N VAL D 166 9.79 -16.77 11.05
CA VAL D 166 9.76 -17.64 9.88
C VAL D 166 10.11 -16.89 8.61
N SER D 167 9.95 -15.56 8.61
CA SER D 167 10.24 -14.75 7.43
C SER D 167 11.70 -14.36 7.33
N SER D 168 12.58 -14.95 8.13
CA SER D 168 13.95 -14.46 8.20
C SER D 168 14.94 -15.35 7.45
N GLN D 178 15.70 -23.76 4.87
CA GLN D 178 14.29 -23.43 5.05
C GLN D 178 13.86 -23.34 6.53
N THR D 179 13.22 -22.24 6.88
CA THR D 179 12.98 -21.88 8.28
C THR D 179 11.69 -22.51 8.79
N ARG D 180 11.76 -23.17 9.94
CA ARG D 180 10.60 -23.75 10.60
C ARG D 180 10.59 -23.34 12.06
N VAL D 181 9.40 -23.04 12.58
CA VAL D 181 9.25 -22.62 13.97
C VAL D 181 8.39 -23.66 14.69
N LEU D 182 8.82 -24.09 15.86
CA LEU D 182 7.97 -24.89 16.75
C LEU D 182 7.42 -23.99 17.84
N TYR D 183 6.09 -23.95 17.97
CA TYR D 183 5.43 -23.18 19.01
C TYR D 183 4.86 -24.13 20.04
N VAL D 184 5.20 -23.90 21.32
CA VAL D 184 4.79 -24.75 22.43
C VAL D 184 4.02 -23.88 23.42
N ASP D 185 2.78 -24.25 23.71
CA ASP D 185 1.88 -23.39 24.50
C ASP D 185 1.53 -24.13 25.80
N LEU D 186 2.13 -23.70 26.92
CA LEU D 186 2.01 -24.36 28.21
C LEU D 186 0.89 -23.79 29.09
N ASP D 187 0.18 -22.77 28.60
CA ASP D 187 -0.92 -22.14 29.30
C ASP D 187 -2.01 -23.16 29.65
N LEU D 188 -2.76 -22.86 30.70
CA LEU D 188 -3.91 -23.69 31.06
C LEU D 188 -4.93 -23.74 29.92
N HIS D 189 -5.00 -22.69 29.11
CA HIS D 189 -5.98 -22.57 28.06
C HIS D 189 -5.39 -22.90 26.69
N HIS D 190 -6.26 -23.34 25.80
CA HIS D 190 -5.86 -23.63 24.44
C HIS D 190 -5.34 -22.38 23.73
N GLY D 191 -4.19 -22.50 23.07
CA GLY D 191 -3.63 -21.40 22.30
C GLY D 191 -4.29 -21.25 20.93
N ASP D 192 -5.55 -20.83 20.92
CA ASP D 192 -6.35 -20.89 19.70
C ASP D 192 -5.95 -19.81 18.69
N GLY D 193 -5.63 -18.60 19.15
CA GLY D 193 -5.29 -17.52 18.22
C GLY D 193 -4.06 -17.84 17.40
N VAL D 194 -3.02 -18.35 18.06
CA VAL D 194 -1.78 -18.74 17.37
C VAL D 194 -2.04 -19.92 16.45
N GLU D 195 -2.74 -20.94 16.97
CA GLU D 195 -3.06 -22.11 16.16
C GLU D 195 -3.80 -21.74 14.88
N GLU D 196 -4.79 -20.85 15.00
CA GLU D 196 -5.57 -20.45 13.83
C GLU D 196 -4.75 -19.64 12.84
N ALA D 197 -3.87 -18.77 13.34
CA ALA D 197 -3.09 -17.93 12.44
C ALA D 197 -2.21 -18.79 11.53
N PHE D 198 -1.76 -19.94 12.00
CA PHE D 198 -0.83 -20.75 11.21
C PHE D 198 -1.47 -22.05 10.75
N TRP D 199 -2.82 -22.08 10.71
CA TRP D 199 -3.58 -23.29 10.39
C TRP D 199 -3.21 -23.88 9.03
N TYR D 200 -2.84 -23.02 8.08
CA TYR D 200 -2.53 -23.45 6.71
C TYR D 200 -1.04 -23.47 6.43
N SER D 201 -0.21 -23.28 7.45
CA SER D 201 1.23 -23.09 7.27
CA SER D 201 1.23 -23.12 7.26
C SER D 201 1.98 -24.29 7.84
N PRO D 202 2.59 -25.15 7.02
CA PRO D 202 3.39 -26.26 7.58
C PRO D 202 4.66 -25.81 8.27
N ARG D 203 5.16 -24.60 7.98
CA ARG D 203 6.46 -24.21 8.53
C ARG D 203 6.38 -23.72 9.96
N VAL D 204 5.19 -23.50 10.50
CA VAL D 204 5.01 -23.17 11.90
C VAL D 204 4.16 -24.29 12.50
N VAL D 205 4.77 -25.19 13.25
CA VAL D 205 4.04 -26.26 13.92
C VAL D 205 3.65 -25.74 15.30
N THR D 206 2.36 -25.83 15.63
CA THR D 206 1.86 -25.38 16.93
C THR D 206 1.49 -26.59 17.78
N PHE D 207 1.78 -26.51 19.08
CA PHE D 207 1.49 -27.59 20.02
C PHE D 207 1.00 -26.95 21.31
N SER D 208 -0.25 -27.19 21.67
CA SER D 208 -0.80 -26.65 22.90
C SER D 208 -1.18 -27.81 23.80
N VAL D 209 -0.80 -27.72 25.08
CA VAL D 209 -1.31 -28.60 26.12
C VAL D 209 -2.14 -27.74 27.06
N HIS D 210 -3.32 -28.22 27.44
CA HIS D 210 -4.30 -27.35 28.10
C HIS D 210 -5.38 -28.22 28.74
N HIS D 211 -6.18 -27.60 29.59
CA HIS D 211 -7.44 -28.20 29.99
C HIS D 211 -8.52 -27.91 28.96
N ALA D 212 -9.39 -28.89 28.72
CA ALA D 212 -10.59 -28.67 27.92
C ALA D 212 -11.73 -29.44 28.56
N SER D 213 -12.91 -28.84 28.58
CA SER D 213 -14.10 -29.44 29.17
C SER D 213 -15.32 -28.57 28.78
N PRO D 214 -16.54 -29.11 28.88
CA PRO D 214 -17.69 -28.37 28.37
C PRO D 214 -17.84 -27.04 29.08
N GLY D 215 -17.93 -25.97 28.27
CA GLY D 215 -18.11 -24.62 28.77
C GLY D 215 -16.83 -23.92 29.14
N PHE D 216 -15.69 -24.63 29.15
CA PHE D 216 -14.40 -24.04 29.53
C PHE D 216 -13.80 -23.29 28.36
N PHE D 217 -13.29 -22.09 28.62
CA PHE D 217 -12.67 -21.24 27.57
C PHE D 217 -11.40 -21.84 26.95
N PRO D 218 -11.19 -21.67 25.62
CA PRO D 218 -12.08 -21.07 24.63
C PRO D 218 -12.96 -22.09 23.95
N GLY D 219 -12.74 -23.37 24.23
CA GLY D 219 -13.59 -24.43 23.71
C GLY D 219 -12.91 -25.34 22.72
N THR D 220 -11.80 -24.91 22.13
CA THR D 220 -11.11 -25.61 21.07
C THR D 220 -9.94 -26.43 21.64
N GLY D 221 -9.16 -27.04 20.75
CA GLY D 221 -8.05 -27.87 21.18
C GLY D 221 -8.46 -29.24 21.66
N THR D 222 -9.61 -29.73 21.20
CA THR D 222 -10.09 -31.04 21.61
C THR D 222 -11.00 -31.58 20.52
N TRP D 223 -11.62 -32.73 20.78
CA TRP D 223 -12.59 -33.30 19.88
C TRP D 223 -13.65 -32.27 19.51
N ASN D 224 -13.96 -32.18 18.21
CA ASN D 224 -14.90 -31.15 17.80
C ASN D 224 -15.90 -31.69 16.79
N MET D 225 -17.14 -31.20 16.90
CA MET D 225 -18.18 -31.52 15.93
C MET D 225 -18.03 -30.68 14.65
N LYS D 230 -21.59 -37.85 12.08
CA LYS D 230 -21.76 -36.84 13.12
C LYS D 230 -21.09 -37.26 14.43
N LEU D 231 -19.82 -37.71 14.32
CA LEU D 231 -18.92 -38.08 15.40
C LEU D 231 -17.76 -37.10 15.46
N PRO D 232 -17.33 -36.67 16.65
CA PRO D 232 -16.31 -35.62 16.72
C PRO D 232 -14.93 -36.14 16.35
N ILE D 233 -14.19 -35.32 15.62
CA ILE D 233 -12.83 -35.66 15.20
C ILE D 233 -11.88 -34.61 15.73
N PHE D 234 -10.60 -34.89 15.61
CA PHE D 234 -9.56 -33.94 15.98
C PHE D 234 -9.05 -33.23 14.73
N LEU D 235 -9.40 -31.96 14.58
CA LEU D 235 -8.87 -31.14 13.49
C LEU D 235 -7.41 -30.78 13.78
N ASN D 236 -6.61 -30.62 12.71
CA ASN D 236 -5.18 -30.47 12.96
C ASN D 236 -4.47 -29.64 11.89
N GLY D 237 -5.16 -28.74 11.20
CA GLY D 237 -4.60 -27.99 10.10
C GLY D 237 -5.33 -28.26 8.82
N ALA D 238 -5.05 -27.42 7.81
CA ALA D 238 -5.75 -27.52 6.54
C ALA D 238 -4.82 -27.08 5.41
N GLY D 239 -5.19 -27.46 4.19
CA GLY D 239 -4.35 -27.21 3.04
C GLY D 239 -2.98 -27.82 3.24
N ARG D 240 -1.94 -27.06 2.86
CA ARG D 240 -0.58 -27.55 3.10
C ARG D 240 -0.22 -27.57 4.58
N GLY D 241 -1.03 -26.95 5.43
CA GLY D 241 -0.89 -27.03 6.87
C GLY D 241 -1.54 -28.23 7.54
N ARG D 242 -2.07 -29.19 6.76
CA ARG D 242 -2.67 -30.37 7.37
C ARG D 242 -1.65 -31.09 8.25
N PHE D 243 -2.11 -31.53 9.43
CA PHE D 243 -1.34 -32.26 10.44
C PHE D 243 -0.36 -31.40 11.22
N SER D 244 -0.36 -30.08 11.01
CA SER D 244 0.66 -29.21 11.61
C SER D 244 0.20 -28.50 12.87
N ALA D 245 -1.03 -28.76 13.33
CA ALA D 245 -1.51 -28.22 14.59
C ALA D 245 -1.74 -29.36 15.56
N PHE D 246 -0.98 -29.38 16.67
CA PHE D 246 -1.02 -30.44 17.67
C PHE D 246 -1.67 -29.95 18.95
N ASN D 247 -2.43 -30.82 19.61
CA ASN D 247 -3.14 -30.45 20.83
C ASN D 247 -3.18 -31.63 21.79
N LEU D 248 -3.05 -31.34 23.09
CA LEU D 248 -3.16 -32.34 24.14
C LEU D 248 -4.09 -31.81 25.23
N PRO D 249 -5.38 -32.16 25.19
CA PRO D 249 -6.29 -31.76 26.26
C PRO D 249 -6.20 -32.73 27.42
N LEU D 250 -6.24 -32.17 28.63
CA LEU D 250 -6.00 -32.92 29.85
C LEU D 250 -7.10 -32.61 30.86
N GLU D 251 -7.45 -33.62 31.64
CA GLU D 251 -8.49 -33.50 32.66
C GLU D 251 -7.99 -32.69 33.85
N GLU D 252 -8.93 -32.11 34.58
CA GLU D 252 -8.57 -31.33 35.75
C GLU D 252 -7.89 -32.22 36.80
N GLY D 253 -7.03 -31.59 37.60
CA GLY D 253 -6.36 -32.24 38.69
C GLY D 253 -4.96 -32.77 38.42
N ILE D 254 -4.43 -32.63 37.19
CA ILE D 254 -3.16 -33.27 36.86
C ILE D 254 -2.01 -32.61 37.61
N ASN D 255 -1.07 -33.43 38.09
CA ASN D 255 0.04 -32.96 38.91
C ASN D 255 1.30 -32.82 38.05
N ASP D 256 2.40 -32.40 38.70
CA ASP D 256 3.65 -32.16 37.98
C ASP D 256 4.13 -33.38 37.21
N LEU D 257 4.19 -34.54 37.87
CA LEU D 257 4.77 -35.73 37.24
C LEU D 257 3.94 -36.21 36.06
N ASP D 258 2.62 -36.31 36.25
CA ASP D 258 1.77 -36.79 35.18
C ASP D 258 1.71 -35.81 34.00
N TRP D 259 1.71 -34.51 34.29
CA TRP D 259 1.76 -33.52 33.22
C TRP D 259 3.09 -33.60 32.47
N SER D 260 4.19 -33.76 33.21
CA SER D 260 5.52 -33.92 32.61
C SER D 260 5.60 -35.15 31.72
N ASN D 261 5.12 -36.30 32.23
CA ASN D 261 5.15 -37.53 31.44
C ASN D 261 4.24 -37.44 30.22
N ALA D 262 3.18 -36.63 30.31
CA ALA D 262 2.27 -36.48 29.18
C ALA D 262 2.91 -35.69 28.05
N ILE D 263 3.63 -34.63 28.38
CA ILE D 263 4.13 -33.70 27.37
C ILE D 263 5.54 -34.04 26.90
N GLY D 264 6.32 -34.75 27.72
CA GLY D 264 7.72 -34.94 27.47
C GLY D 264 8.07 -35.65 26.17
N PRO D 265 7.50 -36.84 25.95
CA PRO D 265 7.75 -37.55 24.69
C PRO D 265 7.24 -36.82 23.47
N ILE D 266 6.12 -36.09 23.59
CA ILE D 266 5.62 -35.30 22.47
C ILE D 266 6.63 -34.23 22.08
N LEU D 267 7.15 -33.49 23.07
CA LEU D 267 8.12 -32.43 22.79
C LEU D 267 9.38 -32.98 22.12
N ASP D 268 9.94 -34.04 22.68
CA ASP D 268 11.12 -34.67 22.09
C ASP D 268 10.85 -35.14 20.67
N SER D 269 9.67 -35.72 20.41
CA SER D 269 9.35 -36.20 19.08
CA SER D 269 9.34 -36.19 19.08
C SER D 269 9.19 -35.04 18.10
N LEU D 270 8.56 -33.95 18.53
CA LEU D 270 8.40 -32.78 17.65
C LEU D 270 9.76 -32.22 17.26
N ASN D 271 10.67 -32.10 18.23
CA ASN D 271 11.99 -31.57 17.92
C ASN D 271 12.75 -32.48 16.95
N ILE D 272 12.70 -33.80 17.19
CA ILE D 272 13.38 -34.75 16.32
C ILE D 272 12.87 -34.63 14.88
N VAL D 273 11.55 -34.63 14.71
CA VAL D 273 10.98 -34.70 13.38
C VAL D 273 11.01 -33.34 12.69
N ILE D 274 10.70 -32.27 13.41
CA ILE D 274 10.55 -30.97 12.76
C ILE D 274 11.91 -30.29 12.59
N GLN D 275 12.86 -30.54 13.48
CA GLN D 275 14.15 -29.88 13.47
C GLN D 275 13.99 -28.36 13.40
N PRO D 276 13.32 -27.75 14.37
CA PRO D 276 12.98 -26.33 14.26
C PRO D 276 14.20 -25.43 14.21
N SER D 277 14.08 -24.33 13.45
CA SER D 277 15.08 -23.25 13.46
C SER D 277 14.94 -22.37 14.69
N TYR D 278 13.72 -22.24 15.22
CA TYR D 278 13.41 -21.48 16.42
C TYR D 278 12.33 -22.21 17.19
N VAL D 279 12.31 -22.02 18.50
CA VAL D 279 11.20 -22.46 19.36
C VAL D 279 10.62 -21.23 20.04
N VAL D 280 9.30 -21.14 20.08
CA VAL D 280 8.62 -20.08 20.83
C VAL D 280 7.75 -20.77 21.87
N VAL D 281 7.96 -20.45 23.14
CA VAL D 281 7.24 -21.09 24.24
C VAL D 281 6.36 -20.07 24.94
N GLN D 282 5.08 -20.38 25.09
CA GLN D 282 4.18 -19.56 25.89
C GLN D 282 4.08 -20.26 27.25
N CYS D 283 4.40 -19.52 28.33
CA CYS D 283 4.54 -20.09 29.66
CA CYS D 283 4.54 -20.07 29.67
C CYS D 283 3.52 -19.51 30.64
N GLY D 284 2.26 -19.42 30.20
CA GLY D 284 1.21 -18.96 31.09
C GLY D 284 1.17 -19.75 32.39
N ALA D 285 1.06 -19.06 33.52
CA ALA D 285 1.21 -19.64 34.85
C ALA D 285 -0.10 -20.08 35.49
N ASP D 286 -1.20 -20.11 34.73
CA ASP D 286 -2.49 -20.48 35.32
C ASP D 286 -2.65 -21.98 35.49
N CYS D 287 -1.62 -22.79 35.18
CA CYS D 287 -1.62 -24.20 35.54
C CYS D 287 -1.18 -24.43 36.98
N LEU D 288 -0.65 -23.40 37.65
CA LEU D 288 -0.20 -23.59 39.02
C LEU D 288 -1.35 -24.03 39.91
N ALA D 289 -1.05 -24.89 40.88
CA ALA D 289 -2.08 -25.39 41.80
C ALA D 289 -2.76 -24.25 42.54
N THR D 290 -2.06 -23.12 42.70
CA THR D 290 -2.50 -21.98 43.48
C THR D 290 -3.08 -20.86 42.63
N ASP D 291 -3.16 -21.04 41.32
CA ASP D 291 -3.92 -20.10 40.51
C ASP D 291 -5.39 -20.15 40.93
N PRO D 292 -6.09 -19.01 40.93
CA PRO D 292 -7.52 -19.05 41.28
C PRO D 292 -8.37 -19.91 40.35
N HIS D 293 -7.88 -20.25 39.14
CA HIS D 293 -8.62 -21.23 38.34
C HIS D 293 -8.74 -22.56 39.07
N ARG D 294 -7.66 -22.99 39.73
CA ARG D 294 -7.63 -24.24 40.49
C ARG D 294 -8.05 -25.42 39.61
N ILE D 295 -7.38 -25.57 38.46
CA ILE D 295 -7.68 -26.65 37.51
CA ILE D 295 -7.68 -26.65 37.51
C ILE D 295 -6.59 -27.70 37.54
N PHE D 296 -5.36 -27.32 37.22
CA PHE D 296 -4.20 -28.20 37.29
C PHE D 296 -3.49 -28.00 38.62
N ARG D 297 -2.57 -28.90 38.93
CA ARG D 297 -1.81 -28.88 40.19
C ARG D 297 -0.31 -28.75 39.95
N LEU D 298 0.10 -27.95 38.98
CA LEU D 298 1.53 -27.77 38.77
C LEU D 298 2.13 -26.86 39.84
N THR D 299 3.43 -26.98 40.05
CA THR D 299 4.13 -26.15 41.03
C THR D 299 5.26 -25.40 40.35
N ASN D 300 6.05 -24.69 41.17
CA ASN D 300 7.32 -24.15 40.74
C ASN D 300 8.49 -24.83 41.46
N PHE D 301 8.28 -26.05 41.96
CA PHE D 301 9.29 -26.69 42.79
C PHE D 301 10.51 -27.09 41.96
N TYR D 302 11.70 -26.91 42.53
CA TYR D 302 12.94 -27.23 41.83
C TYR D 302 13.84 -27.95 42.83
N PRO D 303 13.74 -29.25 42.93
CA PRO D 303 14.56 -29.98 43.92
C PRO D 303 16.04 -29.71 43.70
N ASN D 304 16.76 -29.57 44.81
CA ASN D 304 18.17 -29.19 44.78
C ASN D 304 18.96 -30.05 43.80
N LEU D 305 19.33 -31.25 44.24
CA LEU D 305 19.86 -32.29 43.37
C LEU D 305 20.89 -31.81 42.34
N CYS D 315 10.73 -36.15 45.62
CA CYS D 315 10.20 -34.79 45.53
C CYS D 315 10.03 -34.40 44.06
N SER D 316 8.99 -33.62 43.77
CA SER D 316 8.58 -33.42 42.39
C SER D 316 9.21 -32.17 41.78
N LEU D 317 9.48 -32.27 40.49
CA LEU D 317 9.98 -31.16 39.69
C LEU D 317 8.79 -30.52 38.99
N SER D 318 8.69 -29.19 39.12
CA SER D 318 7.73 -28.39 38.40
C SER D 318 7.59 -28.85 36.95
N GLY D 319 6.34 -29.09 36.53
CA GLY D 319 6.09 -29.38 35.13
C GLY D 319 6.64 -28.30 34.22
N TYR D 320 6.46 -27.04 34.60
CA TYR D 320 6.97 -25.93 33.80
C TYR D 320 8.48 -26.00 33.63
N LEU D 321 9.21 -26.22 34.74
CA LEU D 321 10.67 -26.27 34.65
C LEU D 321 11.16 -27.54 33.97
N TYR D 322 10.47 -28.66 34.15
CA TYR D 322 10.74 -29.84 33.33
C TYR D 322 10.66 -29.52 31.84
N ALA D 323 9.58 -28.85 31.42
CA ALA D 323 9.37 -28.59 29.99
C ALA D 323 10.41 -27.62 29.43
N ILE D 324 10.72 -26.54 30.18
CA ILE D 324 11.64 -25.53 29.68
C ILE D 324 13.06 -26.11 29.61
N LYS D 325 13.47 -26.87 30.63
CA LYS D 325 14.78 -27.52 30.58
C LYS D 325 14.90 -28.42 29.36
N LYS D 326 13.85 -29.19 29.07
CA LYS D 326 13.87 -30.09 27.92
C LYS D 326 14.00 -29.30 26.62
N ILE D 327 13.18 -28.27 26.44
CA ILE D 327 13.24 -27.46 25.24
C ILE D 327 14.61 -26.82 25.08
N LEU D 328 15.16 -26.24 26.17
CA LEU D 328 16.47 -25.61 26.10
C LEU D 328 17.59 -26.62 25.83
N SER D 329 17.41 -27.89 26.19
CA SER D 329 18.42 -28.91 25.91
C SER D 329 18.64 -29.11 24.41
N TRP D 330 17.67 -28.74 23.58
CA TRP D 330 17.84 -28.84 22.12
C TRP D 330 18.84 -27.83 21.57
N LYS D 331 19.19 -26.79 22.33
CA LYS D 331 20.09 -25.72 21.90
C LYS D 331 19.63 -25.10 20.58
N VAL D 332 18.33 -24.83 20.49
CA VAL D 332 17.70 -24.09 19.39
C VAL D 332 17.38 -22.68 19.89
N PRO D 333 17.63 -21.62 19.13
CA PRO D 333 17.27 -20.27 19.61
C PRO D 333 15.79 -20.21 19.96
N THR D 334 15.49 -19.69 21.16
CA THR D 334 14.18 -19.84 21.79
C THR D 334 13.67 -18.53 22.35
N LEU D 335 12.39 -18.28 22.18
CA LEU D 335 11.67 -17.15 22.75
C LEU D 335 10.77 -17.71 23.85
N ILE D 336 10.90 -17.19 25.07
CA ILE D 336 10.07 -17.61 26.20
C ILE D 336 9.17 -16.45 26.57
N LEU D 337 7.85 -16.69 26.54
CA LEU D 337 6.86 -15.63 26.73
C LEU D 337 6.01 -15.94 27.96
N GLY D 338 5.35 -14.91 28.48
CA GLY D 338 4.44 -15.09 29.59
C GLY D 338 3.06 -15.51 29.10
N GLY D 339 2.02 -14.92 29.67
CA GLY D 339 0.65 -15.24 29.33
C GLY D 339 -0.25 -15.16 30.54
N GLY D 340 -1.18 -16.09 30.71
CA GLY D 340 -2.04 -16.09 31.87
C GLY D 340 -1.27 -16.29 33.16
N GLY D 341 -1.97 -16.07 34.27
CA GLY D 341 -1.38 -16.21 35.58
C GLY D 341 -2.05 -15.20 36.48
N TYR D 342 -3.00 -15.65 37.30
CA TYR D 342 -3.87 -14.74 38.03
C TYR D 342 -3.59 -14.70 39.54
N ASN D 343 -2.64 -15.51 40.02
CA ASN D 343 -2.05 -15.34 41.34
C ASN D 343 -0.74 -14.62 41.08
N PHE D 344 -0.70 -13.30 41.30
CA PHE D 344 0.45 -12.51 40.86
C PHE D 344 1.73 -12.90 41.58
N PRO D 345 1.76 -13.02 42.92
CA PRO D 345 3.03 -13.44 43.56
C PRO D 345 3.48 -14.82 43.12
N ASP D 346 2.56 -15.78 42.96
CA ASP D 346 2.98 -17.11 42.57
C ASP D 346 3.43 -17.16 41.11
N THR D 347 2.83 -16.34 40.24
CA THR D 347 3.35 -16.20 38.88
C THR D 347 4.77 -15.65 38.90
N ALA D 348 5.05 -14.64 39.73
CA ALA D 348 6.42 -14.16 39.86
C ALA D 348 7.37 -15.25 40.38
N ARG D 349 6.90 -16.04 41.36
CA ARG D 349 7.71 -17.15 41.89
C ARG D 349 8.07 -18.14 40.79
N LEU D 350 7.11 -18.48 39.94
CA LEU D 350 7.38 -19.42 38.86
C LEU D 350 8.31 -18.81 37.82
N TRP D 351 8.00 -17.60 37.36
CA TRP D 351 8.76 -17.05 36.24
C TRP D 351 10.17 -16.66 36.68
N THR D 352 10.35 -16.31 37.95
CA THR D 352 11.70 -16.11 38.47
C THR D 352 12.52 -17.39 38.36
N ARG D 353 11.93 -18.54 38.73
CA ARG D 353 12.65 -19.81 38.59
C ARG D 353 12.87 -20.17 37.12
N VAL D 354 11.90 -19.88 36.25
CA VAL D 354 12.12 -20.12 34.82
C VAL D 354 13.30 -19.29 34.33
N THR D 355 13.39 -18.04 34.79
CA THR D 355 14.46 -17.16 34.35
C THR D 355 15.81 -17.68 34.82
N ALA D 356 15.88 -18.09 36.10
CA ALA D 356 17.13 -18.64 36.62
C ALA D 356 17.53 -19.92 35.92
N LEU D 357 16.57 -20.81 35.66
CA LEU D 357 16.85 -22.04 34.90
C LEU D 357 17.41 -21.73 33.52
N THR D 358 16.82 -20.75 32.82
CA THR D 358 17.29 -20.41 31.47
C THR D 358 18.74 -19.94 31.50
N ILE D 359 19.09 -19.11 32.48
CA ILE D 359 20.48 -18.63 32.61
C ILE D 359 21.41 -19.81 32.84
N GLU D 360 21.05 -20.71 33.76
CA GLU D 360 21.88 -21.88 34.05
C GLU D 360 22.13 -22.71 32.80
N GLU D 361 21.05 -23.06 32.10
CA GLU D 361 21.15 -23.96 30.95
C GLU D 361 21.92 -23.30 29.81
N VAL D 362 21.70 -22.00 29.56
CA VAL D 362 22.28 -21.35 28.40
C VAL D 362 23.73 -20.97 28.67
N LYS D 363 23.97 -20.32 29.81
CA LYS D 363 25.31 -19.87 30.15
C LYS D 363 26.16 -20.97 30.79
N GLY D 364 25.57 -22.11 31.12
CA GLY D 364 26.33 -23.17 31.77
C GLY D 364 26.88 -22.73 33.10
N LYS D 365 26.06 -22.05 33.90
CA LYS D 365 26.53 -21.25 35.03
C LYS D 365 25.53 -21.37 36.16
N LYS D 366 25.96 -21.92 37.29
CA LYS D 366 25.00 -22.24 38.36
C LYS D 366 24.35 -20.98 38.91
N MET D 367 23.03 -21.03 39.09
CA MET D 367 22.27 -19.96 39.73
C MET D 367 21.79 -20.48 41.07
N THR D 368 22.11 -19.75 42.15
CA THR D 368 21.72 -20.13 43.50
C THR D 368 20.68 -19.16 44.00
N ILE D 369 19.45 -19.64 44.13
CA ILE D 369 18.32 -18.82 44.57
C ILE D 369 17.98 -19.18 46.02
N SER D 370 18.02 -18.19 46.90
CA SER D 370 17.64 -18.42 48.29
C SER D 370 16.20 -18.93 48.39
N PRO D 371 15.90 -19.86 49.31
CA PRO D 371 14.51 -20.32 49.46
C PRO D 371 13.60 -19.30 50.12
N GLU D 372 14.17 -18.25 50.70
CA GLU D 372 13.45 -17.10 51.23
C GLU D 372 13.38 -15.99 50.19
N ILE D 373 12.22 -15.36 50.08
CA ILE D 373 12.06 -14.17 49.23
C ILE D 373 12.93 -13.04 49.76
N PRO D 374 13.80 -12.45 48.94
CA PRO D 374 14.63 -11.35 49.44
C PRO D 374 13.78 -10.12 49.71
N GLU D 375 14.21 -9.33 50.69
CA GLU D 375 13.55 -8.05 50.94
C GLU D 375 13.62 -7.18 49.68
N HIS D 376 12.49 -6.58 49.34
CA HIS D 376 12.39 -5.68 48.18
C HIS D 376 11.04 -5.01 48.24
N SER D 377 10.74 -4.19 47.23
CA SER D 377 9.58 -3.31 47.29
C SER D 377 8.28 -4.08 47.49
N TYR D 378 8.17 -5.29 46.91
CA TYR D 378 6.94 -6.07 46.98
C TYR D 378 7.04 -7.24 47.94
N PHE D 379 8.07 -7.26 48.80
CA PHE D 379 8.26 -8.33 49.77
C PHE D 379 6.96 -8.68 50.49
N SER D 380 6.20 -7.65 50.89
CA SER D 380 4.99 -7.88 51.68
C SER D 380 3.96 -8.71 50.93
N ARG D 381 4.01 -8.74 49.59
CA ARG D 381 3.04 -9.50 48.81
C ARG D 381 3.27 -11.00 48.87
N TYR D 382 4.37 -11.46 49.46
CA TYR D 382 4.73 -12.87 49.45
C TYR D 382 4.45 -13.53 50.80
N GLY D 383 3.69 -12.87 51.67
CA GLY D 383 3.26 -13.44 52.92
C GLY D 383 2.27 -14.59 52.74
N PRO D 384 2.04 -15.39 53.79
CA PRO D 384 2.55 -15.13 55.15
C PRO D 384 3.94 -15.70 55.43
N ASP D 385 4.47 -16.57 54.56
CA ASP D 385 5.71 -17.27 54.87
C ASP D 385 6.91 -16.81 54.04
N PHE D 386 6.69 -16.11 52.92
CA PHE D 386 7.79 -15.47 52.19
C PHE D 386 8.81 -16.49 51.70
N GLU D 387 8.33 -17.65 51.27
CA GLU D 387 9.13 -18.65 50.60
C GLU D 387 9.03 -18.51 49.09
N LEU D 388 10.06 -19.00 48.39
CA LEU D 388 10.02 -19.02 46.93
C LEU D 388 9.13 -20.15 46.41
N ASP D 389 9.15 -21.32 47.07
CA ASP D 389 8.20 -22.38 46.73
C ASP D 389 6.78 -21.87 46.88
N ILE D 390 5.90 -22.28 45.96
CA ILE D 390 4.49 -21.94 46.20
C ILE D 390 3.98 -22.77 47.38
N ASP D 391 2.89 -22.27 47.98
CA ASP D 391 2.33 -22.87 49.19
C ASP D 391 1.32 -23.94 48.78
N TYR D 392 1.84 -25.12 48.45
CA TYR D 392 0.99 -26.19 47.97
C TYR D 392 1.59 -27.52 48.39
N PHE D 393 0.71 -28.42 48.82
CA PHE D 393 1.07 -29.75 49.31
C PHE D 393 0.63 -30.78 48.27
N PRO D 394 1.56 -31.33 47.47
CA PRO D 394 1.19 -32.22 46.36
C PRO D 394 1.05 -33.67 46.79
N LEU D 402 -4.32 -43.87 33.26
CA LEU D 402 -3.58 -43.00 32.38
C LEU D 402 -3.83 -43.34 30.91
N ASP D 403 -4.83 -44.18 30.64
CA ASP D 403 -5.03 -44.67 29.28
C ASP D 403 -5.60 -43.62 28.34
N SER D 404 -6.23 -42.56 28.86
CA SER D 404 -6.57 -41.44 27.99
C SER D 404 -5.31 -40.80 27.42
N ILE D 405 -4.28 -40.62 28.24
CA ILE D 405 -3.05 -40.04 27.73
C ILE D 405 -2.34 -40.97 26.76
N GLN D 406 -2.42 -42.30 26.98
CA GLN D 406 -1.82 -43.22 26.02
C GLN D 406 -2.53 -43.16 24.66
N LYS D 407 -3.86 -43.06 24.66
CA LYS D 407 -4.57 -42.89 23.40
C LYS D 407 -4.15 -41.60 22.69
N HIS D 408 -3.99 -40.50 23.45
CA HIS D 408 -3.55 -39.24 22.86
C HIS D 408 -2.17 -39.37 22.27
N HIS D 409 -1.25 -40.03 22.97
CA HIS D 409 0.09 -40.24 22.43
C HIS D 409 0.05 -41.02 21.13
N ARG D 410 -0.75 -42.09 21.08
CA ARG D 410 -0.91 -42.85 19.85
C ARG D 410 -1.44 -41.97 18.73
N ARG D 411 -2.44 -41.14 19.03
CA ARG D 411 -3.03 -40.26 18.03
C ARG D 411 -2.02 -39.22 17.55
N ILE D 412 -1.26 -38.62 18.47
CA ILE D 412 -0.31 -37.57 18.11
C ILE D 412 0.87 -38.15 17.33
N LEU D 413 1.32 -39.35 17.72
CA LEU D 413 2.40 -40.01 17.00
C LEU D 413 2.02 -40.27 15.56
N GLU D 414 0.78 -40.71 15.34
CA GLU D 414 0.30 -40.90 13.98
C GLU D 414 0.23 -39.57 13.23
N GLN D 415 -0.31 -38.54 13.88
CA GLN D 415 -0.38 -37.23 13.24
C GLN D 415 1.01 -36.72 12.88
N LEU D 416 2.00 -36.99 13.74
CA LEU D 416 3.36 -36.56 13.45
C LEU D 416 3.92 -37.31 12.24
N ARG D 417 3.63 -38.61 12.16
CA ARG D 417 4.00 -39.39 10.97
C ARG D 417 3.30 -38.85 9.72
N ASN D 418 2.00 -38.54 9.83
CA ASN D 418 1.28 -37.93 8.72
C ASN D 418 1.91 -36.60 8.31
N TYR D 419 2.24 -35.76 9.29
CA TYR D 419 2.87 -34.49 9.00
C TYR D 419 4.21 -34.68 8.27
N ALA D 420 5.04 -35.58 8.77
CA ALA D 420 6.36 -35.79 8.16
C ALA D 420 6.23 -36.34 6.74
N ASP D 421 5.30 -37.27 6.53
CA ASP D 421 5.07 -37.80 5.19
C ASP D 421 4.64 -36.70 4.24
N LEU D 422 3.64 -35.92 4.65
CA LEU D 422 3.10 -34.86 3.79
C LEU D 422 4.17 -33.84 3.42
N ASN D 423 5.10 -33.55 4.33
CA ASN D 423 6.12 -32.54 4.10
C ASN D 423 7.46 -33.13 3.68
N LYS D 424 7.49 -34.41 3.33
CA LYS D 424 8.69 -35.08 2.82
C LYS D 424 9.87 -34.92 3.80
N LEU D 425 9.57 -35.04 5.09
CA LEU D 425 10.59 -34.93 6.13
C LEU D 425 11.15 -36.31 6.47
N ILE D 426 12.44 -36.37 6.71
CA ILE D 426 13.14 -37.62 6.98
C ILE D 426 13.34 -37.76 8.48
N TYR D 427 12.88 -38.88 9.03
CA TYR D 427 12.85 -39.08 10.47
C TYR D 427 12.94 -40.57 10.77
N ASP D 428 13.59 -40.90 11.88
CA ASP D 428 13.79 -42.29 12.29
C ASP D 428 12.56 -42.75 13.06
N TYR D 429 11.63 -43.42 12.38
CA TYR D 429 10.38 -43.83 13.02
C TYR D 429 10.61 -44.78 14.19
N ASP D 430 11.74 -45.49 14.24
CA ASP D 430 11.99 -46.35 15.39
C ASP D 430 12.24 -45.51 16.64
N GLN D 431 13.22 -44.60 16.58
CA GLN D 431 13.60 -43.81 17.73
C GLN D 431 12.46 -42.93 18.22
N VAL D 432 11.66 -42.42 17.28
CA VAL D 432 10.50 -41.60 17.65
C VAL D 432 9.47 -42.45 18.38
N TYR D 433 9.16 -43.64 17.84
CA TYR D 433 8.25 -44.55 18.52
C TYR D 433 8.73 -44.84 19.95
N GLN D 434 10.02 -45.19 20.08
CA GLN D 434 10.55 -45.59 21.38
C GLN D 434 10.42 -44.50 22.44
N LEU D 435 10.31 -43.22 22.04
CA LEU D 435 10.20 -42.15 23.03
C LEU D 435 8.94 -42.30 23.88
N TYR D 436 7.91 -42.95 23.36
CA TYR D 436 6.64 -43.07 24.08
C TYR D 436 6.51 -44.38 24.85
#